data_4CN6
#
_entry.id   4CN6
#
_cell.length_a   114.180
_cell.length_b   114.180
_cell.length_c   313.640
_cell.angle_alpha   90.00
_cell.angle_beta   90.00
_cell.angle_gamma   90.00
#
_symmetry.space_group_name_H-M   'P 41 21 2'
#
loop_
_entity.id
_entity.type
_entity.pdbx_description
1 polymer 'ALPHA-1,4-GLUCAN\:MALTOSE-1-PHOSPHATE MALTOSYLTRANSFERASE 1'
2 branched alpha-D-glucopyranose-(1-4)-beta-D-glucopyranose
3 water water
#
_entity_poly.entity_id   1
_entity_poly.type   'polypeptide(L)'
_entity_poly.pdbx_seq_one_letter_code
;MGSSHHHHHHSSGLVPRGSHMPATHHSSATSAERPTVVGRIPVLDVRPVVQRGRRPAKAVTGESFEVSATVFREGHDAVG
ANVVLRDPRGRPGPWTPMRELAPGTDRWGATVTAGETGTWSYTVEAWGDPVTTWRHHARIKIPAGLDTDLVLEEGARLYE
RAAADVPGREDRRELLAAVDALRDESRPAASRLAAALTPQVDAVLARHPLRDLVTSSDPLPLLVERERALYGAWYEFFPR
SEGTPHTPHGTFRTAARRLPAIAAMGFDVVYLPPIHPIGTTHRKGRNNTLSATGDDVGVPWAIGSPEGGHDSIHPALGTL
DDFDHFVTEAGKLGLEIALDFALQCSPDHPWVHKHPEWFHHRPDGTIAHAENPPKKYQDIYPIAFDADPDGLATETVRIL
RHWMDHGVRIFRVDNPHTKPVAFWERVIADINGTDPDVIFLAAAFTRPAMMATLAQIGFQQSYTYFTWRNTKQELTEYLT
ELSGEAASYMRPNFFANTPDILHAYLQHGGRPAFEVRAVLAATLSPTWGIYSGYELCENTPLREGSEEYLDSEKYQLKPR
DWTRAAREGTTIAPLVTRLNTIRRENPALRQLRDLHFHPTDKEEVIAYSKRQGSNTVLVVVNLDPRHTQEATVSLDMPQL
GLDWHESVPVRDELTGETYHWGRANYVRLEPGRTPAHVCTVLRPSHPQIGGSHTT
;
_entity_poly.pdbx_strand_id   A,B
#
loop_
_chem_comp.id
_chem_comp.type
_chem_comp.name
_chem_comp.formula
BGC D-saccharide, beta linking beta-D-glucopyranose 'C6 H12 O6'
GLC D-saccharide, alpha linking alpha-D-glucopyranose 'C6 H12 O6'
#
# COMPACT_ATOMS: atom_id res chain seq x y z
N PRO A 35 1.02 -27.41 -4.32
CA PRO A 35 0.88 -26.20 -5.15
C PRO A 35 1.77 -25.05 -4.67
N THR A 36 2.30 -24.26 -5.60
CA THR A 36 3.04 -23.07 -5.24
C THR A 36 2.09 -21.88 -5.30
N VAL A 37 2.36 -20.86 -4.51
CA VAL A 37 1.60 -19.62 -4.59
C VAL A 37 1.85 -18.90 -5.91
N VAL A 38 3.10 -18.91 -6.36
CA VAL A 38 3.49 -18.16 -7.56
C VAL A 38 3.43 -19.11 -8.75
N GLY A 39 3.01 -18.60 -9.88
CA GLY A 39 2.88 -19.42 -11.06
C GLY A 39 4.15 -19.39 -11.91
N ARG A 40 4.04 -19.96 -13.10
CA ARG A 40 5.19 -20.17 -13.97
C ARG A 40 5.74 -18.83 -14.42
N ILE A 41 4.83 -17.95 -14.84
CA ILE A 41 5.18 -16.57 -15.14
C ILE A 41 4.53 -15.69 -14.06
N PRO A 42 5.34 -15.08 -13.16
CA PRO A 42 4.77 -14.34 -12.02
C PRO A 42 3.79 -13.23 -12.42
N VAL A 43 2.59 -13.28 -11.84
CA VAL A 43 1.63 -12.24 -11.98
C VAL A 43 1.13 -11.95 -10.56
N LEU A 44 1.48 -10.78 -10.03
CA LEU A 44 1.37 -10.47 -8.62
C LEU A 44 0.65 -9.15 -8.39
N ASP A 45 0.05 -9.05 -7.21
CA ASP A 45 -0.49 -7.80 -6.71
CA ASP A 45 -0.58 -7.81 -6.68
C ASP A 45 -1.42 -7.07 -7.69
N VAL A 46 -2.40 -7.79 -8.23
CA VAL A 46 -3.37 -7.21 -9.10
C VAL A 46 -4.26 -6.21 -8.40
N ARG A 47 -4.50 -5.09 -9.05
CA ARG A 47 -5.36 -4.04 -8.53
C ARG A 47 -6.32 -3.64 -9.63
N PRO A 48 -7.49 -3.07 -9.26
CA PRO A 48 -7.87 -2.72 -7.90
C PRO A 48 -8.17 -3.92 -7.03
N VAL A 49 -7.99 -3.76 -5.72
CA VAL A 49 -8.39 -4.76 -4.77
C VAL A 49 -8.93 -4.04 -3.54
N VAL A 50 -10.00 -4.59 -2.96
CA VAL A 50 -10.60 -4.03 -1.78
C VAL A 50 -10.64 -5.09 -0.68
N GLN A 51 -10.05 -4.77 0.46
CA GLN A 51 -10.07 -5.66 1.58
C GLN A 51 -9.51 -7.05 1.21
N ARG A 52 -8.36 -7.04 0.51
CA ARG A 52 -7.68 -8.26 0.10
C ARG A 52 -8.56 -9.21 -0.71
N GLY A 53 -9.52 -8.68 -1.47
CA GLY A 53 -10.42 -9.51 -2.27
C GLY A 53 -11.74 -9.90 -1.62
N ARG A 54 -11.95 -9.52 -0.36
CA ARG A 54 -13.18 -9.96 0.34
C ARG A 54 -14.42 -9.07 0.08
N ARG A 55 -14.21 -7.96 -0.61
CA ARG A 55 -15.27 -7.02 -0.98
C ARG A 55 -15.01 -6.59 -2.43
N PRO A 56 -16.07 -6.33 -3.18
CA PRO A 56 -15.82 -5.98 -4.55
C PRO A 56 -15.27 -4.58 -4.80
N ALA A 57 -14.51 -4.46 -5.87
CA ALA A 57 -14.15 -3.15 -6.41
C ALA A 57 -15.37 -2.68 -7.16
N LYS A 58 -15.44 -1.39 -7.48
CA LYS A 58 -16.67 -0.81 -8.04
C LYS A 58 -16.49 -0.18 -9.43
N ALA A 59 -17.58 -0.21 -10.21
CA ALA A 59 -17.68 0.58 -11.42
C ALA A 59 -19.16 0.81 -11.67
N VAL A 60 -19.44 1.63 -12.69
CA VAL A 60 -20.77 1.69 -13.27
C VAL A 60 -20.72 1.41 -14.76
N THR A 61 -21.87 1.05 -15.31
CA THR A 61 -22.04 0.83 -16.72
C THR A 61 -21.38 1.92 -17.57
N GLY A 62 -20.59 1.52 -18.55
CA GLY A 62 -19.85 2.45 -19.43
C GLY A 62 -18.63 3.14 -18.81
N GLU A 63 -18.27 2.84 -17.57
CA GLU A 63 -17.08 3.44 -16.95
C GLU A 63 -15.80 2.66 -17.25
N SER A 64 -14.73 3.39 -17.49
CA SER A 64 -13.41 2.82 -17.77
C SER A 64 -12.48 2.97 -16.59
N PHE A 65 -11.73 1.93 -16.31
CA PHE A 65 -10.72 2.02 -15.26
C PHE A 65 -9.56 1.14 -15.56
N GLU A 66 -8.49 1.33 -14.82
CA GLU A 66 -7.26 0.61 -15.07
C GLU A 66 -7.15 -0.63 -14.20
N VAL A 67 -6.96 -1.80 -14.84
CA VAL A 67 -6.52 -3.01 -14.12
C VAL A 67 -5.00 -3.11 -14.26
N SER A 68 -4.31 -3.33 -13.15
CA SER A 68 -2.85 -3.42 -13.17
C SER A 68 -2.30 -4.61 -12.38
N ALA A 69 -1.02 -4.87 -12.58
CA ALA A 69 -0.37 -6.01 -11.97
C ALA A 69 1.14 -5.92 -12.10
N THR A 70 1.80 -6.71 -11.27
CA THR A 70 3.24 -6.80 -11.33
C THR A 70 3.57 -8.07 -12.07
N VAL A 71 4.23 -7.92 -13.23
CA VAL A 71 4.45 -9.02 -14.17
C VAL A 71 5.91 -9.02 -14.66
N PHE A 72 6.55 -10.19 -14.59
CA PHE A 72 7.95 -10.34 -15.01
C PHE A 72 8.27 -11.81 -15.11
N ARG A 73 9.45 -12.15 -15.64
CA ARG A 73 9.92 -13.54 -15.64
C ARG A 73 11.39 -13.70 -15.27
N GLU A 74 11.81 -14.95 -15.11
CA GLU A 74 13.18 -15.29 -14.82
C GLU A 74 13.93 -15.20 -16.13
N GLY A 75 15.20 -14.86 -16.08
CA GLY A 75 16.00 -14.69 -17.29
C GLY A 75 15.69 -13.35 -17.94
N HIS A 76 15.99 -13.23 -19.23
CA HIS A 76 16.06 -11.91 -19.88
C HIS A 76 15.07 -11.69 -21.00
N ASP A 77 14.28 -12.72 -21.32
CA ASP A 77 13.36 -12.68 -22.43
C ASP A 77 12.12 -11.86 -22.04
N ALA A 78 11.37 -11.45 -23.05
CA ALA A 78 10.26 -10.55 -22.86
C ALA A 78 9.03 -11.30 -22.33
N VAL A 79 8.22 -10.57 -21.55
CA VAL A 79 6.89 -11.00 -21.18
C VAL A 79 5.81 -10.13 -21.83
N GLY A 80 4.59 -10.64 -21.82
CA GLY A 80 3.42 -9.84 -22.17
C GLY A 80 2.34 -10.14 -21.15
N ALA A 81 1.26 -9.37 -21.18
CA ALA A 81 0.12 -9.64 -20.31
C ALA A 81 -1.18 -9.07 -20.88
N ASN A 82 -2.31 -9.56 -20.35
CA ASN A 82 -3.64 -9.16 -20.84
C ASN A 82 -4.72 -9.36 -19.78
N VAL A 83 -5.81 -8.62 -19.92
CA VAL A 83 -6.86 -8.63 -18.90
C VAL A 83 -8.08 -9.32 -19.44
N VAL A 84 -8.57 -10.30 -18.69
CA VAL A 84 -9.76 -11.03 -19.07
C VAL A 84 -10.88 -10.64 -18.11
N LEU A 85 -11.79 -9.81 -18.59
CA LEU A 85 -12.91 -9.33 -17.80
C LEU A 85 -14.15 -10.19 -18.11
N ARG A 86 -14.71 -10.83 -17.08
CA ARG A 86 -15.81 -11.75 -17.29
C ARG A 86 -17.11 -11.18 -16.74
N ASP A 87 -18.20 -11.38 -17.47
CA ASP A 87 -19.47 -10.78 -17.13
C ASP A 87 -20.23 -11.67 -16.15
N PRO A 88 -21.41 -11.24 -15.71
CA PRO A 88 -22.14 -12.07 -14.72
C PRO A 88 -22.45 -13.51 -15.16
N ARG A 89 -22.64 -13.72 -16.46
CA ARG A 89 -22.87 -15.08 -16.98
C ARG A 89 -21.53 -15.80 -17.26
N GLY A 90 -20.41 -15.09 -17.10
CA GLY A 90 -19.09 -15.70 -17.25
C GLY A 90 -18.42 -15.52 -18.60
N ARG A 91 -19.07 -14.77 -19.49
CA ARG A 91 -18.52 -14.54 -20.83
C ARG A 91 -17.32 -13.57 -20.79
N PRO A 92 -16.16 -13.98 -21.33
CA PRO A 92 -15.01 -13.09 -21.39
C PRO A 92 -15.19 -11.91 -22.32
N GLY A 93 -14.55 -10.80 -22.01
CA GLY A 93 -14.62 -9.60 -22.82
C GLY A 93 -13.63 -9.70 -23.93
N PRO A 94 -13.34 -8.57 -24.58
CA PRO A 94 -12.45 -8.63 -25.74
C PRO A 94 -10.98 -8.67 -25.34
N TRP A 95 -10.16 -9.05 -26.32
CA TRP A 95 -8.71 -9.05 -26.19
C TRP A 95 -8.22 -7.71 -25.65
N THR A 96 -7.56 -7.73 -24.51
CA THR A 96 -7.20 -6.49 -23.83
C THR A 96 -5.73 -6.53 -23.37
N PRO A 97 -4.81 -6.25 -24.30
CA PRO A 97 -3.39 -6.35 -23.98
C PRO A 97 -2.92 -5.25 -23.06
N MET A 98 -1.95 -5.58 -22.19
CA MET A 98 -1.42 -4.63 -21.22
C MET A 98 -0.08 -4.12 -21.71
N ARG A 99 0.40 -3.07 -21.07
CA ARG A 99 1.70 -2.48 -21.38
CA ARG A 99 1.70 -2.48 -21.38
C ARG A 99 2.37 -2.09 -20.06
N GLU A 100 3.69 -2.04 -20.03
CA GLU A 100 4.44 -1.63 -18.85
C GLU A 100 4.24 -0.15 -18.64
N LEU A 101 3.88 0.24 -17.42
CA LEU A 101 3.48 1.62 -17.14
C LEU A 101 4.61 2.62 -17.01
N ALA A 102 5.74 2.17 -16.50
CA ALA A 102 6.97 2.97 -16.50
C ALA A 102 8.18 2.02 -16.60
N PRO A 103 9.27 2.44 -17.24
CA PRO A 103 10.46 1.57 -17.38
C PRO A 103 11.10 1.10 -16.07
N GLY A 104 11.55 -0.16 -16.04
CA GLY A 104 12.17 -0.74 -14.84
C GLY A 104 11.26 -1.16 -13.68
N THR A 105 9.95 -0.96 -13.80
CA THR A 105 9.03 -1.19 -12.69
C THR A 105 8.30 -2.53 -12.73
N ASP A 106 8.24 -3.19 -13.89
CA ASP A 106 7.50 -4.41 -14.01
C ASP A 106 6.05 -4.28 -13.55
N ARG A 107 5.51 -3.08 -13.61
CA ARG A 107 4.09 -2.84 -13.31
C ARG A 107 3.42 -2.62 -14.64
N TRP A 108 2.43 -3.45 -14.93
CA TRP A 108 1.74 -3.46 -16.20
C TRP A 108 0.27 -3.03 -16.00
N GLY A 109 -0.29 -2.38 -17.01
CA GLY A 109 -1.68 -1.96 -16.96
C GLY A 109 -2.42 -1.95 -18.29
N ALA A 110 -3.75 -1.93 -18.18
CA ALA A 110 -4.64 -1.72 -19.31
C ALA A 110 -5.98 -1.20 -18.83
N THR A 111 -6.66 -0.47 -19.70
CA THR A 111 -7.97 0.04 -19.44
C THR A 111 -9.07 -0.96 -19.84
N VAL A 112 -10.04 -1.17 -18.95
CA VAL A 112 -11.20 -2.00 -19.25
C VAL A 112 -12.45 -1.16 -19.04
N THR A 113 -13.57 -1.63 -19.58
CA THR A 113 -14.81 -0.89 -19.54
C THR A 113 -15.94 -1.82 -19.17
N ALA A 114 -16.73 -1.41 -18.19
CA ALA A 114 -17.78 -2.24 -17.65
C ALA A 114 -19.03 -2.04 -18.49
N GLY A 115 -19.81 -3.11 -18.66
CA GLY A 115 -21.05 -3.09 -19.44
C GLY A 115 -22.27 -3.20 -18.53
N GLU A 116 -23.12 -4.19 -18.77
CA GLU A 116 -24.34 -4.37 -17.95
C GLU A 116 -24.06 -4.48 -16.45
N THR A 117 -25.07 -4.19 -15.65
CA THR A 117 -24.98 -4.26 -14.20
C THR A 117 -24.91 -5.69 -13.70
N GLY A 118 -24.24 -5.86 -12.56
CA GLY A 118 -24.10 -7.16 -11.90
C GLY A 118 -22.70 -7.38 -11.34
N THR A 119 -22.43 -8.61 -10.93
CA THR A 119 -21.14 -9.01 -10.42
C THR A 119 -20.30 -9.64 -11.53
N TRP A 120 -19.20 -8.96 -11.84
CA TRP A 120 -18.22 -9.37 -12.83
C TRP A 120 -16.97 -9.91 -12.12
N SER A 121 -15.99 -10.39 -12.89
CA SER A 121 -14.69 -10.73 -12.35
C SER A 121 -13.61 -10.36 -13.35
N TYR A 122 -12.41 -10.18 -12.85
CA TYR A 122 -11.29 -9.91 -13.72
C TYR A 122 -10.05 -10.67 -13.27
N THR A 123 -9.30 -11.08 -14.29
CA THR A 123 -8.12 -11.93 -14.21
C THR A 123 -7.05 -11.25 -15.06
N VAL A 124 -5.80 -11.29 -14.61
CA VAL A 124 -4.66 -10.91 -15.44
C VAL A 124 -3.93 -12.18 -15.88
N GLU A 125 -3.63 -12.25 -17.16
CA GLU A 125 -2.92 -13.39 -17.76
C GLU A 125 -1.56 -12.86 -18.16
N ALA A 126 -0.52 -13.56 -17.73
CA ALA A 126 0.85 -13.21 -18.05
C ALA A 126 1.48 -14.33 -18.85
N TRP A 127 2.46 -13.99 -19.68
CA TRP A 127 3.05 -14.97 -20.56
C TRP A 127 4.40 -14.52 -21.12
N GLY A 128 5.24 -15.51 -21.43
CA GLY A 128 6.44 -15.24 -22.21
C GLY A 128 6.02 -14.79 -23.59
N ASP A 129 6.72 -13.80 -24.11
CA ASP A 129 6.47 -13.26 -25.44
C ASP A 129 7.69 -13.59 -26.32
N PRO A 130 7.78 -14.85 -26.76
CA PRO A 130 8.96 -15.31 -27.55
C PRO A 130 9.18 -14.53 -28.85
N VAL A 131 8.10 -14.10 -29.51
CA VAL A 131 8.23 -13.36 -30.77
C VAL A 131 8.90 -12.01 -30.54
N THR A 132 8.48 -11.24 -29.54
CA THR A 132 9.17 -9.96 -29.26
C THR A 132 10.65 -10.19 -29.00
N THR A 133 10.98 -11.18 -28.17
CA THR A 133 12.36 -11.57 -27.86
C THR A 133 13.18 -11.93 -29.10
N TRP A 134 12.60 -12.78 -29.95
CA TRP A 134 13.25 -13.23 -31.19
C TRP A 134 13.45 -12.08 -32.18
N ARG A 135 12.43 -11.22 -32.34
CA ARG A 135 12.56 -10.08 -33.24
C ARG A 135 13.71 -9.21 -32.83
N HIS A 136 13.74 -8.80 -31.56
CA HIS A 136 14.77 -7.91 -31.05
C HIS A 136 16.17 -8.48 -31.29
N HIS A 137 16.34 -9.78 -31.07
CA HIS A 137 17.64 -10.41 -31.33
C HIS A 137 17.93 -10.47 -32.84
N ALA A 138 16.95 -10.91 -33.62
CA ALA A 138 17.09 -11.04 -35.07
C ALA A 138 17.46 -9.71 -35.76
N ARG A 139 16.91 -8.61 -35.28
CA ARG A 139 17.24 -7.29 -35.82
C ARG A 139 18.71 -6.87 -35.61
N ILE A 140 19.41 -7.44 -34.63
CA ILE A 140 20.85 -7.20 -34.46
C ILE A 140 21.66 -8.25 -35.24
N LYS A 141 21.29 -9.52 -35.11
CA LYS A 141 22.09 -10.64 -35.66
C LYS A 141 22.08 -10.79 -37.21
N ILE A 142 20.97 -10.48 -37.88
CA ILE A 142 20.91 -10.61 -39.36
C ILE A 142 21.76 -9.53 -40.09
N PRO A 143 21.69 -8.24 -39.66
CA PRO A 143 22.64 -7.25 -40.20
C PRO A 143 24.12 -7.56 -39.92
N ALA A 144 24.47 -7.89 -38.67
CA ALA A 144 25.85 -8.21 -38.31
C ALA A 144 26.27 -9.65 -38.71
N GLY A 145 25.41 -10.35 -39.47
CA GLY A 145 25.74 -11.62 -40.14
C GLY A 145 26.03 -12.85 -39.29
N LEU A 146 25.53 -12.90 -38.06
CA LEU A 146 25.86 -13.99 -37.13
C LEU A 146 24.79 -15.10 -37.13
N ASP A 147 25.16 -16.31 -37.58
CA ASP A 147 24.29 -17.51 -37.49
C ASP A 147 22.96 -17.37 -38.22
N THR A 148 22.97 -16.71 -39.37
CA THR A 148 21.70 -16.21 -39.94
C THR A 148 20.66 -17.30 -40.23
N ASP A 149 21.09 -18.45 -40.74
CA ASP A 149 20.17 -19.55 -41.09
C ASP A 149 19.51 -20.15 -39.85
N LEU A 150 20.30 -20.23 -38.79
CA LEU A 150 19.83 -20.79 -37.53
C LEU A 150 18.80 -19.83 -36.89
N VAL A 151 19.10 -18.53 -36.91
CA VAL A 151 18.20 -17.49 -36.40
C VAL A 151 16.84 -17.52 -37.13
N LEU A 152 16.90 -17.51 -38.46
CA LEU A 152 15.69 -17.42 -39.27
C LEU A 152 14.85 -18.67 -39.14
N GLU A 153 15.50 -19.82 -39.05
CA GLU A 153 14.78 -21.08 -38.86
C GLU A 153 14.07 -21.11 -37.48
N GLU A 154 14.73 -20.55 -36.44
CA GLU A 154 14.13 -20.38 -35.12
C GLU A 154 12.89 -19.48 -35.18
N GLY A 155 12.95 -18.41 -35.96
CA GLY A 155 11.78 -17.59 -36.25
C GLY A 155 10.66 -18.38 -36.89
N ALA A 156 11.01 -19.14 -37.93
CA ALA A 156 10.03 -19.90 -38.68
C ALA A 156 9.18 -20.81 -37.78
N ARG A 157 9.85 -21.51 -36.88
CA ARG A 157 9.19 -22.43 -35.94
C ARG A 157 8.27 -21.72 -34.95
N LEU A 158 8.62 -20.48 -34.54
CA LEU A 158 7.75 -19.66 -33.70
C LEU A 158 6.45 -19.31 -34.43
N TYR A 159 6.61 -18.81 -35.67
CA TYR A 159 5.49 -18.40 -36.52
C TYR A 159 4.60 -19.58 -36.90
N GLU A 160 5.20 -20.77 -36.92
CA GLU A 160 4.48 -22.02 -37.19
C GLU A 160 3.57 -22.36 -36.00
N ARG A 161 4.10 -22.19 -34.79
CA ARG A 161 3.30 -22.38 -33.58
C ARG A 161 2.23 -21.27 -33.48
N ALA A 162 2.56 -20.06 -33.93
CA ALA A 162 1.58 -18.97 -33.96
C ALA A 162 0.37 -19.35 -34.79
N ALA A 163 0.63 -19.80 -36.03
CA ALA A 163 -0.40 -20.14 -37.01
C ALA A 163 -1.40 -21.21 -36.57
N ALA A 164 -0.89 -22.24 -35.90
CA ALA A 164 -1.72 -23.37 -35.38
C ALA A 164 -2.87 -22.92 -34.46
N ASP A 165 -2.60 -21.92 -33.62
CA ASP A 165 -3.57 -21.36 -32.65
C ASP A 165 -4.38 -20.16 -33.17
N VAL A 166 -4.21 -19.77 -34.45
CA VAL A 166 -5.10 -18.77 -35.09
C VAL A 166 -6.39 -19.43 -35.63
N PRO A 167 -7.58 -18.90 -35.25
CA PRO A 167 -8.83 -19.53 -35.70
C PRO A 167 -9.23 -19.23 -37.16
N GLY A 168 -8.79 -18.09 -37.71
CA GLY A 168 -9.20 -17.65 -39.05
C GLY A 168 -8.32 -18.15 -40.20
N ARG A 169 -8.95 -18.48 -41.33
CA ARG A 169 -8.26 -19.10 -42.49
C ARG A 169 -7.30 -18.12 -43.19
N GLU A 170 -7.77 -16.89 -43.48
CA GLU A 170 -6.94 -15.83 -44.11
C GLU A 170 -5.75 -15.44 -43.24
N ASP A 171 -6.00 -15.34 -41.93
CA ASP A 171 -4.95 -15.07 -40.93
C ASP A 171 -3.88 -16.19 -40.93
N ARG A 172 -4.32 -17.45 -40.89
CA ARG A 172 -3.42 -18.61 -40.89
C ARG A 172 -2.55 -18.66 -42.15
N ARG A 173 -3.15 -18.41 -43.32
CA ARG A 173 -2.42 -18.41 -44.61
C ARG A 173 -1.35 -17.29 -44.66
N GLU A 174 -1.65 -16.12 -44.07
CA GLU A 174 -0.69 -15.01 -43.97
C GLU A 174 0.60 -15.37 -43.20
N LEU A 175 0.42 -16.02 -42.03
CA LEU A 175 1.53 -16.47 -41.19
C LEU A 175 2.35 -17.60 -41.87
N LEU A 176 1.67 -18.60 -42.44
CA LEU A 176 2.33 -19.69 -43.14
C LEU A 176 3.08 -19.20 -44.40
N ALA A 177 2.68 -18.04 -44.93
CA ALA A 177 3.43 -17.36 -46.01
C ALA A 177 4.75 -16.76 -45.49
N ALA A 178 4.68 -16.09 -44.35
CA ALA A 178 5.88 -15.58 -43.69
C ALA A 178 6.85 -16.71 -43.26
N VAL A 179 6.32 -17.89 -42.89
CA VAL A 179 7.15 -19.08 -42.58
C VAL A 179 7.96 -19.53 -43.81
N ASP A 180 7.28 -19.62 -44.97
CA ASP A 180 7.93 -20.08 -46.22
C ASP A 180 8.95 -19.06 -46.75
N ALA A 181 8.69 -17.75 -46.57
CA ALA A 181 9.68 -16.67 -46.87
C ALA A 181 10.91 -16.74 -45.92
N LEU A 182 10.65 -17.00 -44.64
CA LEU A 182 11.72 -17.21 -43.65
C LEU A 182 12.61 -18.43 -43.98
N ARG A 183 12.02 -19.49 -44.57
CA ARG A 183 12.77 -20.72 -44.92
C ARG A 183 13.32 -20.80 -46.37
N ASP A 184 13.03 -19.81 -47.23
CA ASP A 184 13.55 -19.80 -48.61
C ASP A 184 15.04 -19.40 -48.62
N GLU A 185 15.93 -20.40 -48.52
CA GLU A 185 17.40 -20.19 -48.45
C GLU A 185 18.03 -19.58 -49.71
N SER A 186 17.27 -19.40 -50.79
CA SER A 186 17.74 -18.71 -52.02
C SER A 186 17.54 -17.18 -52.01
N ARG A 187 16.84 -16.67 -51.01
CA ARG A 187 16.67 -15.23 -50.83
C ARG A 187 17.76 -14.68 -49.90
N PRO A 188 18.20 -13.41 -50.11
CA PRO A 188 19.10 -12.77 -49.14
C PRO A 188 18.52 -12.79 -47.72
N ALA A 189 19.39 -12.84 -46.71
CA ALA A 189 18.92 -12.97 -45.33
C ALA A 189 18.02 -11.79 -44.88
N ALA A 190 18.37 -10.56 -45.28
CA ALA A 190 17.62 -9.35 -44.88
C ALA A 190 16.17 -9.35 -45.35
N SER A 191 15.91 -9.96 -46.51
CA SER A 191 14.55 -10.05 -47.09
C SER A 191 13.73 -11.25 -46.57
N ARG A 192 14.41 -12.34 -46.20
CA ARG A 192 13.75 -13.46 -45.52
C ARG A 192 13.17 -12.95 -44.21
N LEU A 193 13.98 -12.15 -43.48
CA LEU A 193 13.56 -11.45 -42.25
C LEU A 193 12.42 -10.42 -42.45
N ALA A 194 12.61 -9.43 -43.33
CA ALA A 194 11.60 -8.39 -43.57
C ALA A 194 10.18 -8.91 -43.92
N ALA A 195 10.10 -10.14 -44.47
CA ALA A 195 8.81 -10.83 -44.82
C ALA A 195 8.06 -11.35 -43.59
N ALA A 196 8.72 -11.29 -42.43
CA ALA A 196 8.14 -11.61 -41.12
C ALA A 196 7.88 -10.36 -40.23
N LEU A 197 8.26 -9.16 -40.69
CA LEU A 197 8.10 -7.90 -39.94
C LEU A 197 7.14 -6.91 -40.63
N THR A 198 6.34 -7.41 -41.57
CA THR A 198 5.39 -6.57 -42.31
C THR A 198 4.27 -6.14 -41.39
N PRO A 199 3.69 -4.93 -41.61
CA PRO A 199 2.47 -4.55 -40.89
C PRO A 199 1.29 -5.56 -41.01
N GLN A 200 1.25 -6.37 -42.07
CA GLN A 200 0.17 -7.36 -42.25
C GLN A 200 0.30 -8.49 -41.21
N VAL A 201 1.53 -8.95 -40.99
CA VAL A 201 1.87 -9.95 -39.95
C VAL A 201 1.75 -9.33 -38.54
N ASP A 202 2.26 -8.11 -38.35
CA ASP A 202 2.10 -7.38 -37.08
C ASP A 202 0.68 -7.47 -36.57
N ALA A 203 -0.28 -7.06 -37.40
CA ALA A 203 -1.69 -6.98 -37.02
C ALA A 203 -2.31 -8.34 -36.67
N VAL A 204 -1.85 -9.41 -37.32
CA VAL A 204 -2.32 -10.77 -36.97
C VAL A 204 -1.83 -11.15 -35.55
N LEU A 205 -0.56 -10.87 -35.28
CA LEU A 205 0.08 -11.21 -34.00
C LEU A 205 -0.34 -10.31 -32.85
N ALA A 206 -0.64 -9.04 -33.13
CA ALA A 206 -1.22 -8.15 -32.12
C ALA A 206 -2.63 -8.60 -31.75
N ARG A 207 -3.31 -9.30 -32.67
CA ARG A 207 -4.64 -9.84 -32.41
C ARG A 207 -4.57 -11.24 -31.81
N HIS A 208 -3.68 -12.09 -32.31
CA HIS A 208 -3.52 -13.46 -31.78
C HIS A 208 -2.03 -13.80 -31.54
N PRO A 209 -1.42 -13.23 -30.49
CA PRO A 209 0.02 -13.39 -30.30
C PRO A 209 0.39 -14.76 -29.78
N LEU A 210 1.64 -15.14 -29.96
CA LEU A 210 2.08 -16.42 -29.44
C LEU A 210 2.48 -16.17 -28.00
N ARG A 211 1.80 -16.88 -27.12
CA ARG A 211 1.96 -16.72 -25.72
C ARG A 211 2.50 -18.03 -25.17
N ASP A 212 3.68 -17.97 -24.58
CA ASP A 212 4.23 -19.10 -23.87
C ASP A 212 3.84 -19.06 -22.39
N LEU A 213 3.51 -20.24 -21.85
CA LEU A 213 3.51 -20.45 -20.42
C LEU A 213 2.49 -19.55 -19.73
N VAL A 214 1.32 -19.44 -20.35
CA VAL A 214 0.23 -18.57 -19.87
C VAL A 214 -0.08 -18.88 -18.43
N THR A 215 -0.10 -17.82 -17.61
CA THR A 215 -0.25 -17.95 -16.19
C THR A 215 -1.26 -16.92 -15.77
N SER A 216 -2.14 -17.34 -14.89
CA SER A 216 -3.31 -16.58 -14.57
C SER A 216 -3.33 -16.17 -13.11
N SER A 217 -3.79 -14.98 -12.81
CA SER A 217 -4.06 -14.61 -11.40
C SER A 217 -5.38 -15.25 -10.95
N ASP A 218 -5.60 -15.35 -9.64
CA ASP A 218 -6.90 -15.71 -9.10
C ASP A 218 -7.88 -14.56 -9.38
N PRO A 219 -9.14 -14.89 -9.72
CA PRO A 219 -10.12 -13.85 -10.09
C PRO A 219 -10.43 -12.86 -8.98
N LEU A 220 -10.63 -11.60 -9.34
CA LEU A 220 -11.07 -10.59 -8.37
C LEU A 220 -12.47 -10.05 -8.75
N PRO A 221 -13.31 -9.76 -7.73
CA PRO A 221 -14.69 -9.34 -7.96
C PRO A 221 -14.84 -7.87 -8.30
N LEU A 222 -15.78 -7.60 -9.23
CA LEU A 222 -16.18 -6.26 -9.63
C LEU A 222 -17.69 -6.12 -9.53
N LEU A 223 -18.18 -5.13 -8.78
CA LEU A 223 -19.62 -4.81 -8.75
C LEU A 223 -19.90 -3.65 -9.71
N VAL A 224 -20.71 -3.89 -10.73
CA VAL A 224 -21.07 -2.86 -11.67
C VAL A 224 -22.49 -2.43 -11.37
N GLU A 225 -22.65 -1.13 -11.17
CA GLU A 225 -23.92 -0.53 -10.82
C GLU A 225 -24.36 0.50 -11.89
N ARG A 226 -25.59 1.01 -11.76
CA ARG A 226 -26.14 1.92 -12.78
C ARG A 226 -25.44 3.26 -12.81
N GLU A 227 -25.54 3.89 -13.98
CA GLU A 227 -24.92 5.17 -14.23
C GLU A 227 -25.11 6.14 -13.07
N ARG A 228 -26.31 6.22 -12.51
CA ARG A 228 -26.64 7.25 -11.52
C ARG A 228 -25.81 7.15 -10.23
N ALA A 229 -25.27 5.97 -9.95
CA ALA A 229 -24.40 5.80 -8.79
C ALA A 229 -23.16 6.64 -8.85
N LEU A 230 -22.63 6.83 -10.05
CA LEU A 230 -21.43 7.66 -10.23
C LEU A 230 -21.76 9.06 -10.69
N TYR A 231 -22.77 9.18 -11.56
CA TYR A 231 -23.03 10.44 -12.30
C TYR A 231 -24.41 11.00 -12.02
N GLY A 232 -24.46 12.23 -11.52
CA GLY A 232 -25.75 12.90 -11.27
C GLY A 232 -25.61 14.25 -10.61
N ALA A 233 -26.59 15.12 -10.85
CA ALA A 233 -26.65 16.42 -10.19
C ALA A 233 -27.81 16.41 -9.21
N TRP A 234 -27.54 16.88 -8.00
CA TRP A 234 -28.45 16.73 -6.87
C TRP A 234 -28.89 18.08 -6.33
N TYR A 235 -30.19 18.22 -6.02
CA TYR A 235 -30.73 19.42 -5.40
C TYR A 235 -31.51 19.12 -4.13
N GLU A 236 -31.12 19.76 -3.03
CA GLU A 236 -31.77 19.55 -1.78
C GLU A 236 -32.70 20.72 -1.45
N PHE A 237 -33.96 20.43 -1.12
CA PHE A 237 -34.88 21.44 -0.56
C PHE A 237 -35.90 20.89 0.43
N PHE A 238 -36.42 21.76 1.31
CA PHE A 238 -37.42 21.40 2.36
C PHE A 238 -38.83 21.68 1.81
N PRO A 239 -39.65 20.64 1.62
CA PRO A 239 -40.96 20.93 1.01
C PRO A 239 -41.85 21.87 1.83
N ARG A 240 -41.76 21.79 3.16
CA ARG A 240 -42.53 22.65 4.05
C ARG A 240 -42.35 24.15 3.84
N SER A 241 -41.19 24.55 3.31
CA SER A 241 -40.88 25.96 3.13
C SER A 241 -41.63 26.52 1.92
N GLU A 242 -42.13 25.66 1.04
CA GLU A 242 -42.75 26.13 -0.20
C GLU A 242 -44.26 26.11 -0.04
N GLY A 243 -44.77 27.01 0.79
CA GLY A 243 -46.20 27.10 1.11
C GLY A 243 -46.88 28.33 0.53
N THR A 244 -47.97 28.77 1.15
CA THR A 244 -48.78 29.90 0.63
C THR A 244 -49.02 30.92 1.73
N PRO A 245 -49.56 32.10 1.38
CA PRO A 245 -49.97 33.07 2.39
C PRO A 245 -51.01 32.54 3.37
N HIS A 246 -52.02 31.82 2.86
CA HIS A 246 -53.05 31.25 3.74
CA HIS A 246 -53.05 31.23 3.71
C HIS A 246 -52.56 30.00 4.49
N THR A 247 -51.60 29.25 3.92
CA THR A 247 -51.05 28.00 4.56
C THR A 247 -49.51 27.93 4.42
N PRO A 248 -48.78 28.66 5.30
CA PRO A 248 -47.31 28.83 5.21
C PRO A 248 -46.53 27.53 5.17
N HIS A 249 -47.01 26.52 5.90
CA HIS A 249 -46.42 25.20 5.86
C HIS A 249 -46.82 24.49 4.57
N GLY A 250 -45.85 24.34 3.66
CA GLY A 250 -46.04 23.67 2.40
C GLY A 250 -46.46 22.23 2.51
N THR A 251 -47.04 21.73 1.43
CA THR A 251 -47.48 20.33 1.33
C THR A 251 -46.80 19.70 0.14
N PHE A 252 -46.91 18.40 0.01
CA PHE A 252 -46.39 17.79 -1.22
C PHE A 252 -46.99 18.42 -2.51
N ARG A 253 -48.25 18.85 -2.45
CA ARG A 253 -48.89 19.43 -3.60
C ARG A 253 -48.42 20.85 -3.92
N THR A 254 -48.15 21.69 -2.92
CA THR A 254 -47.60 23.02 -3.19
C THR A 254 -46.11 22.92 -3.59
N ALA A 255 -45.37 22.08 -2.89
CA ALA A 255 -43.94 21.91 -3.17
C ALA A 255 -43.66 21.35 -4.55
N ALA A 256 -44.58 20.58 -5.14
CA ALA A 256 -44.40 20.06 -6.49
C ALA A 256 -44.19 21.19 -7.51
N ARG A 257 -44.71 22.38 -7.19
CA ARG A 257 -44.62 23.53 -8.09
C ARG A 257 -43.17 23.94 -8.26
N ARG A 258 -42.35 23.50 -7.32
CA ARG A 258 -40.97 23.89 -7.34
C ARG A 258 -40.16 22.97 -8.28
N LEU A 259 -40.73 21.82 -8.66
CA LEU A 259 -40.00 20.84 -9.49
C LEU A 259 -39.63 21.34 -10.91
N PRO A 260 -40.56 21.97 -11.64
CA PRO A 260 -40.19 22.37 -13.02
C PRO A 260 -38.93 23.22 -13.07
N ALA A 261 -38.75 24.14 -12.12
CA ALA A 261 -37.55 24.96 -12.06
C ALA A 261 -36.29 24.18 -11.70
N ILE A 262 -36.42 23.18 -10.83
CA ILE A 262 -35.29 22.34 -10.47
C ILE A 262 -34.81 21.57 -11.70
N ALA A 263 -35.75 20.97 -12.43
CA ALA A 263 -35.45 20.29 -13.71
C ALA A 263 -34.87 21.24 -14.74
N ALA A 264 -35.38 22.47 -14.77
CA ALA A 264 -34.87 23.47 -15.74
C ALA A 264 -33.42 23.87 -15.42
N MET A 265 -33.01 23.71 -14.17
CA MET A 265 -31.63 23.96 -13.80
C MET A 265 -30.71 22.74 -14.11
N GLY A 266 -31.28 21.67 -14.67
CA GLY A 266 -30.49 20.53 -15.11
C GLY A 266 -30.17 19.52 -14.01
N PHE A 267 -30.95 19.49 -12.94
CA PHE A 267 -30.75 18.49 -11.89
C PHE A 267 -31.40 17.16 -12.23
N ASP A 268 -30.89 16.09 -11.65
CA ASP A 268 -31.39 14.76 -11.90
C ASP A 268 -32.03 14.12 -10.68
N VAL A 269 -31.61 14.59 -9.50
CA VAL A 269 -32.07 14.03 -8.22
C VAL A 269 -32.52 15.13 -7.26
N VAL A 270 -33.63 14.90 -6.58
CA VAL A 270 -34.13 15.79 -5.52
C VAL A 270 -33.98 15.10 -4.19
N TYR A 271 -33.20 15.71 -3.29
CA TYR A 271 -32.98 15.17 -1.95
C TYR A 271 -33.89 15.93 -0.98
N LEU A 272 -34.71 15.17 -0.25
CA LEU A 272 -35.67 15.73 0.71
C LEU A 272 -35.23 15.37 2.11
N PRO A 273 -35.14 16.35 2.99
CA PRO A 273 -34.92 16.00 4.38
C PRO A 273 -36.10 15.17 4.90
N PRO A 274 -35.97 14.59 6.08
CA PRO A 274 -37.02 13.67 6.54
C PRO A 274 -38.46 14.24 6.45
N ILE A 275 -39.37 13.41 5.92
CA ILE A 275 -40.74 13.79 5.61
C ILE A 275 -41.75 13.19 6.59
N HIS A 276 -41.27 12.75 7.76
CA HIS A 276 -42.10 12.07 8.73
C HIS A 276 -42.61 13.04 9.79
N PRO A 277 -43.48 12.55 10.69
CA PRO A 277 -43.93 13.43 11.74
C PRO A 277 -42.74 13.81 12.62
N ILE A 278 -42.89 14.92 13.32
CA ILE A 278 -41.81 15.50 14.10
C ILE A 278 -42.26 15.61 15.55
N GLY A 279 -41.43 15.14 16.47
CA GLY A 279 -41.77 15.08 17.88
C GLY A 279 -41.99 16.45 18.48
N THR A 280 -42.64 16.45 19.64
CA THR A 280 -42.96 17.63 20.45
C THR A 280 -42.08 17.75 21.71
N THR A 281 -41.78 16.64 22.38
CA THR A 281 -40.96 16.68 23.58
C THR A 281 -39.54 17.03 23.21
N HIS A 282 -39.02 18.09 23.85
CA HIS A 282 -37.70 18.67 23.58
C HIS A 282 -37.51 19.20 22.15
N ARG A 283 -38.61 19.56 21.49
CA ARG A 283 -38.54 20.17 20.17
C ARG A 283 -37.65 21.39 20.25
N LYS A 284 -36.77 21.57 19.27
CA LYS A 284 -35.92 22.77 19.23
C LYS A 284 -36.68 23.93 18.61
N GLY A 285 -36.34 25.13 19.07
CA GLY A 285 -36.83 26.39 18.49
C GLY A 285 -35.91 26.93 17.43
N ARG A 286 -36.22 28.14 16.97
CA ARG A 286 -35.46 28.83 15.92
CA ARG A 286 -35.47 28.84 15.91
C ARG A 286 -33.99 29.03 16.28
N ASN A 287 -33.11 29.03 15.26
CA ASN A 287 -31.65 29.18 15.49
C ASN A 287 -31.11 28.19 16.54
N ASN A 288 -31.62 26.97 16.54
CA ASN A 288 -31.10 25.91 17.40
C ASN A 288 -31.21 26.27 18.89
N THR A 289 -32.33 26.88 19.29
CA THR A 289 -32.61 27.13 20.70
C THR A 289 -33.28 25.89 21.31
N LEU A 290 -33.17 25.73 22.62
CA LEU A 290 -33.64 24.49 23.29
C LEU A 290 -35.16 24.35 23.39
N SER A 291 -35.86 25.47 23.53
CA SER A 291 -37.31 25.46 23.76
C SER A 291 -38.11 26.04 22.59
N ALA A 292 -38.95 25.21 21.99
CA ALA A 292 -39.87 25.68 20.94
C ALA A 292 -41.01 26.49 21.53
N THR A 293 -41.47 27.51 20.81
CA THR A 293 -42.71 28.21 21.12
C THR A 293 -43.88 27.44 20.52
N GLY A 294 -45.08 27.98 20.64
CA GLY A 294 -46.28 27.36 20.13
C GLY A 294 -46.33 27.10 18.64
N ASP A 295 -45.85 28.03 17.81
CA ASP A 295 -45.88 27.83 16.34
C ASP A 295 -44.68 27.08 15.76
N ASP A 296 -43.53 27.10 16.44
CA ASP A 296 -42.27 26.56 15.89
C ASP A 296 -42.44 25.15 15.30
N VAL A 297 -41.86 24.92 14.12
CA VAL A 297 -42.13 23.69 13.37
C VAL A 297 -41.28 22.47 13.77
N GLY A 298 -40.16 22.74 14.44
CA GLY A 298 -39.20 21.74 14.78
C GLY A 298 -38.24 21.33 13.67
N VAL A 299 -37.38 20.37 13.99
CA VAL A 299 -36.34 19.84 13.09
C VAL A 299 -36.82 18.51 12.49
N PRO A 300 -36.83 18.39 11.17
CA PRO A 300 -37.30 17.16 10.55
C PRO A 300 -36.58 15.88 10.97
N TRP A 301 -35.32 16.01 11.42
CA TRP A 301 -34.54 14.86 11.87
C TRP A 301 -35.00 14.31 13.24
N ALA A 302 -35.87 15.05 13.92
CA ALA A 302 -36.39 14.56 15.21
C ALA A 302 -37.65 13.81 14.89
N ILE A 303 -37.45 12.58 14.43
CA ILE A 303 -38.53 11.83 13.79
C ILE A 303 -39.45 11.11 14.78
N GLY A 304 -40.75 11.30 14.60
CA GLY A 304 -41.74 10.41 15.19
C GLY A 304 -42.63 11.02 16.28
N SER A 305 -43.91 10.69 16.21
CA SER A 305 -44.91 11.14 17.18
C SER A 305 -46.04 10.10 17.28
N PRO A 306 -47.09 10.39 18.09
CA PRO A 306 -48.30 9.56 18.01
C PRO A 306 -48.94 9.44 16.64
N GLU A 307 -48.71 10.45 15.78
CA GLU A 307 -49.19 10.42 14.38
C GLU A 307 -48.43 9.44 13.47
N GLY A 308 -47.24 9.01 13.89
CA GLY A 308 -46.49 7.98 13.15
C GLY A 308 -44.96 8.07 13.26
N GLY A 309 -44.30 7.07 12.67
CA GLY A 309 -42.83 6.97 12.64
C GLY A 309 -42.24 7.02 11.24
N HIS A 310 -41.23 6.18 11.00
CA HIS A 310 -40.41 6.28 9.80
C HIS A 310 -41.12 5.87 8.53
N ASP A 311 -42.25 5.18 8.69
CA ASP A 311 -43.08 4.80 7.56
C ASP A 311 -44.32 5.71 7.37
N SER A 312 -44.40 6.86 8.05
CA SER A 312 -45.54 7.78 7.91
C SER A 312 -45.13 9.11 7.27
N ILE A 313 -46.14 9.86 6.86
CA ILE A 313 -45.98 11.20 6.33
C ILE A 313 -46.44 12.21 7.38
N HIS A 314 -45.63 13.24 7.62
CA HIS A 314 -46.01 14.36 8.45
C HIS A 314 -47.38 14.92 8.00
N PRO A 315 -48.38 14.96 8.90
CA PRO A 315 -49.71 15.42 8.52
C PRO A 315 -49.77 16.76 7.77
N ALA A 316 -48.90 17.71 8.08
CA ALA A 316 -48.95 18.99 7.36
C ALA A 316 -48.36 18.90 5.93
N LEU A 317 -47.67 17.82 5.61
CA LEU A 317 -47.20 17.62 4.23
C LEU A 317 -48.28 16.97 3.34
N GLY A 318 -49.23 16.27 3.99
CA GLY A 318 -50.36 15.63 3.30
C GLY A 318 -50.39 14.14 3.58
N THR A 319 -50.81 13.35 2.59
CA THR A 319 -50.93 11.90 2.73
C THR A 319 -49.96 11.18 1.82
N LEU A 320 -49.92 9.87 1.97
CA LEU A 320 -49.14 8.99 1.10
C LEU A 320 -49.49 9.16 -0.38
N ASP A 321 -50.74 9.46 -0.69
CA ASP A 321 -51.17 9.74 -2.09
C ASP A 321 -50.58 11.03 -2.65
N ASP A 322 -50.51 12.04 -1.79
CA ASP A 322 -49.92 13.32 -2.18
C ASP A 322 -48.43 13.07 -2.47
N PHE A 323 -47.82 12.19 -1.69
CA PHE A 323 -46.43 11.81 -1.95
C PHE A 323 -46.29 11.10 -3.27
N ASP A 324 -47.21 10.20 -3.60
CA ASP A 324 -47.16 9.49 -4.89
C ASP A 324 -47.24 10.48 -6.06
N HIS A 325 -48.06 11.52 -5.87
CA HIS A 325 -48.28 12.56 -6.86
C HIS A 325 -47.00 13.35 -7.06
N PHE A 326 -46.38 13.73 -5.95
CA PHE A 326 -45.08 14.40 -5.99
C PHE A 326 -44.04 13.50 -6.70
N VAL A 327 -44.02 12.22 -6.36
CA VAL A 327 -43.04 11.33 -6.99
C VAL A 327 -43.31 11.18 -8.48
N THR A 328 -44.58 11.04 -8.84
CA THR A 328 -45.00 10.92 -10.24
C THR A 328 -44.62 12.18 -11.03
N GLU A 329 -44.91 13.36 -10.49
CA GLU A 329 -44.58 14.60 -11.19
C GLU A 329 -43.07 14.79 -11.29
N ALA A 330 -42.34 14.39 -10.26
CA ALA A 330 -40.88 14.43 -10.36
C ALA A 330 -40.41 13.55 -11.51
N GLY A 331 -40.92 12.32 -11.55
CA GLY A 331 -40.60 11.36 -12.62
C GLY A 331 -40.82 11.84 -14.03
N LYS A 332 -41.92 12.54 -14.27
CA LYS A 332 -42.19 13.10 -15.61
C LYS A 332 -41.16 14.15 -16.03
N LEU A 333 -40.51 14.78 -15.07
CA LEU A 333 -39.53 15.82 -15.35
C LEU A 333 -38.08 15.28 -15.38
N GLY A 334 -37.90 13.97 -15.19
CA GLY A 334 -36.57 13.34 -15.18
C GLY A 334 -35.88 13.50 -13.85
N LEU A 335 -36.67 13.60 -12.78
CA LEU A 335 -36.15 13.71 -11.45
C LEU A 335 -36.46 12.47 -10.63
N GLU A 336 -35.45 11.91 -9.99
CA GLU A 336 -35.61 10.82 -9.02
C GLU A 336 -35.63 11.43 -7.64
N ILE A 337 -36.33 10.79 -6.71
CA ILE A 337 -36.36 11.26 -5.35
C ILE A 337 -35.36 10.47 -4.53
N ALA A 338 -34.62 11.19 -3.69
CA ALA A 338 -33.81 10.62 -2.64
C ALA A 338 -34.37 11.06 -1.30
N LEU A 339 -34.73 10.09 -0.44
CA LEU A 339 -35.20 10.42 0.88
C LEU A 339 -34.10 10.23 1.88
N ASP A 340 -34.19 10.99 2.95
CA ASP A 340 -33.28 10.91 4.02
C ASP A 340 -33.71 9.74 4.87
N PHE A 341 -32.82 8.78 5.16
CA PHE A 341 -33.09 7.74 6.17
C PHE A 341 -32.23 8.00 7.40
N ALA A 342 -32.84 8.41 8.50
CA ALA A 342 -32.15 8.73 9.74
C ALA A 342 -32.60 7.80 10.85
N LEU A 343 -31.75 6.84 11.22
CA LEU A 343 -32.10 5.84 12.22
C LEU A 343 -31.84 6.34 13.66
N GLN A 344 -32.88 7.02 14.18
CA GLN A 344 -32.90 7.69 15.48
C GLN A 344 -34.37 8.11 15.69
N CYS A 345 -34.69 8.68 16.86
CA CYS A 345 -36.09 8.88 17.30
C CYS A 345 -36.21 10.10 18.15
N SER A 346 -37.33 10.82 17.98
CA SER A 346 -37.74 11.75 19.00
C SER A 346 -38.21 10.93 20.18
N PRO A 347 -38.28 11.56 21.37
CA PRO A 347 -38.83 10.86 22.54
C PRO A 347 -40.30 10.48 22.39
N ASP A 348 -40.97 11.01 21.37
CA ASP A 348 -42.38 10.71 21.16
C ASP A 348 -42.60 9.62 20.10
N HIS A 349 -41.52 9.16 19.48
CA HIS A 349 -41.60 8.08 18.51
C HIS A 349 -42.18 6.79 19.16
N PRO A 350 -43.05 6.06 18.45
CA PRO A 350 -43.71 4.84 18.91
C PRO A 350 -42.74 3.74 19.38
N TRP A 351 -41.58 3.65 18.75
CA TRP A 351 -40.53 2.71 19.16
C TRP A 351 -40.13 2.87 20.62
N VAL A 352 -40.24 4.09 21.15
CA VAL A 352 -39.76 4.37 22.50
C VAL A 352 -40.51 3.47 23.50
N HIS A 353 -41.80 3.21 23.27
CA HIS A 353 -42.54 2.28 24.09
C HIS A 353 -42.73 0.87 23.49
N LYS A 354 -42.82 0.74 22.18
CA LYS A 354 -42.96 -0.60 21.58
C LYS A 354 -41.66 -1.43 21.61
N HIS A 355 -40.51 -0.78 21.57
CA HIS A 355 -39.23 -1.49 21.55
C HIS A 355 -38.23 -0.81 22.47
N PRO A 356 -38.44 -0.89 23.80
CA PRO A 356 -37.51 -0.23 24.70
C PRO A 356 -36.07 -0.74 24.59
N GLU A 357 -35.89 -1.99 24.21
CA GLU A 357 -34.55 -2.59 24.05
C GLU A 357 -33.72 -2.05 22.84
N TRP A 358 -34.33 -1.22 22.00
CA TRP A 358 -33.60 -0.49 20.92
C TRP A 358 -32.96 0.80 21.40
N PHE A 359 -32.93 1.01 22.71
CA PHE A 359 -32.33 2.20 23.29
C PHE A 359 -31.53 1.80 24.48
N HIS A 360 -30.49 2.56 24.77
CA HIS A 360 -29.75 2.37 25.98
C HIS A 360 -30.29 3.24 27.10
N HIS A 361 -30.67 2.58 28.20
CA HIS A 361 -31.22 3.23 29.37
C HIS A 361 -30.23 3.27 30.53
N ARG A 362 -30.24 4.38 31.23
CA ARG A 362 -29.35 4.61 32.36
C ARG A 362 -30.03 4.10 33.62
N PRO A 363 -29.30 4.05 34.73
CA PRO A 363 -29.86 3.35 35.87
C PRO A 363 -31.21 3.86 36.33
N ASP A 364 -31.56 5.12 36.02
CA ASP A 364 -32.83 5.68 36.47
C ASP A 364 -33.92 5.51 35.41
N GLY A 365 -33.62 4.72 34.37
CA GLY A 365 -34.55 4.52 33.28
C GLY A 365 -34.50 5.54 32.13
N THR A 366 -33.79 6.65 32.27
CA THR A 366 -33.74 7.65 31.18
C THR A 366 -32.80 7.28 30.04
N ILE A 367 -33.03 7.90 28.90
CA ILE A 367 -32.21 7.71 27.72
C ILE A 367 -31.53 9.02 27.40
N ALA A 368 -30.21 8.97 27.26
CA ALA A 368 -29.40 10.14 27.00
C ALA A 368 -29.63 10.58 25.56
N HIS A 369 -29.83 11.88 25.36
CA HIS A 369 -29.98 12.41 23.99
C HIS A 369 -28.70 12.17 23.16
N ALA A 370 -28.86 12.10 21.86
CA ALA A 370 -27.75 11.92 20.93
C ALA A 370 -26.85 13.17 20.86
N GLU A 371 -25.58 12.93 20.56
CA GLU A 371 -24.52 13.95 20.49
C GLU A 371 -23.60 13.65 19.32
N ASN A 372 -22.86 14.69 18.89
CA ASN A 372 -21.79 14.55 17.88
C ASN A 372 -20.75 15.63 18.16
N PRO A 373 -19.97 15.46 19.26
CA PRO A 373 -19.20 16.57 19.85
C PRO A 373 -18.50 17.53 18.86
N PRO A 374 -18.61 18.85 19.10
CA PRO A 374 -19.31 19.52 20.22
C PRO A 374 -20.84 19.70 20.02
N LYS A 375 -21.40 19.17 18.94
CA LYS A 375 -22.83 19.34 18.66
C LYS A 375 -23.69 18.43 19.58
N LYS A 376 -24.80 18.99 20.07
CA LYS A 376 -25.76 18.24 20.85
C LYS A 376 -27.11 18.16 20.14
N TYR A 377 -27.76 17.00 20.27
CA TYR A 377 -29.07 16.79 19.68
C TYR A 377 -30.11 16.49 20.76
N GLN A 378 -30.42 17.50 21.57
CA GLN A 378 -31.36 17.34 22.71
C GLN A 378 -32.74 16.84 22.30
N ASP A 379 -33.10 16.99 21.03
CA ASP A 379 -34.40 16.59 20.54
C ASP A 379 -34.51 15.15 20.07
N ILE A 380 -33.42 14.40 20.11
CA ILE A 380 -33.47 12.98 19.72
C ILE A 380 -32.76 11.98 20.62
N TYR A 381 -33.15 10.72 20.48
CA TYR A 381 -32.47 9.59 21.15
C TYR A 381 -31.71 8.77 20.09
N PRO A 382 -30.50 8.30 20.38
CA PRO A 382 -29.84 7.33 19.50
C PRO A 382 -30.32 5.91 19.74
N ILE A 383 -30.14 5.08 18.72
CA ILE A 383 -30.51 3.69 18.77
C ILE A 383 -29.37 2.88 19.36
N ALA A 384 -29.67 1.90 20.23
CA ALA A 384 -28.70 0.91 20.71
C ALA A 384 -28.90 -0.37 19.91
N PHE A 385 -27.82 -1.06 19.57
CA PHE A 385 -27.88 -2.18 18.61
C PHE A 385 -27.60 -3.58 19.18
N ASP A 386 -27.23 -3.70 20.44
CA ASP A 386 -26.72 -4.99 20.97
C ASP A 386 -27.69 -5.81 21.80
N ALA A 387 -28.93 -5.35 21.96
CA ALA A 387 -29.94 -6.14 22.61
C ALA A 387 -30.76 -6.92 21.58
N ASP A 388 -31.10 -6.29 20.46
CA ASP A 388 -31.95 -6.90 19.42
C ASP A 388 -31.52 -6.44 17.99
N PRO A 389 -30.31 -6.83 17.55
CA PRO A 389 -29.80 -6.48 16.26
C PRO A 389 -30.65 -7.04 15.12
N ASP A 390 -31.23 -8.22 15.33
CA ASP A 390 -32.07 -8.83 14.30
C ASP A 390 -33.35 -8.05 14.09
N GLY A 391 -33.98 -7.60 15.17
CA GLY A 391 -35.25 -6.88 15.05
C GLY A 391 -35.07 -5.54 14.32
N LEU A 392 -33.97 -4.85 14.63
CA LEU A 392 -33.64 -3.58 14.01
C LEU A 392 -33.32 -3.74 12.53
N ALA A 393 -32.65 -4.83 12.18
CA ALA A 393 -32.30 -5.05 10.77
C ALA A 393 -33.58 -5.30 9.98
N THR A 394 -34.39 -6.21 10.50
CA THR A 394 -35.69 -6.58 9.91
C THR A 394 -36.62 -5.35 9.72
N GLU A 395 -36.63 -4.45 10.69
CA GLU A 395 -37.52 -3.32 10.65
C GLU A 395 -36.95 -2.25 9.70
N THR A 396 -35.62 -2.11 9.66
CA THR A 396 -34.98 -1.16 8.77
C THR A 396 -35.27 -1.50 7.30
N VAL A 397 -35.05 -2.74 6.90
CA VAL A 397 -35.35 -3.14 5.53
C VAL A 397 -36.85 -3.08 5.23
N ARG A 398 -37.71 -3.33 6.20
CA ARG A 398 -39.16 -3.15 5.99
C ARG A 398 -39.50 -1.71 5.60
N ILE A 399 -38.88 -0.77 6.30
CA ILE A 399 -39.13 0.62 6.08
C ILE A 399 -38.57 1.07 4.72
N LEU A 400 -37.35 0.67 4.40
CA LEU A 400 -36.80 0.99 3.08
C LEU A 400 -37.63 0.36 1.96
N ARG A 401 -38.06 -0.89 2.12
CA ARG A 401 -38.92 -1.51 1.10
C ARG A 401 -40.26 -0.78 0.94
N HIS A 402 -40.76 -0.17 2.02
CA HIS A 402 -41.97 0.61 1.94
C HIS A 402 -41.76 1.79 0.96
N TRP A 403 -40.70 2.56 1.20
CA TRP A 403 -40.47 3.72 0.38
C TRP A 403 -40.14 3.32 -1.06
N MET A 404 -39.40 2.22 -1.21
CA MET A 404 -39.10 1.64 -2.53
C MET A 404 -40.37 1.27 -3.31
N ASP A 405 -41.40 0.79 -2.63
CA ASP A 405 -42.68 0.51 -3.29
C ASP A 405 -43.35 1.78 -3.78
N HIS A 406 -42.99 2.90 -3.17
CA HIS A 406 -43.53 4.17 -3.59
C HIS A 406 -42.54 4.94 -4.48
N GLY A 407 -41.62 4.23 -5.15
CA GLY A 407 -40.78 4.83 -6.23
C GLY A 407 -39.51 5.56 -5.80
N VAL A 408 -39.11 5.38 -4.54
CA VAL A 408 -37.84 5.94 -4.04
C VAL A 408 -36.75 4.89 -4.19
N ARG A 409 -35.78 5.14 -5.05
CA ARG A 409 -34.71 4.18 -5.33
C ARG A 409 -33.35 4.69 -4.84
N ILE A 410 -33.36 5.75 -4.02
CA ILE A 410 -32.14 6.39 -3.54
C ILE A 410 -32.36 6.89 -2.11
N PHE A 411 -31.40 6.65 -1.24
CA PHE A 411 -31.47 7.05 0.14
C PHE A 411 -30.21 7.72 0.57
N ARG A 412 -30.35 8.87 1.22
CA ARG A 412 -29.27 9.48 1.97
C ARG A 412 -29.34 8.98 3.39
N VAL A 413 -28.33 8.26 3.84
CA VAL A 413 -28.32 7.68 5.13
C VAL A 413 -27.62 8.66 6.07
N ASP A 414 -28.38 9.19 7.04
CA ASP A 414 -27.90 10.25 7.92
C ASP A 414 -27.00 9.68 9.02
N ASN A 415 -25.86 10.34 9.24
CA ASN A 415 -24.82 9.93 10.21
C ASN A 415 -24.64 8.41 10.33
N PRO A 416 -24.29 7.75 9.23
CA PRO A 416 -24.12 6.31 9.30
C PRO A 416 -23.04 5.86 10.27
N HIS A 417 -22.07 6.75 10.50
CA HIS A 417 -20.96 6.46 11.40
C HIS A 417 -21.26 6.40 12.88
N THR A 418 -22.51 6.66 13.27
CA THR A 418 -22.96 6.44 14.68
C THR A 418 -23.79 5.19 14.84
N LYS A 419 -23.94 4.41 13.78
CA LYS A 419 -24.57 3.09 13.88
C LYS A 419 -23.49 2.09 13.44
N PRO A 420 -23.60 0.81 13.85
CA PRO A 420 -22.49 -0.09 13.52
C PRO A 420 -22.22 -0.30 12.03
N VAL A 421 -20.94 -0.42 11.69
CA VAL A 421 -20.53 -0.65 10.30
C VAL A 421 -21.15 -1.92 9.71
N ALA A 422 -21.14 -3.00 10.49
CA ALA A 422 -21.67 -4.28 10.07
C ALA A 422 -23.19 -4.30 9.89
N PHE A 423 -23.89 -3.48 10.67
CA PHE A 423 -25.33 -3.32 10.48
C PHE A 423 -25.57 -2.73 9.08
N TRP A 424 -24.85 -1.69 8.70
CA TRP A 424 -25.05 -1.19 7.31
C TRP A 424 -24.65 -2.21 6.22
N GLU A 425 -23.58 -2.94 6.47
CA GLU A 425 -23.14 -3.96 5.52
C GLU A 425 -24.28 -4.98 5.25
N ARG A 426 -24.93 -5.42 6.32
CA ARG A 426 -26.01 -6.35 6.25
C ARG A 426 -27.26 -5.75 5.58
N VAL A 427 -27.66 -4.57 6.03
CA VAL A 427 -28.82 -3.92 5.48
C VAL A 427 -28.66 -3.67 3.97
N ILE A 428 -27.52 -3.13 3.57
CA ILE A 428 -27.33 -2.82 2.12
C ILE A 428 -27.32 -4.09 1.28
N ALA A 429 -26.71 -5.15 1.79
CA ALA A 429 -26.71 -6.45 1.07
C ALA A 429 -28.10 -7.08 0.97
N ASP A 430 -28.93 -6.93 2.01
CA ASP A 430 -30.32 -7.39 1.96
C ASP A 430 -31.10 -6.61 0.88
N ILE A 431 -31.03 -5.28 0.92
CA ILE A 431 -31.76 -4.50 -0.07
C ILE A 431 -31.23 -4.70 -1.49
N ASN A 432 -29.92 -4.65 -1.68
CA ASN A 432 -29.35 -4.77 -3.02
C ASN A 432 -29.44 -6.21 -3.57
N GLY A 433 -29.70 -7.20 -2.72
CA GLY A 433 -29.92 -8.56 -3.18
C GLY A 433 -31.22 -8.76 -3.95
N THR A 434 -32.30 -8.10 -3.54
CA THR A 434 -33.55 -8.09 -4.32
C THR A 434 -33.65 -6.88 -5.29
N ASP A 435 -33.04 -5.75 -4.92
CA ASP A 435 -33.17 -4.49 -5.66
C ASP A 435 -31.82 -3.80 -5.82
N PRO A 436 -31.04 -4.30 -6.79
CA PRO A 436 -29.67 -3.83 -6.93
C PRO A 436 -29.52 -2.40 -7.53
N ASP A 437 -30.63 -1.84 -8.01
CA ASP A 437 -30.66 -0.46 -8.50
C ASP A 437 -30.69 0.59 -7.36
N VAL A 438 -31.02 0.15 -6.15
CA VAL A 438 -31.12 1.09 -5.06
C VAL A 438 -29.73 1.60 -4.73
N ILE A 439 -29.65 2.91 -4.52
CA ILE A 439 -28.42 3.61 -4.21
C ILE A 439 -28.46 4.21 -2.81
N PHE A 440 -27.39 4.00 -2.04
CA PHE A 440 -27.26 4.58 -0.72
C PHE A 440 -26.10 5.53 -0.67
N LEU A 441 -26.29 6.67 -0.01
CA LEU A 441 -25.31 7.74 0.12
C LEU A 441 -24.94 7.96 1.58
N ALA A 442 -23.68 7.79 1.92
CA ALA A 442 -23.24 7.89 3.29
C ALA A 442 -22.96 9.35 3.67
N ALA A 443 -23.79 9.90 4.55
CA ALA A 443 -23.63 11.28 5.04
C ALA A 443 -22.75 11.32 6.27
N ALA A 444 -21.50 10.91 6.09
CA ALA A 444 -20.56 10.78 7.19
C ALA A 444 -19.44 11.73 6.97
N PHE A 445 -19.34 12.74 7.82
CA PHE A 445 -18.23 13.67 7.82
C PHE A 445 -17.49 13.28 9.06
N THR A 446 -16.45 12.46 8.92
CA THR A 446 -15.75 11.91 10.09
C THR A 446 -14.33 11.59 9.71
N ARG A 447 -13.67 10.72 10.47
CA ARG A 447 -12.26 10.41 10.18
C ARG A 447 -12.14 9.51 8.95
N PRO A 448 -11.00 9.56 8.27
CA PRO A 448 -10.81 8.83 7.02
C PRO A 448 -11.08 7.33 7.04
N ALA A 449 -10.67 6.65 8.10
CA ALA A 449 -10.82 5.19 8.13
C ALA A 449 -12.30 4.79 8.09
N MET A 450 -13.13 5.46 8.88
CA MET A 450 -14.57 5.16 8.89
C MET A 450 -15.19 5.54 7.52
N MET A 451 -14.82 6.67 6.97
CA MET A 451 -15.34 7.06 5.65
C MET A 451 -15.03 6.05 4.57
N ALA A 452 -13.79 5.57 4.56
CA ALA A 452 -13.40 4.58 3.55
C ALA A 452 -14.08 3.25 3.82
N THR A 453 -14.19 2.84 5.08
CA THR A 453 -14.83 1.56 5.41
C THR A 453 -16.30 1.52 4.99
N LEU A 454 -17.03 2.60 5.20
CA LEU A 454 -18.44 2.65 4.82
C LEU A 454 -18.63 2.45 3.34
N ALA A 455 -17.81 3.11 2.54
CA ALA A 455 -17.85 2.91 1.11
C ALA A 455 -17.51 1.46 0.75
N GLN A 456 -16.44 0.92 1.33
CA GLN A 456 -16.05 -0.47 1.06
C GLN A 456 -17.07 -1.52 1.41
N ILE A 457 -17.92 -1.28 2.44
CA ILE A 457 -18.90 -2.29 2.81
C ILE A 457 -20.20 -2.18 2.05
N GLY A 458 -20.30 -1.24 1.10
CA GLY A 458 -21.45 -1.22 0.18
C GLY A 458 -22.05 0.14 -0.19
N PHE A 459 -21.76 1.20 0.54
CA PHE A 459 -22.31 2.50 0.22
C PHE A 459 -21.89 2.95 -1.21
N GLN A 460 -22.90 3.09 -2.08
CA GLN A 460 -22.67 3.49 -3.45
C GLN A 460 -22.02 4.86 -3.58
N GLN A 461 -22.33 5.76 -2.67
CA GLN A 461 -21.85 7.13 -2.72
C GLN A 461 -21.45 7.58 -1.34
N SER A 462 -20.55 8.56 -1.28
CA SER A 462 -20.08 9.13 -0.04
C SER A 462 -20.04 10.66 -0.11
N TYR A 463 -20.44 11.33 0.97
CA TYR A 463 -20.06 12.71 1.16
C TYR A 463 -18.56 12.78 1.47
N THR A 464 -17.97 13.95 1.20
CA THR A 464 -16.54 14.15 1.20
C THR A 464 -16.10 15.34 2.04
N TYR A 465 -14.79 15.55 2.11
CA TYR A 465 -14.27 16.77 2.70
C TYR A 465 -14.27 17.99 1.65
N PHE A 466 -15.01 17.91 0.55
CA PHE A 466 -15.00 19.02 -0.50
C PHE A 466 -15.10 20.43 0.09
N THR A 467 -16.08 20.67 0.96
CA THR A 467 -16.34 22.04 1.46
C THR A 467 -15.14 22.65 2.23
N TRP A 468 -14.23 21.82 2.73
CA TRP A 468 -13.04 22.26 3.46
C TRP A 468 -11.78 22.12 2.63
N ARG A 469 -11.94 21.98 1.31
CA ARG A 469 -10.79 22.05 0.42
C ARG A 469 -11.04 23.23 -0.53
N ASN A 470 -10.39 24.36 -0.24
CA ASN A 470 -10.59 25.61 -0.96
C ASN A 470 -9.36 26.24 -1.63
N THR A 471 -8.17 26.07 -1.07
CA THR A 471 -6.94 26.51 -1.74
C THR A 471 -6.57 25.50 -2.82
N LYS A 472 -5.67 25.93 -3.72
CA LYS A 472 -5.25 25.11 -4.85
C LYS A 472 -4.52 23.86 -4.38
N GLN A 473 -3.64 24.00 -3.40
CA GLN A 473 -2.95 22.83 -2.85
C GLN A 473 -3.95 21.82 -2.22
N GLU A 474 -4.93 22.34 -1.49
CA GLU A 474 -5.96 21.47 -0.89
C GLU A 474 -6.76 20.73 -1.94
N LEU A 475 -7.16 21.41 -3.00
CA LEU A 475 -8.01 20.78 -4.02
C LEU A 475 -7.21 19.74 -4.84
N THR A 476 -6.00 20.12 -5.20
CA THR A 476 -5.11 19.24 -5.95
C THR A 476 -4.82 17.95 -5.14
N GLU A 477 -4.38 18.12 -3.91
CA GLU A 477 -4.12 16.95 -3.05
C GLU A 477 -5.36 16.09 -2.89
N TYR A 478 -6.49 16.69 -2.59
CA TYR A 478 -7.68 15.91 -2.27
C TYR A 478 -8.22 15.15 -3.45
N LEU A 479 -8.30 15.82 -4.61
CA LEU A 479 -8.84 15.21 -5.81
C LEU A 479 -7.90 14.18 -6.38
N THR A 480 -6.62 14.37 -6.17
CA THR A 480 -5.64 13.35 -6.54
C THR A 480 -5.93 12.06 -5.77
N GLU A 481 -6.29 12.19 -4.49
CA GLU A 481 -6.67 11.03 -3.66
C GLU A 481 -7.99 10.43 -4.19
N LEU A 482 -9.02 11.24 -4.38
CA LEU A 482 -10.31 10.69 -4.76
C LEU A 482 -10.33 10.06 -6.16
N SER A 483 -9.61 10.66 -7.12
CA SER A 483 -9.54 10.13 -8.48
C SER A 483 -8.52 9.01 -8.66
N GLY A 484 -7.70 8.78 -7.64
CA GLY A 484 -6.73 7.67 -7.65
C GLY A 484 -7.27 6.36 -7.12
N GLU A 485 -6.58 5.76 -6.17
CA GLU A 485 -6.94 4.41 -5.71
C GLU A 485 -8.28 4.35 -4.98
N ALA A 486 -8.65 5.40 -4.26
CA ALA A 486 -9.93 5.45 -3.58
C ALA A 486 -11.15 5.29 -4.52
N ALA A 487 -10.96 5.53 -5.81
CA ALA A 487 -12.05 5.46 -6.75
C ALA A 487 -12.50 4.04 -7.06
N SER A 488 -11.71 3.05 -6.66
CA SER A 488 -12.16 1.67 -6.81
C SER A 488 -13.21 1.25 -5.77
N TYR A 489 -13.45 2.07 -4.76
CA TYR A 489 -14.45 1.75 -3.74
C TYR A 489 -15.36 2.91 -3.30
N MET A 490 -15.10 4.14 -3.77
CA MET A 490 -15.82 5.31 -3.30
C MET A 490 -16.19 6.18 -4.46
N ARG A 491 -17.44 6.61 -4.48
CA ARG A 491 -17.93 7.58 -5.44
C ARG A 491 -18.34 8.84 -4.67
N PRO A 492 -17.74 9.96 -5.01
CA PRO A 492 -17.95 11.14 -4.20
C PRO A 492 -19.10 11.96 -4.66
N ASN A 493 -19.82 12.53 -3.69
CA ASN A 493 -20.89 13.48 -3.96
C ASN A 493 -20.47 14.86 -3.41
N PHE A 494 -20.12 15.77 -4.32
CA PHE A 494 -19.66 17.13 -4.01
C PHE A 494 -20.83 18.16 -3.85
N PHE A 495 -21.37 18.24 -2.65
CA PHE A 495 -22.30 19.30 -2.28
C PHE A 495 -21.44 20.48 -1.96
N ALA A 496 -21.67 21.61 -2.66
CA ALA A 496 -20.94 22.85 -2.42
C ALA A 496 -21.41 23.56 -1.15
N ASN A 497 -22.65 23.27 -0.75
CA ASN A 497 -23.11 23.65 0.58
C ASN A 497 -24.11 22.60 1.10
N THR A 498 -24.38 22.62 2.38
CA THR A 498 -25.49 21.81 2.96
C THR A 498 -26.16 22.63 4.05
N PRO A 499 -27.37 22.24 4.49
CA PRO A 499 -27.97 22.97 5.64
C PRO A 499 -27.09 23.10 6.88
N ASP A 500 -26.04 22.27 7.00
CA ASP A 500 -25.08 22.36 8.09
C ASP A 500 -23.73 22.97 7.76
N ILE A 501 -23.49 23.33 6.50
CA ILE A 501 -22.18 23.83 6.07
C ILE A 501 -22.26 25.00 5.12
N LEU A 502 -22.02 26.18 5.71
CA LEU A 502 -21.78 27.42 5.00
C LEU A 502 -20.33 27.81 5.30
N HIS A 503 -19.42 27.41 4.42
CA HIS A 503 -18.00 27.66 4.63
C HIS A 503 -17.67 29.15 4.64
N ALA A 504 -16.68 29.50 5.46
CA ALA A 504 -16.14 30.87 5.50
C ALA A 504 -15.73 31.43 4.14
N TYR A 505 -15.35 30.56 3.20
CA TYR A 505 -15.00 30.96 1.83
C TYR A 505 -16.20 31.65 1.16
N LEU A 506 -17.40 31.11 1.40
CA LEU A 506 -18.62 31.65 0.84
C LEU A 506 -19.04 32.88 1.61
N GLN A 507 -18.90 32.81 2.92
CA GLN A 507 -19.17 33.99 3.77
C GLN A 507 -18.40 35.23 3.34
N HIS A 508 -17.09 35.10 3.17
CA HIS A 508 -16.24 36.28 2.90
C HIS A 508 -16.19 36.61 1.42
N GLY A 509 -16.47 35.63 0.57
CA GLY A 509 -16.28 35.76 -0.86
C GLY A 509 -17.46 36.30 -1.64
N GLY A 510 -18.65 36.18 -1.07
CA GLY A 510 -19.86 36.64 -1.74
C GLY A 510 -20.15 35.84 -2.99
N ARG A 511 -20.89 36.45 -3.92
CA ARG A 511 -21.37 35.74 -5.11
C ARG A 511 -20.20 35.14 -5.93
N PRO A 512 -19.13 35.91 -6.17
CA PRO A 512 -17.96 35.37 -6.89
C PRO A 512 -17.44 34.04 -6.29
N ALA A 513 -17.52 33.89 -4.98
CA ALA A 513 -17.15 32.61 -4.33
C ALA A 513 -18.15 31.52 -4.64
N PHE A 514 -19.45 31.84 -4.67
CA PHE A 514 -20.45 30.85 -5.05
C PHE A 514 -20.24 30.33 -6.44
N GLU A 515 -19.85 31.22 -7.34
CA GLU A 515 -19.61 30.87 -8.73
C GLU A 515 -18.42 29.93 -8.88
N VAL A 516 -17.32 30.24 -8.18
CA VAL A 516 -16.12 29.39 -8.16
C VAL A 516 -16.41 27.99 -7.63
N ARG A 517 -17.10 27.89 -6.51
CA ARG A 517 -17.37 26.56 -5.91
C ARG A 517 -18.34 25.72 -6.73
N ALA A 518 -19.25 26.38 -7.46
CA ALA A 518 -20.13 25.66 -8.36
C ALA A 518 -19.35 25.09 -9.54
N VAL A 519 -18.45 25.89 -10.10
CA VAL A 519 -17.67 25.41 -11.21
C VAL A 519 -16.78 24.24 -10.81
N LEU A 520 -16.01 24.46 -9.75
CA LEU A 520 -15.20 23.37 -9.16
C LEU A 520 -15.97 22.10 -8.90
N ALA A 521 -17.12 22.20 -8.24
CA ALA A 521 -17.84 21.01 -7.81
C ALA A 521 -18.37 20.26 -9.03
N ALA A 522 -18.84 21.02 -10.00
CA ALA A 522 -19.51 20.48 -11.19
C ALA A 522 -18.53 19.85 -12.17
N THR A 523 -17.29 20.32 -12.14
CA THR A 523 -16.28 19.83 -13.09
C THR A 523 -15.33 18.79 -12.49
N LEU A 524 -15.18 18.75 -11.17
CA LEU A 524 -14.26 17.82 -10.51
C LEU A 524 -14.90 16.53 -10.05
N SER A 525 -16.21 16.50 -9.83
CA SER A 525 -16.85 15.23 -9.59
C SER A 525 -18.01 15.03 -10.54
N PRO A 526 -18.18 13.81 -11.03
CA PRO A 526 -19.37 13.55 -11.82
C PRO A 526 -20.69 13.51 -11.03
N THR A 527 -20.66 13.47 -9.68
CA THR A 527 -21.86 13.76 -8.89
C THR A 527 -21.59 15.02 -8.06
N TRP A 528 -22.53 15.96 -8.07
CA TRP A 528 -22.41 17.17 -7.28
C TRP A 528 -23.81 17.63 -6.93
N GLY A 529 -23.87 18.56 -6.00
CA GLY A 529 -25.15 19.09 -5.62
C GLY A 529 -25.10 20.39 -4.86
N ILE A 530 -26.28 20.95 -4.65
CA ILE A 530 -26.43 22.15 -3.82
C ILE A 530 -27.69 22.05 -2.99
N TYR A 531 -27.73 22.87 -1.93
CA TYR A 531 -28.89 23.00 -1.03
C TYR A 531 -29.55 24.34 -1.36
N SER A 532 -30.86 24.28 -1.64
CA SER A 532 -31.66 25.45 -1.96
C SER A 532 -31.24 26.68 -1.17
N GLY A 533 -31.14 27.79 -1.87
CA GLY A 533 -30.61 29.03 -1.31
C GLY A 533 -29.21 29.34 -1.82
N TYR A 534 -28.49 28.30 -2.19
CA TYR A 534 -27.15 28.43 -2.76
C TYR A 534 -27.15 29.35 -3.99
N GLU A 535 -28.14 29.16 -4.86
CA GLU A 535 -28.36 29.99 -6.05
C GLU A 535 -28.43 31.47 -5.72
N LEU A 536 -28.97 31.82 -4.56
CA LEU A 536 -29.19 33.22 -4.22
C LEU A 536 -28.02 33.77 -3.44
N CYS A 537 -26.98 32.95 -3.26
CA CYS A 537 -25.81 33.38 -2.53
C CYS A 537 -26.11 33.75 -1.08
N GLU A 538 -27.03 33.00 -0.45
CA GLU A 538 -27.26 33.09 0.99
C GLU A 538 -26.01 32.75 1.75
N ASN A 539 -25.50 33.69 2.54
CA ASN A 539 -24.19 33.49 3.17
C ASN A 539 -24.01 34.26 4.44
N THR A 540 -25.10 34.50 5.15
CA THR A 540 -25.05 35.10 6.45
C THR A 540 -24.94 33.98 7.51
N PRO A 541 -23.86 33.97 8.29
CA PRO A 541 -23.65 32.93 9.28
C PRO A 541 -24.35 33.26 10.58
N LEU A 542 -24.53 32.24 11.41
CA LEU A 542 -25.11 32.40 12.75
C LEU A 542 -24.29 33.35 13.60
N ARG A 543 -22.97 33.23 13.49
CA ARG A 543 -22.04 34.16 14.13
CA ARG A 543 -22.05 34.18 14.13
C ARG A 543 -20.69 34.03 13.45
N GLU A 544 -19.74 34.90 13.81
CA GLU A 544 -18.40 34.79 13.26
C GLU A 544 -17.75 33.48 13.70
N GLY A 545 -17.17 32.74 12.76
CA GLY A 545 -16.48 31.48 13.10
C GLY A 545 -17.38 30.27 13.17
N SER A 546 -18.59 30.40 12.64
CA SER A 546 -19.55 29.30 12.61
C SER A 546 -19.80 28.93 11.14
N GLU A 547 -20.17 27.67 10.89
CA GLU A 547 -20.59 27.22 9.57
C GLU A 547 -22.08 26.98 9.52
N GLU A 548 -22.81 27.35 10.58
CA GLU A 548 -24.27 27.39 10.54
C GLU A 548 -24.79 28.64 9.79
N TYR A 549 -25.89 28.48 9.07
CA TYR A 549 -26.66 29.63 8.56
C TYR A 549 -27.39 30.33 9.70
N LEU A 550 -27.51 31.66 9.65
CA LEU A 550 -28.43 32.41 10.52
C LEU A 550 -29.86 32.07 10.11
N ASP A 551 -30.73 31.90 11.11
CA ASP A 551 -32.13 31.60 10.89
C ASP A 551 -32.24 30.35 10.02
N SER A 552 -31.53 29.30 10.42
CA SER A 552 -31.43 28.10 9.60
C SER A 552 -32.80 27.47 9.30
N GLU A 553 -32.97 27.01 8.07
CA GLU A 553 -34.19 26.34 7.63
C GLU A 553 -34.53 25.06 8.42
N LYS A 554 -33.52 24.49 9.09
CA LYS A 554 -33.73 23.28 9.88
C LYS A 554 -34.72 23.52 11.01
N TYR A 555 -34.81 24.77 11.49
CA TYR A 555 -35.61 25.13 12.67
C TYR A 555 -36.80 26.06 12.34
N GLN A 556 -36.94 26.47 11.09
CA GLN A 556 -38.01 27.38 10.69
C GLN A 556 -38.36 27.28 9.21
N LEU A 557 -39.59 27.69 8.90
CA LEU A 557 -40.04 27.80 7.53
C LEU A 557 -39.21 28.93 6.91
N LYS A 558 -38.78 28.73 5.68
CA LYS A 558 -37.96 29.74 5.01
C LYS A 558 -38.48 30.06 3.61
N PRO A 559 -39.59 30.79 3.50
CA PRO A 559 -40.12 31.11 2.18
C PRO A 559 -39.13 31.97 1.40
N ARG A 560 -39.02 31.75 0.09
CA ARG A 560 -38.07 32.52 -0.76
C ARG A 560 -38.74 33.15 -1.99
N ASP A 561 -38.37 34.39 -2.34
CA ASP A 561 -38.92 35.04 -3.54
C ASP A 561 -38.11 34.68 -4.81
N TRP A 562 -38.35 33.46 -5.32
CA TRP A 562 -37.71 32.95 -6.54
C TRP A 562 -37.95 33.82 -7.78
N THR A 563 -39.17 34.29 -7.95
CA THR A 563 -39.54 35.11 -9.11
C THR A 563 -38.79 36.44 -9.14
N ARG A 564 -38.65 37.06 -7.98
CA ARG A 564 -37.95 38.33 -7.87
C ARG A 564 -36.49 38.11 -8.20
N ALA A 565 -35.88 37.10 -7.61
CA ALA A 565 -34.45 36.88 -7.82
C ALA A 565 -34.13 36.65 -9.31
N ALA A 566 -35.02 35.93 -10.00
CA ALA A 566 -34.86 35.68 -11.41
C ALA A 566 -34.98 36.98 -12.25
N ARG A 567 -36.01 37.76 -11.99
CA ARG A 567 -36.23 39.04 -12.63
C ARG A 567 -35.08 40.03 -12.37
N GLU A 568 -34.48 40.00 -11.18
CA GLU A 568 -33.43 40.99 -10.81
C GLU A 568 -31.98 40.53 -11.07
N GLY A 569 -31.84 39.31 -11.57
CA GLY A 569 -30.54 38.75 -11.89
C GLY A 569 -29.68 38.41 -10.69
N THR A 570 -30.29 38.27 -9.51
CA THR A 570 -29.56 38.08 -8.26
C THR A 570 -29.45 36.60 -7.88
N THR A 571 -29.66 35.73 -8.87
CA THR A 571 -29.47 34.28 -8.71
C THR A 571 -28.41 33.78 -9.68
N ILE A 572 -27.62 32.80 -9.26
CA ILE A 572 -26.71 32.15 -10.19
C ILE A 572 -27.31 30.92 -10.86
N ALA A 573 -28.61 30.77 -10.78
CA ALA A 573 -29.32 29.73 -11.53
C ALA A 573 -28.88 29.57 -13.00
N PRO A 574 -28.69 30.67 -13.75
CA PRO A 574 -28.15 30.51 -15.10
C PRO A 574 -26.82 29.77 -15.17
N LEU A 575 -25.86 30.13 -14.32
CA LEU A 575 -24.58 29.46 -14.31
C LEU A 575 -24.76 27.98 -14.01
N VAL A 576 -25.54 27.67 -12.97
CA VAL A 576 -25.77 26.29 -12.57
C VAL A 576 -26.37 25.53 -13.73
N THR A 577 -27.35 26.15 -14.38
CA THR A 577 -28.04 25.54 -15.48
C THR A 577 -27.04 25.23 -16.61
N ARG A 578 -26.12 26.16 -16.86
CA ARG A 578 -25.15 26.03 -17.93
CA ARG A 578 -25.15 26.03 -17.93
C ARG A 578 -24.13 24.92 -17.56
N LEU A 579 -23.66 24.94 -16.32
CA LEU A 579 -22.75 23.87 -15.84
C LEU A 579 -23.34 22.47 -16.02
N ASN A 580 -24.62 22.30 -15.71
CA ASN A 580 -25.24 21.00 -15.93
C ASN A 580 -25.43 20.64 -17.39
N THR A 581 -25.71 21.64 -18.22
CA THR A 581 -25.79 21.42 -19.67
C THR A 581 -24.43 20.93 -20.17
N ILE A 582 -23.35 21.55 -19.72
CA ILE A 582 -22.02 21.19 -20.18
C ILE A 582 -21.71 19.75 -19.79
N ARG A 583 -22.06 19.38 -18.56
CA ARG A 583 -21.90 18.00 -18.11
C ARG A 583 -22.68 17.02 -18.99
N ARG A 584 -23.90 17.37 -19.36
CA ARG A 584 -24.70 16.50 -20.25
C ARG A 584 -24.17 16.41 -21.67
N GLU A 585 -23.37 17.39 -22.10
CA GLU A 585 -22.84 17.39 -23.46
C GLU A 585 -21.40 16.91 -23.52
N ASN A 586 -20.80 16.57 -22.38
CA ASN A 586 -19.36 16.24 -22.37
C ASN A 586 -19.09 15.00 -21.53
N PRO A 587 -18.97 13.84 -22.21
CA PRO A 587 -18.75 12.58 -21.47
C PRO A 587 -17.55 12.64 -20.52
N ALA A 588 -16.56 13.48 -20.78
CA ALA A 588 -15.43 13.60 -19.84
C ALA A 588 -15.84 14.08 -18.45
N LEU A 589 -16.92 14.82 -18.32
CA LEU A 589 -17.36 15.32 -17.01
C LEU A 589 -18.34 14.35 -16.31
N ARG A 590 -18.67 13.25 -16.96
CA ARG A 590 -19.51 12.24 -16.37
C ARG A 590 -18.67 11.06 -15.83
N GLN A 591 -17.39 11.29 -15.56
CA GLN A 591 -16.53 10.30 -14.96
C GLN A 591 -15.55 10.99 -14.02
N LEU A 592 -14.84 10.18 -13.25
CA LEU A 592 -14.06 10.63 -12.12
C LEU A 592 -12.56 10.41 -12.27
N ARG A 593 -12.17 9.25 -12.80
CA ARG A 593 -10.77 8.78 -12.68
C ARG A 593 -9.75 9.44 -13.60
N ASP A 594 -10.18 9.84 -14.79
CA ASP A 594 -9.30 10.59 -15.71
C ASP A 594 -9.30 12.07 -15.37
N LEU A 595 -8.23 12.51 -14.74
CA LEU A 595 -8.11 13.87 -14.24
C LEU A 595 -6.65 14.22 -14.14
N HIS A 596 -6.25 15.35 -14.73
CA HIS A 596 -4.87 15.78 -14.62
C HIS A 596 -4.78 17.25 -14.31
N PHE A 597 -3.92 17.61 -13.36
CA PHE A 597 -3.67 18.99 -13.02
C PHE A 597 -2.48 19.52 -13.77
N HIS A 598 -2.66 20.72 -14.34
CA HIS A 598 -1.64 21.38 -15.17
C HIS A 598 -1.08 22.58 -14.43
N PRO A 599 0.26 22.74 -14.42
CA PRO A 599 0.86 23.85 -13.65
C PRO A 599 0.54 25.28 -14.14
N THR A 600 0.40 26.20 -13.19
CA THR A 600 0.29 27.63 -13.48
C THR A 600 1.32 28.36 -12.62
N ASP A 601 1.53 29.63 -12.92
CA ASP A 601 2.52 30.41 -12.19
C ASP A 601 1.89 31.35 -11.14
N LYS A 602 0.63 31.09 -10.78
CA LYS A 602 -0.05 31.84 -9.71
C LYS A 602 -0.76 30.90 -8.74
N GLU A 603 -0.54 31.15 -7.45
CA GLU A 603 -1.05 30.27 -6.41
C GLU A 603 -2.59 30.25 -6.43
N GLU A 604 -3.22 31.34 -6.89
CA GLU A 604 -4.68 31.46 -6.84
C GLU A 604 -5.35 30.89 -8.09
N VAL A 605 -4.56 30.51 -9.08
CA VAL A 605 -5.14 29.96 -10.28
C VAL A 605 -4.74 28.51 -10.50
N ILE A 606 -5.77 27.70 -10.74
CA ILE A 606 -5.64 26.28 -10.85
C ILE A 606 -6.18 25.83 -12.19
N ALA A 607 -5.57 24.79 -12.74
CA ALA A 607 -5.94 24.25 -14.04
C ALA A 607 -5.96 22.73 -14.06
N TYR A 608 -6.91 22.16 -14.80
CA TYR A 608 -6.97 20.74 -14.93
C TYR A 608 -7.75 20.32 -16.12
N SER A 609 -7.53 19.06 -16.55
CA SER A 609 -8.26 18.50 -17.69
C SER A 609 -8.82 17.12 -17.38
N LYS A 610 -9.86 16.73 -18.12
CA LYS A 610 -10.48 15.42 -17.97
C LYS A 610 -10.81 14.95 -19.35
N ARG A 611 -10.72 13.63 -19.56
CA ARG A 611 -10.93 13.03 -20.87
C ARG A 611 -11.74 11.75 -20.83
N GLN A 612 -12.41 11.49 -21.95
CA GLN A 612 -13.24 10.28 -22.14
C GLN A 612 -13.42 10.11 -23.64
N GLY A 613 -12.63 9.21 -24.22
CA GLY A 613 -12.53 9.04 -25.67
C GLY A 613 -12.05 10.32 -26.31
N SER A 614 -12.75 10.77 -27.34
CA SER A 614 -12.34 11.98 -28.05
C SER A 614 -12.84 13.26 -27.38
N ASN A 615 -13.48 13.16 -26.20
CA ASN A 615 -13.92 14.35 -25.47
C ASN A 615 -12.86 14.77 -24.46
N THR A 616 -12.37 16.00 -24.59
CA THR A 616 -11.41 16.58 -23.66
C THR A 616 -11.95 17.91 -23.16
N VAL A 617 -11.99 18.09 -21.85
CA VAL A 617 -12.42 19.32 -21.25
C VAL A 617 -11.30 19.90 -20.40
N LEU A 618 -11.01 21.16 -20.60
CA LEU A 618 -9.96 21.86 -19.89
C LEU A 618 -10.56 23.03 -19.07
N VAL A 619 -10.28 23.10 -17.78
CA VAL A 619 -10.84 24.09 -16.90
C VAL A 619 -9.73 24.91 -16.25
N VAL A 620 -9.95 26.20 -16.12
CA VAL A 620 -9.00 27.09 -15.42
C VAL A 620 -9.83 27.93 -14.48
N VAL A 621 -9.55 27.87 -13.18
CA VAL A 621 -10.35 28.57 -12.20
C VAL A 621 -9.50 29.55 -11.40
N ASN A 622 -10.04 30.75 -11.17
CA ASN A 622 -9.45 31.74 -10.26
C ASN A 622 -10.08 31.57 -8.86
N LEU A 623 -9.31 31.10 -7.90
CA LEU A 623 -9.86 30.82 -6.59
C LEU A 623 -9.89 32.06 -5.68
N ASP A 624 -9.40 33.20 -6.21
CA ASP A 624 -9.52 34.47 -5.53
C ASP A 624 -10.87 35.08 -5.93
N PRO A 625 -11.79 35.20 -4.98
CA PRO A 625 -13.08 35.79 -5.28
C PRO A 625 -13.12 37.31 -5.15
N ARG A 626 -12.02 37.92 -4.75
CA ARG A 626 -11.94 39.35 -4.47
C ARG A 626 -11.09 40.13 -5.48
N HIS A 627 -10.00 39.53 -5.96
CA HIS A 627 -9.07 40.20 -6.85
C HIS A 627 -8.91 39.44 -8.15
N THR A 628 -8.82 40.20 -9.21
CA THR A 628 -8.48 39.72 -10.53
C THR A 628 -7.10 39.08 -10.55
N GLN A 629 -6.99 37.97 -11.26
CA GLN A 629 -5.74 37.24 -11.33
C GLN A 629 -5.37 36.99 -12.76
N GLU A 630 -4.13 37.29 -13.11
CA GLU A 630 -3.59 36.90 -14.40
C GLU A 630 -2.45 35.92 -14.21
N ALA A 631 -2.38 34.94 -15.11
CA ALA A 631 -1.38 33.92 -15.01
C ALA A 631 -1.10 33.23 -16.35
N THR A 632 0.01 32.54 -16.41
CA THR A 632 0.33 31.66 -17.52
C THR A 632 0.04 30.21 -17.10
N VAL A 633 -0.76 29.53 -17.93
CA VAL A 633 -1.10 28.14 -17.74
C VAL A 633 -0.21 27.31 -18.65
N SER A 634 0.62 26.44 -18.08
CA SER A 634 1.54 25.64 -18.88
C SER A 634 1.05 24.21 -19.03
N LEU A 635 0.38 23.93 -20.14
CA LEU A 635 -0.23 22.63 -20.35
C LEU A 635 0.77 21.50 -20.60
N ASP A 636 0.66 20.44 -19.81
CA ASP A 636 1.26 19.15 -20.12
C ASP A 636 0.61 18.56 -21.37
N MET A 637 1.16 18.90 -22.53
CA MET A 637 0.57 18.55 -23.83
C MET A 637 0.44 17.04 -24.10
N PRO A 638 1.47 16.23 -23.75
CA PRO A 638 1.33 14.78 -23.90
C PRO A 638 0.13 14.19 -23.17
N GLN A 639 -0.23 14.77 -22.04
CA GLN A 639 -1.37 14.29 -21.28
C GLN A 639 -2.72 14.56 -21.98
N LEU A 640 -2.68 15.43 -22.99
CA LEU A 640 -3.86 15.71 -23.81
C LEU A 640 -3.88 14.90 -25.11
N GLY A 641 -2.82 14.14 -25.36
CA GLY A 641 -2.67 13.40 -26.61
C GLY A 641 -2.12 14.28 -27.75
N LEU A 642 -1.27 15.25 -27.40
CA LEU A 642 -0.74 16.20 -28.36
C LEU A 642 0.76 16.41 -28.16
N ASP A 643 1.46 16.80 -29.22
CA ASP A 643 2.88 17.10 -29.10
C ASP A 643 3.10 18.51 -28.55
N TRP A 644 4.28 18.75 -27.99
CA TRP A 644 4.61 20.02 -27.30
C TRP A 644 4.44 21.27 -28.16
N HIS A 645 4.80 21.16 -29.44
CA HIS A 645 4.77 22.28 -30.37
C HIS A 645 3.36 22.60 -30.88
N GLU A 646 2.37 21.74 -30.59
CA GLU A 646 1.05 21.88 -31.20
C GLU A 646 0.24 23.01 -30.57
N SER A 647 -0.76 23.44 -31.32
CA SER A 647 -1.66 24.53 -30.95
C SER A 647 -3.07 24.02 -31.21
N VAL A 648 -3.94 24.14 -30.22
CA VAL A 648 -5.25 23.48 -30.28
C VAL A 648 -6.43 24.46 -30.05
N PRO A 649 -7.48 24.31 -30.87
CA PRO A 649 -8.65 25.18 -30.75
C PRO A 649 -9.61 24.71 -29.66
N VAL A 650 -9.95 25.64 -28.77
CA VAL A 650 -10.88 25.38 -27.69
C VAL A 650 -12.03 26.39 -27.71
N ARG A 651 -13.15 26.02 -27.12
CA ARG A 651 -14.27 26.95 -26.93
C ARG A 651 -14.62 26.99 -25.44
N ASP A 652 -14.63 28.19 -24.86
CA ASP A 652 -15.11 28.43 -23.50
C ASP A 652 -16.61 28.27 -23.52
N GLU A 653 -17.12 27.20 -22.88
CA GLU A 653 -18.54 26.88 -22.98
C GLU A 653 -19.38 27.77 -22.08
N LEU A 654 -18.76 28.52 -21.19
CA LEU A 654 -19.48 29.53 -20.40
C LEU A 654 -19.81 30.76 -21.23
N THR A 655 -19.05 31.05 -22.29
CA THR A 655 -19.24 32.31 -23.09
C THR A 655 -19.52 32.11 -24.57
N GLY A 656 -19.12 30.97 -25.14
CA GLY A 656 -19.19 30.75 -26.60
C GLY A 656 -17.96 31.26 -27.35
N GLU A 657 -17.01 31.85 -26.61
CA GLU A 657 -15.79 32.40 -27.20
C GLU A 657 -14.82 31.28 -27.48
N THR A 658 -14.04 31.48 -28.52
CA THR A 658 -13.06 30.53 -29.01
C THR A 658 -11.67 31.11 -28.81
N TYR A 659 -10.74 30.26 -28.44
CA TYR A 659 -9.32 30.64 -28.33
C TYR A 659 -8.46 29.57 -29.00
N HIS A 660 -7.21 29.93 -29.26
CA HIS A 660 -6.20 28.96 -29.66
C HIS A 660 -5.13 28.85 -28.57
N TRP A 661 -4.98 27.65 -28.04
CA TRP A 661 -4.14 27.38 -26.87
C TRP A 661 -3.10 26.29 -27.16
N GLY A 662 -1.87 26.50 -26.68
CA GLY A 662 -0.81 25.50 -26.75
C GLY A 662 -0.06 25.37 -25.44
N ARG A 663 1.20 24.99 -25.51
CA ARG A 663 2.03 24.75 -24.32
C ARG A 663 1.95 25.83 -23.24
N ALA A 664 1.77 27.09 -23.62
CA ALA A 664 1.75 28.19 -22.64
C ALA A 664 0.71 29.28 -22.99
N ASN A 665 -0.24 29.50 -22.08
CA ASN A 665 -1.40 30.37 -22.33
C ASN A 665 -1.68 31.38 -21.20
N TYR A 666 -1.76 32.64 -21.60
CA TYR A 666 -2.11 33.77 -20.73
C TYR A 666 -3.62 33.75 -20.48
N VAL A 667 -4.03 33.88 -19.21
CA VAL A 667 -5.44 34.03 -18.84
C VAL A 667 -5.57 35.22 -17.92
N ARG A 668 -6.76 35.84 -17.92
CA ARG A 668 -7.05 36.99 -17.05
C ARG A 668 -8.44 36.78 -16.48
N LEU A 669 -8.55 36.65 -15.17
CA LEU A 669 -9.81 36.20 -14.56
C LEU A 669 -10.25 37.16 -13.47
N GLU A 670 -11.38 37.78 -13.76
CA GLU A 670 -11.82 38.92 -13.03
C GLU A 670 -13.06 38.47 -12.29
N PRO A 671 -13.08 38.60 -10.97
CA PRO A 671 -14.26 38.06 -10.24
C PRO A 671 -15.53 38.89 -10.49
N GLY A 672 -16.66 38.22 -10.61
CA GLY A 672 -17.93 38.87 -10.97
C GLY A 672 -18.17 38.64 -12.43
N ARG A 673 -17.20 39.03 -13.27
CA ARG A 673 -17.25 38.80 -14.70
C ARG A 673 -16.97 37.35 -15.07
N THR A 674 -15.84 36.81 -14.60
CA THR A 674 -15.39 35.45 -14.97
C THR A 674 -14.83 34.67 -13.79
N PRO A 675 -15.58 33.67 -13.36
CA PRO A 675 -15.03 32.80 -12.32
C PRO A 675 -13.91 31.88 -12.85
N ALA A 676 -14.05 31.51 -14.13
CA ALA A 676 -13.27 30.44 -14.71
C ALA A 676 -13.47 30.36 -16.23
N HIS A 677 -12.58 29.64 -16.89
CA HIS A 677 -12.82 29.15 -18.25
C HIS A 677 -13.16 27.67 -18.17
N VAL A 678 -14.25 27.23 -18.79
CA VAL A 678 -14.57 25.81 -18.91
C VAL A 678 -14.58 25.42 -20.35
N CYS A 679 -13.46 24.95 -20.88
CA CYS A 679 -13.27 24.82 -22.33
C CYS A 679 -13.39 23.38 -22.85
N THR A 680 -13.95 23.20 -24.04
CA THR A 680 -13.90 21.93 -24.75
C THR A 680 -12.87 22.02 -25.87
N VAL A 681 -12.18 20.91 -26.14
CA VAL A 681 -11.24 20.83 -27.27
C VAL A 681 -12.02 20.49 -28.54
N LEU A 682 -11.82 21.28 -29.59
CA LEU A 682 -12.60 21.09 -30.82
C LEU A 682 -11.93 20.16 -31.83
N ARG A 683 -12.75 19.50 -32.67
CA ARG A 683 -12.30 18.77 -33.87
C ARG A 683 -12.03 19.74 -35.03
N PRO B 35 -23.02 -13.99 6.75
CA PRO B 35 -21.92 -13.37 7.50
C PRO B 35 -21.48 -12.02 6.89
N THR B 36 -21.07 -11.08 7.74
CA THR B 36 -20.49 -9.85 7.29
C THR B 36 -18.99 -9.99 7.32
N VAL B 37 -18.32 -9.27 6.44
CA VAL B 37 -16.85 -9.22 6.45
C VAL B 37 -16.33 -8.51 7.67
N VAL B 38 -17.02 -7.42 8.04
CA VAL B 38 -16.55 -6.57 9.13
C VAL B 38 -17.24 -7.04 10.40
N GLY B 39 -16.53 -7.00 11.50
CA GLY B 39 -17.08 -7.47 12.78
C GLY B 39 -17.73 -6.32 13.55
N ARG B 40 -18.08 -6.59 14.79
CA ARG B 40 -18.83 -5.69 15.63
C ARG B 40 -18.00 -4.48 15.98
N ILE B 41 -16.75 -4.71 16.35
CA ILE B 41 -15.76 -3.66 16.45
C ILE B 41 -14.73 -3.83 15.30
N PRO B 42 -14.75 -2.92 14.27
CA PRO B 42 -13.85 -3.04 13.15
C PRO B 42 -12.37 -3.21 13.49
N VAL B 43 -11.77 -4.28 12.97
CA VAL B 43 -10.34 -4.47 13.04
C VAL B 43 -9.89 -4.84 11.63
N LEU B 44 -9.15 -3.94 10.99
CA LEU B 44 -8.90 -4.00 9.56
C LEU B 44 -7.42 -3.86 9.23
N ASP B 45 -7.06 -4.42 8.08
CA ASP B 45 -5.75 -4.24 7.47
CA ASP B 45 -5.74 -4.32 7.44
C ASP B 45 -4.60 -4.51 8.45
N VAL B 46 -4.62 -5.70 9.12
CA VAL B 46 -3.52 -6.06 10.00
C VAL B 46 -2.20 -6.33 9.23
N ARG B 47 -1.11 -5.82 9.79
CA ARG B 47 0.22 -5.98 9.22
C ARG B 47 1.17 -6.40 10.31
N PRO B 48 2.28 -7.04 9.94
CA PRO B 48 2.72 -7.28 8.55
C PRO B 48 1.86 -8.32 7.84
N VAL B 49 1.83 -8.22 6.53
CA VAL B 49 1.16 -9.19 5.68
C VAL B 49 1.97 -9.33 4.39
N VAL B 50 2.10 -10.57 3.94
CA VAL B 50 2.87 -10.85 2.73
C VAL B 50 1.98 -11.57 1.73
N GLN B 51 1.85 -11.00 0.55
CA GLN B 51 1.05 -11.63 -0.49
C GLN B 51 -0.41 -11.91 -0.06
N ARG B 52 -1.02 -10.93 0.59
CA ARG B 52 -2.38 -11.03 1.11
C ARG B 52 -2.61 -12.23 2.06
N GLY B 53 -1.60 -12.60 2.83
CA GLY B 53 -1.72 -13.74 3.74
C GLY B 53 -1.35 -15.10 3.17
N ARG B 54 -0.98 -15.20 1.88
CA ARG B 54 -0.68 -16.51 1.29
C ARG B 54 0.74 -16.98 1.54
N ARG B 55 1.59 -16.11 2.11
CA ARG B 55 2.99 -16.43 2.46
C ARG B 55 3.25 -15.85 3.83
N PRO B 56 4.16 -16.46 4.59
CA PRO B 56 4.31 -15.96 5.93
C PRO B 56 5.18 -14.73 6.03
N ALA B 57 4.89 -13.91 7.03
CA ALA B 57 5.80 -12.86 7.45
C ALA B 57 6.92 -13.55 8.19
N LYS B 58 8.06 -12.89 8.38
CA LYS B 58 9.24 -13.52 8.96
C LYS B 58 9.74 -12.90 10.26
N ALA B 59 10.37 -13.73 11.08
CA ALA B 59 11.15 -13.27 12.22
C ALA B 59 12.16 -14.36 12.55
N VAL B 60 13.07 -14.05 13.49
CA VAL B 60 13.89 -15.05 14.11
C VAL B 60 13.69 -15.02 15.61
N THR B 61 14.03 -16.13 16.24
CA THR B 61 14.03 -16.25 17.69
C THR B 61 14.62 -15.03 18.39
N GLY B 62 13.88 -14.48 19.36
CA GLY B 62 14.30 -13.28 20.12
C GLY B 62 14.16 -11.95 19.41
N GLU B 63 13.66 -11.93 18.18
CA GLU B 63 13.48 -10.67 17.43
C GLU B 63 12.12 -10.04 17.74
N SER B 64 12.11 -8.71 17.87
CA SER B 64 10.93 -7.91 18.12
C SER B 64 10.48 -7.17 16.88
N PHE B 65 9.18 -7.14 16.65
CA PHE B 65 8.64 -6.35 15.57
C PHE B 65 7.25 -5.88 15.92
N GLU B 66 6.73 -4.95 15.14
CA GLU B 66 5.47 -4.32 15.41
C GLU B 66 4.32 -5.00 14.65
N VAL B 67 3.29 -5.46 15.37
CA VAL B 67 2.02 -5.83 14.74
C VAL B 67 1.10 -4.60 14.79
N SER B 68 0.41 -4.32 13.69
CA SER B 68 -0.48 -3.16 13.64
C SER B 68 -1.80 -3.43 12.96
N ALA B 69 -2.72 -2.50 13.14
CA ALA B 69 -4.06 -2.65 12.60
C ALA B 69 -4.84 -1.37 12.62
N THR B 70 -5.89 -1.35 11.82
CA THR B 70 -6.77 -0.19 11.82
C THR B 70 -7.96 -0.55 12.67
N VAL B 71 -8.15 0.20 13.77
CA VAL B 71 -9.15 -0.13 14.80
C VAL B 71 -9.94 1.11 15.18
N PHE B 72 -11.26 0.97 15.18
CA PHE B 72 -12.15 2.09 15.51
C PHE B 72 -13.52 1.53 15.75
N ARG B 73 -14.44 2.36 16.24
CA ARG B 73 -15.84 1.98 16.36
C ARG B 73 -16.78 3.08 15.90
N GLU B 74 -18.07 2.73 15.86
CA GLU B 74 -19.12 3.65 15.52
C GLU B 74 -19.37 4.49 16.75
N GLY B 75 -19.78 5.72 16.54
CA GLY B 75 -20.07 6.62 17.64
C GLY B 75 -18.79 7.19 18.19
N HIS B 76 -18.81 7.59 19.46
CA HIS B 76 -17.73 8.42 20.01
C HIS B 76 -17.01 7.80 21.18
N ASP B 77 -17.43 6.61 21.61
CA ASP B 77 -16.83 5.97 22.75
C ASP B 77 -15.46 5.37 22.39
N ALA B 78 -14.66 5.09 23.41
CA ALA B 78 -13.29 4.65 23.21
C ALA B 78 -13.19 3.17 22.87
N VAL B 79 -12.17 2.84 22.07
CA VAL B 79 -11.79 1.45 21.81
C VAL B 79 -10.44 1.12 22.45
N GLY B 80 -10.17 -0.16 22.55
CA GLY B 80 -8.84 -0.66 22.86
C GLY B 80 -8.55 -1.85 21.97
N ALA B 81 -7.31 -2.31 22.00
CA ALA B 81 -6.93 -3.47 21.19
C ALA B 81 -5.71 -4.16 21.77
N ASN B 82 -5.49 -5.40 21.33
CA ASN B 82 -4.38 -6.21 21.83
C ASN B 82 -3.98 -7.32 20.85
N VAL B 83 -2.74 -7.81 20.98
CA VAL B 83 -2.20 -8.79 20.01
C VAL B 83 -2.07 -10.13 20.68
N VAL B 84 -2.63 -11.14 20.04
CA VAL B 84 -2.56 -12.49 20.55
C VAL B 84 -1.65 -13.26 19.60
N LEU B 85 -0.42 -13.51 20.05
CA LEU B 85 0.57 -14.24 19.30
C LEU B 85 0.57 -15.69 19.75
N ARG B 86 0.30 -16.61 18.84
CA ARG B 86 0.20 -18.02 19.17
C ARG B 86 1.38 -18.83 18.64
N ASP B 87 1.85 -19.78 19.45
CA ASP B 87 3.06 -20.54 19.11
C ASP B 87 2.70 -21.76 18.28
N PRO B 88 3.71 -22.54 17.86
CA PRO B 88 3.38 -23.69 16.99
C PRO B 88 2.42 -24.74 17.59
N ARG B 89 2.42 -24.88 18.92
CA ARG B 89 1.46 -25.75 19.59
C ARG B 89 0.12 -25.01 19.85
N GLY B 90 0.05 -23.72 19.57
CA GLY B 90 -1.19 -22.96 19.69
C GLY B 90 -1.33 -22.17 20.98
N ARG B 91 -0.32 -22.22 21.85
CA ARG B 91 -0.37 -21.50 23.12
C ARG B 91 -0.25 -19.97 22.93
N PRO B 92 -1.23 -19.20 23.45
CA PRO B 92 -1.16 -17.74 23.33
C PRO B 92 -0.03 -17.12 24.15
N GLY B 93 0.49 -16.00 23.70
CA GLY B 93 1.56 -15.31 24.40
C GLY B 93 0.97 -14.49 25.51
N PRO B 94 1.76 -13.58 26.08
CA PRO B 94 1.22 -12.77 27.17
C PRO B 94 0.30 -11.63 26.67
N TRP B 95 -0.44 -11.07 27.62
CA TRP B 95 -1.23 -9.87 27.42
C TRP B 95 -0.39 -8.77 26.72
N THR B 96 -0.84 -8.34 25.55
CA THR B 96 -0.05 -7.42 24.73
C THR B 96 -0.94 -6.29 24.21
N PRO B 97 -1.20 -5.30 25.09
CA PRO B 97 -2.08 -4.22 24.70
C PRO B 97 -1.46 -3.33 23.61
N MET B 98 -2.31 -2.78 22.76
CA MET B 98 -1.89 -1.88 21.68
C MET B 98 -2.20 -0.45 22.04
N ARG B 99 -1.62 0.47 21.28
CA ARG B 99 -1.83 1.90 21.49
CA ARG B 99 -1.81 1.92 21.49
C ARG B 99 -1.94 2.55 20.10
N GLU B 100 -2.63 3.67 20.02
CA GLU B 100 -2.77 4.40 18.74
C GLU B 100 -1.45 5.04 18.42
N LEU B 101 -0.97 4.82 17.20
CA LEU B 101 0.39 5.25 16.82
C LEU B 101 0.55 6.74 16.54
N ALA B 102 -0.48 7.38 16.00
CA ALA B 102 -0.48 8.83 15.86
C ALA B 102 -1.94 9.29 15.99
N PRO B 103 -2.17 10.50 16.54
CA PRO B 103 -3.54 11.01 16.73
C PRO B 103 -4.38 11.15 15.45
N GLY B 104 -5.67 10.85 15.55
CA GLY B 104 -6.59 10.89 14.42
C GLY B 104 -6.49 9.82 13.33
N THR B 105 -5.57 8.86 13.47
CA THR B 105 -5.31 7.90 12.40
C THR B 105 -6.03 6.59 12.55
N ASP B 106 -6.48 6.24 13.76
CA ASP B 106 -7.05 4.94 14.03
C ASP B 106 -6.16 3.77 13.64
N ARG B 107 -4.85 3.99 13.62
CA ARG B 107 -3.88 2.93 13.37
C ARG B 107 -3.25 2.59 14.69
N TRP B 108 -3.37 1.33 15.09
CA TRP B 108 -2.92 0.88 16.40
C TRP B 108 -1.77 -0.12 16.25
N GLY B 109 -0.86 -0.11 17.22
CA GLY B 109 0.28 -1.02 17.21
C GLY B 109 0.80 -1.48 18.57
N ALA B 110 1.57 -2.56 18.53
CA ALA B 110 2.29 -3.07 19.69
C ALA B 110 3.46 -3.93 19.23
N THR B 111 4.49 -4.00 20.07
CA THR B 111 5.64 -4.83 19.82
C THR B 111 5.45 -6.24 20.36
N VAL B 112 5.76 -7.23 19.54
CA VAL B 112 5.76 -8.63 19.95
C VAL B 112 7.14 -9.22 19.72
N THR B 113 7.41 -10.33 20.38
CA THR B 113 8.72 -10.97 20.33
C THR B 113 8.56 -12.47 20.11
N ALA B 114 9.26 -12.97 19.12
CA ALA B 114 9.15 -14.34 18.69
C ALA B 114 10.04 -15.19 19.58
N GLY B 115 9.61 -16.40 19.88
CA GLY B 115 10.38 -17.36 20.70
C GLY B 115 10.95 -18.51 19.86
N GLU B 116 10.65 -19.75 20.22
CA GLU B 116 11.13 -20.92 19.50
C GLU B 116 10.79 -20.87 18.00
N THR B 117 11.56 -21.63 17.22
CA THR B 117 11.37 -21.72 15.78
C THR B 117 10.12 -22.50 15.42
N GLY B 118 9.54 -22.13 14.27
CA GLY B 118 8.37 -22.82 13.73
C GLY B 118 7.39 -21.83 13.13
N THR B 119 6.19 -22.33 12.83
CA THR B 119 5.10 -21.52 12.32
C THR B 119 4.15 -21.09 13.46
N TRP B 120 4.13 -19.78 13.66
CA TRP B 120 3.28 -19.10 14.63
C TRP B 120 2.10 -18.42 13.89
N SER B 121 1.21 -17.82 14.67
CA SER B 121 0.15 -17.01 14.10
C SER B 121 -0.11 -15.81 15.01
N TYR B 122 -0.63 -14.74 14.41
CA TYR B 122 -1.01 -13.58 15.18
C TYR B 122 -2.38 -13.02 14.76
N THR B 123 -3.09 -12.58 15.78
CA THR B 123 -4.46 -12.10 15.73
C THR B 123 -4.47 -10.76 16.46
N VAL B 124 -5.23 -9.79 15.94
CA VAL B 124 -5.54 -8.56 16.68
C VAL B 124 -6.99 -8.66 17.22
N GLU B 125 -7.14 -8.36 18.51
CA GLU B 125 -8.44 -8.32 19.18
C GLU B 125 -8.74 -6.87 19.46
N ALA B 126 -9.94 -6.43 19.06
CA ALA B 126 -10.39 -5.06 19.25
C ALA B 126 -11.65 -5.08 20.10
N TRP B 127 -11.88 -3.99 20.85
CA TRP B 127 -12.97 -3.97 21.81
C TRP B 127 -13.35 -2.55 22.23
N GLY B 128 -14.61 -2.37 22.59
CA GLY B 128 -15.02 -1.16 23.28
C GLY B 128 -14.35 -1.09 24.63
N ASP B 129 -13.89 0.10 24.99
CA ASP B 129 -13.23 0.34 26.28
C ASP B 129 -14.14 1.27 27.12
N PRO B 130 -15.21 0.71 27.70
CA PRO B 130 -16.21 1.51 28.44
C PRO B 130 -15.67 2.32 29.63
N VAL B 131 -14.65 1.80 30.30
CA VAL B 131 -14.07 2.53 31.42
C VAL B 131 -13.37 3.79 30.95
N THR B 132 -12.52 3.71 29.95
CA THR B 132 -11.88 4.95 29.48
C THR B 132 -12.95 5.97 29.11
N THR B 133 -14.00 5.54 28.41
CA THR B 133 -15.15 6.42 28.03
C THR B 133 -15.86 7.07 29.20
N TRP B 134 -16.17 6.26 30.21
CA TRP B 134 -16.83 6.75 31.40
C TRP B 134 -15.95 7.74 32.17
N ARG B 135 -14.66 7.45 32.29
CA ARG B 135 -13.76 8.36 32.99
C ARG B 135 -13.76 9.72 32.34
N HIS B 136 -13.53 9.74 31.04
CA HIS B 136 -13.45 10.97 30.32
C HIS B 136 -14.72 11.82 30.49
N HIS B 137 -15.89 11.19 30.44
CA HIS B 137 -17.14 11.92 30.66
C HIS B 137 -17.25 12.40 32.10
N ALA B 138 -16.97 11.51 33.04
CA ALA B 138 -17.06 11.82 34.45
C ALA B 138 -16.15 12.96 34.88
N ARG B 139 -14.96 13.06 34.29
CA ARG B 139 -14.05 14.18 34.58
C ARG B 139 -14.59 15.55 34.17
N ILE B 140 -15.52 15.61 33.22
CA ILE B 140 -16.20 16.87 32.88
C ILE B 140 -17.46 17.07 33.73
N LYS B 141 -18.29 16.03 33.84
CA LYS B 141 -19.61 16.16 34.46
C LYS B 141 -19.62 16.32 35.99
N ILE B 142 -18.67 15.73 36.72
CA ILE B 142 -18.62 15.91 38.19
C ILE B 142 -18.22 17.33 38.64
N PRO B 143 -17.16 17.91 38.05
CA PRO B 143 -16.85 19.31 38.35
C PRO B 143 -17.97 20.28 37.99
N ALA B 144 -18.55 20.15 36.79
CA ALA B 144 -19.64 21.04 36.36
C ALA B 144 -21.01 20.65 36.95
N GLY B 145 -21.02 19.70 37.88
CA GLY B 145 -22.20 19.36 38.68
C GLY B 145 -23.42 18.76 37.99
N LEU B 146 -23.25 18.11 36.83
CA LEU B 146 -24.39 17.59 36.04
C LEU B 146 -24.70 16.09 36.26
N ASP B 147 -25.87 15.77 36.84
CA ASP B 147 -26.35 14.38 37.01
C ASP B 147 -25.40 13.54 37.86
N THR B 148 -24.77 14.10 38.88
CA THR B 148 -23.60 13.46 39.48
C THR B 148 -23.86 12.05 40.04
N ASP B 149 -25.01 11.84 40.68
CA ASP B 149 -25.36 10.54 41.29
C ASP B 149 -25.53 9.46 40.23
N LEU B 150 -26.12 9.86 39.11
CA LEU B 150 -26.39 8.94 38.02
C LEU B 150 -25.06 8.54 37.36
N VAL B 151 -24.17 9.51 37.16
CA VAL B 151 -22.85 9.28 36.57
C VAL B 151 -22.03 8.30 37.44
N LEU B 152 -21.98 8.59 38.72
CA LEU B 152 -21.15 7.80 39.65
C LEU B 152 -21.68 6.39 39.83
N GLU B 153 -22.99 6.24 39.81
CA GLU B 153 -23.61 4.91 39.85
C GLU B 153 -23.31 4.09 38.58
N GLU B 154 -23.31 4.76 37.42
CA GLU B 154 -22.90 4.15 36.16
C GLU B 154 -21.45 3.65 36.18
N GLY B 155 -20.55 4.45 36.78
CA GLY B 155 -19.19 4.02 37.04
C GLY B 155 -19.15 2.78 37.91
N ALA B 156 -19.89 2.81 39.02
CA ALA B 156 -19.87 1.72 39.98
C ALA B 156 -20.18 0.39 39.33
N ARG B 157 -21.20 0.38 38.46
CA ARG B 157 -21.60 -0.81 37.73
C ARG B 157 -20.55 -1.35 36.73
N LEU B 158 -19.79 -0.46 36.11
CA LEU B 158 -18.68 -0.86 35.21
C LEU B 158 -17.58 -1.54 35.99
N TYR B 159 -17.19 -0.91 37.10
CA TYR B 159 -16.14 -1.44 37.99
C TYR B 159 -16.57 -2.78 38.61
N GLU B 160 -17.88 -2.94 38.79
CA GLU B 160 -18.45 -4.18 39.35
C GLU B 160 -18.27 -5.30 38.31
N ARG B 161 -18.52 -5.00 37.02
CA ARG B 161 -18.28 -5.97 35.96
C ARG B 161 -16.78 -6.23 35.78
N ALA B 162 -15.96 -5.21 35.96
CA ALA B 162 -14.51 -5.39 35.92
C ALA B 162 -14.09 -6.43 36.94
N ALA B 163 -14.51 -6.24 38.19
CA ALA B 163 -14.12 -7.10 39.34
C ALA B 163 -14.46 -8.59 39.19
N ALA B 164 -15.64 -8.86 38.66
CA ALA B 164 -16.11 -10.22 38.41
C ALA B 164 -15.15 -11.08 37.56
N ASP B 165 -14.54 -10.45 36.57
CA ASP B 165 -13.62 -11.10 35.64
C ASP B 165 -12.15 -11.16 36.12
N VAL B 166 -11.80 -10.46 37.20
CA VAL B 166 -10.41 -10.46 37.70
C VAL B 166 -10.13 -11.78 38.48
N PRO B 167 -9.04 -12.50 38.13
CA PRO B 167 -8.76 -13.77 38.80
C PRO B 167 -8.15 -13.63 40.22
N GLY B 168 -7.43 -12.54 40.50
CA GLY B 168 -6.71 -12.36 41.77
C GLY B 168 -7.53 -11.74 42.90
N ARG B 169 -7.31 -12.24 44.13
CA ARG B 169 -8.12 -11.85 45.30
C ARG B 169 -7.87 -10.40 45.72
N GLU B 170 -6.58 -10.02 45.85
CA GLU B 170 -6.17 -8.66 46.23
C GLU B 170 -6.63 -7.62 45.18
N ASP B 171 -6.52 -8.00 43.90
CA ASP B 171 -7.02 -7.17 42.79
C ASP B 171 -8.56 -6.96 42.90
N ARG B 172 -9.31 -8.04 43.10
CA ARG B 172 -10.77 -7.98 43.21
C ARG B 172 -11.23 -7.07 44.37
N ARG B 173 -10.59 -7.22 45.54
CA ARG B 173 -10.93 -6.40 46.73
C ARG B 173 -10.68 -4.89 46.50
N GLU B 174 -9.60 -4.59 45.76
CA GLU B 174 -9.26 -3.21 45.40
C GLU B 174 -10.37 -2.53 44.58
N LEU B 175 -10.88 -3.25 43.56
CA LEU B 175 -11.97 -2.75 42.70
C LEU B 175 -13.30 -2.61 43.44
N LEU B 176 -13.66 -3.63 44.23
CA LEU B 176 -14.89 -3.57 45.04
C LEU B 176 -14.85 -2.47 46.12
N ALA B 177 -13.64 -2.04 46.51
CA ALA B 177 -13.46 -0.90 47.41
C ALA B 177 -13.78 0.41 46.69
N ALA B 178 -13.28 0.53 45.46
CA ALA B 178 -13.62 1.68 44.62
C ALA B 178 -15.13 1.74 44.29
N VAL B 179 -15.78 0.58 44.18
CA VAL B 179 -17.24 0.54 43.96
C VAL B 179 -17.99 1.16 45.16
N ASP B 180 -17.62 0.75 46.36
CA ASP B 180 -18.29 1.23 47.59
C ASP B 180 -18.03 2.73 47.86
N ALA B 181 -16.83 3.22 47.52
CA ALA B 181 -16.52 4.67 47.55
C ALA B 181 -17.35 5.47 46.51
N LEU B 182 -17.52 4.89 45.32
CA LEU B 182 -18.36 5.47 44.27
C LEU B 182 -19.83 5.56 44.68
N ARG B 183 -20.30 4.59 45.47
CA ARG B 183 -21.72 4.57 45.90
C ARG B 183 -22.03 5.28 47.22
N ASP B 184 -21.02 5.75 47.94
CA ASP B 184 -21.23 6.39 49.25
C ASP B 184 -21.80 7.82 49.08
N GLU B 185 -23.13 7.93 49.09
CA GLU B 185 -23.82 9.22 48.86
C GLU B 185 -23.62 10.29 49.96
N SER B 186 -22.97 9.92 51.07
CA SER B 186 -22.64 10.87 52.13
C SER B 186 -21.32 11.65 51.89
N ARG B 187 -20.55 11.23 50.88
CA ARG B 187 -19.29 11.93 50.55
C ARG B 187 -19.50 12.90 49.37
N PRO B 188 -18.68 13.98 49.32
CA PRO B 188 -18.72 14.91 48.18
C PRO B 188 -18.49 14.17 46.88
N ALA B 189 -19.10 14.66 45.80
CA ALA B 189 -19.00 14.00 44.51
C ALA B 189 -17.56 13.85 43.99
N ALA B 190 -16.74 14.90 44.16
CA ALA B 190 -15.33 14.89 43.69
C ALA B 190 -14.46 13.81 44.32
N SER B 191 -14.73 13.46 45.57
CA SER B 191 -13.99 12.41 46.29
C SER B 191 -14.53 10.99 46.03
N ARG B 192 -15.82 10.86 45.76
CA ARG B 192 -16.39 9.57 45.33
C ARG B 192 -15.72 9.16 44.02
N LEU B 193 -15.58 10.12 43.12
CA LEU B 193 -14.85 9.97 41.86
C LEU B 193 -13.34 9.67 42.02
N ALA B 194 -12.60 10.54 42.72
CA ALA B 194 -11.15 10.36 42.90
C ALA B 194 -10.74 8.98 43.46
N ALA B 195 -11.64 8.31 44.17
CA ALA B 195 -11.41 6.95 44.73
C ALA B 195 -11.46 5.83 43.66
N ALA B 196 -11.88 6.20 42.45
CA ALA B 196 -11.89 5.32 41.28
C ALA B 196 -10.80 5.67 40.25
N LEU B 197 -10.01 6.72 40.51
CA LEU B 197 -8.95 7.17 39.59
C LEU B 197 -7.56 7.07 40.20
N THR B 198 -7.44 6.30 41.27
CA THR B 198 -6.14 6.13 41.95
C THR B 198 -5.19 5.30 41.08
N PRO B 199 -3.88 5.55 41.17
CA PRO B 199 -2.92 4.66 40.50
C PRO B 199 -3.02 3.16 40.86
N GLN B 200 -3.57 2.82 42.04
CA GLN B 200 -3.74 1.39 42.42
C GLN B 200 -4.81 0.72 41.56
N VAL B 201 -5.92 1.43 41.32
CA VAL B 201 -6.97 0.96 40.41
C VAL B 201 -6.49 0.98 38.95
N ASP B 202 -5.83 2.06 38.53
CA ASP B 202 -5.25 2.13 37.18
C ASP B 202 -4.52 0.86 36.78
N ALA B 203 -3.57 0.45 37.63
CA ALA B 203 -2.72 -0.70 37.35
C ALA B 203 -3.49 -2.03 37.27
N VAL B 204 -4.57 -2.17 38.04
CA VAL B 204 -5.40 -3.37 37.96
C VAL B 204 -6.10 -3.45 36.59
N LEU B 205 -6.63 -2.31 36.15
CA LEU B 205 -7.39 -2.23 34.91
C LEU B 205 -6.52 -2.26 33.65
N ALA B 206 -5.29 -1.76 33.74
CA ALA B 206 -4.31 -1.92 32.65
C ALA B 206 -3.89 -3.39 32.49
N ARG B 207 -3.99 -4.17 33.56
CA ARG B 207 -3.66 -5.58 33.53
C ARG B 207 -4.88 -6.41 33.16
N HIS B 208 -6.07 -6.05 33.67
CA HIS B 208 -7.31 -6.81 33.38
C HIS B 208 -8.46 -5.91 33.04
N PRO B 209 -8.45 -5.37 31.82
CA PRO B 209 -9.41 -4.31 31.51
C PRO B 209 -10.76 -4.86 31.13
N LEU B 210 -11.76 -4.01 31.29
CA LEU B 210 -13.10 -4.44 30.93
C LEU B 210 -13.21 -4.21 29.42
N ARG B 211 -13.46 -5.29 28.68
CA ARG B 211 -13.51 -5.27 27.22
C ARG B 211 -14.92 -5.65 26.76
N ASP B 212 -15.58 -4.73 26.08
CA ASP B 212 -16.86 -4.98 25.45
C ASP B 212 -16.69 -5.41 23.98
N LEU B 213 -17.52 -6.36 23.57
CA LEU B 213 -17.79 -6.66 22.17
C LEU B 213 -16.51 -7.08 21.43
N VAL B 214 -15.70 -7.90 22.10
CA VAL B 214 -14.40 -8.35 21.63
C VAL B 214 -14.55 -8.91 20.23
N THR B 215 -13.76 -8.40 19.31
CA THR B 215 -13.84 -8.77 17.92
C THR B 215 -12.42 -9.11 17.46
N SER B 216 -12.33 -10.14 16.65
CA SER B 216 -11.06 -10.71 16.29
C SER B 216 -10.76 -10.63 14.80
N SER B 217 -9.53 -10.37 14.42
CA SER B 217 -9.14 -10.55 13.02
C SER B 217 -8.95 -12.01 12.70
N ASP B 218 -8.97 -12.36 11.42
CA ASP B 218 -8.50 -13.69 10.97
C ASP B 218 -7.00 -13.83 11.21
N PRO B 219 -6.55 -15.01 11.62
CA PRO B 219 -5.12 -15.20 11.92
C PRO B 219 -4.17 -14.98 10.73
N LEU B 220 -3.00 -14.43 10.97
CA LEU B 220 -1.96 -14.33 9.94
C LEU B 220 -0.75 -15.15 10.33
N PRO B 221 -0.07 -15.75 9.32
CA PRO B 221 1.07 -16.64 9.58
C PRO B 221 2.41 -15.93 9.79
N LEU B 222 3.18 -16.45 10.73
CA LEU B 222 4.52 -15.97 11.02
C LEU B 222 5.48 -17.17 11.00
N LEU B 223 6.52 -17.10 10.15
CA LEU B 223 7.60 -18.09 10.18
C LEU B 223 8.77 -17.58 11.06
N VAL B 224 9.07 -18.30 12.13
CA VAL B 224 10.19 -17.95 12.99
C VAL B 224 11.34 -18.92 12.73
N GLU B 225 12.51 -18.35 12.43
CA GLU B 225 13.69 -19.11 12.07
C GLU B 225 14.84 -18.78 13.01
N ARG B 226 15.95 -19.53 12.89
CA ARG B 226 17.06 -19.42 13.85
C ARG B 226 17.81 -18.14 13.72
N GLU B 227 18.45 -17.76 14.81
CA GLU B 227 19.19 -16.51 14.91
C GLU B 227 20.05 -16.25 13.69
N ARG B 228 20.72 -17.27 13.17
CA ARG B 228 21.69 -17.08 12.08
C ARG B 228 21.07 -16.54 10.79
N ALA B 229 19.76 -16.76 10.59
CA ALA B 229 19.07 -16.26 9.41
C ALA B 229 19.10 -14.75 9.31
N LEU B 230 19.05 -14.09 10.45
CA LEU B 230 19.09 -12.62 10.49
C LEU B 230 20.48 -12.10 10.82
N TYR B 231 21.20 -12.79 11.71
CA TYR B 231 22.42 -12.27 12.35
C TYR B 231 23.64 -13.16 12.10
N GLY B 232 24.66 -12.59 11.47
CA GLY B 232 25.91 -13.31 11.25
C GLY B 232 26.92 -12.53 10.46
N ALA B 233 28.20 -12.83 10.68
CA ALA B 233 29.29 -12.25 9.88
C ALA B 233 29.86 -13.32 8.96
N TRP B 234 30.02 -12.95 7.68
CA TRP B 234 30.33 -13.90 6.60
C TRP B 234 31.66 -13.58 5.94
N TYR B 235 32.46 -14.62 5.69
CA TYR B 235 33.73 -14.48 4.99
C TYR B 235 33.80 -15.43 3.79
N GLU B 236 34.05 -14.85 2.62
CA GLU B 236 34.18 -15.65 1.41
C GLU B 236 35.64 -15.83 1.03
N PHE B 237 36.08 -17.06 0.81
CA PHE B 237 37.39 -17.35 0.20
C PHE B 237 37.43 -18.62 -0.67
N PHE B 238 38.39 -18.67 -1.60
CA PHE B 238 38.59 -19.78 -2.52
C PHE B 238 39.63 -20.75 -1.93
N PRO B 239 39.21 -21.96 -1.55
CA PRO B 239 40.20 -22.87 -0.92
C PRO B 239 41.43 -23.17 -1.78
N ARG B 240 41.23 -23.30 -3.10
CA ARG B 240 42.35 -23.58 -4.03
C ARG B 240 43.51 -22.58 -3.96
N SER B 241 43.23 -21.35 -3.55
CA SER B 241 44.24 -20.28 -3.53
C SER B 241 45.15 -20.45 -2.33
N GLU B 242 44.73 -21.24 -1.34
CA GLU B 242 45.51 -21.42 -0.12
C GLU B 242 46.33 -22.72 -0.19
N GLY B 243 47.33 -22.72 -1.07
CA GLY B 243 48.19 -23.87 -1.28
C GLY B 243 49.59 -23.67 -0.72
N THR B 244 50.56 -24.39 -1.30
CA THR B 244 51.95 -24.36 -0.82
C THR B 244 52.88 -24.10 -2.00
N PRO B 245 54.18 -23.85 -1.71
CA PRO B 245 55.17 -23.76 -2.78
C PRO B 245 55.27 -25.04 -3.62
N HIS B 246 55.25 -26.19 -2.94
CA HIS B 246 55.36 -27.49 -3.63
C HIS B 246 54.05 -27.89 -4.33
N THR B 247 52.90 -27.44 -3.80
CA THR B 247 51.56 -27.74 -4.37
C THR B 247 50.65 -26.49 -4.38
N PRO B 248 50.79 -25.63 -5.40
CA PRO B 248 50.12 -24.30 -5.43
C PRO B 248 48.61 -24.36 -5.32
N HIS B 249 48.01 -25.38 -5.93
CA HIS B 249 46.57 -25.60 -5.83
C HIS B 249 46.28 -26.20 -4.46
N GLY B 250 45.66 -25.38 -3.60
CA GLY B 250 45.23 -25.78 -2.26
C GLY B 250 44.27 -26.93 -2.23
N THR B 251 44.20 -27.56 -1.06
CA THR B 251 43.29 -28.68 -0.79
C THR B 251 42.47 -28.33 0.42
N PHE B 252 41.44 -29.12 0.68
CA PHE B 252 40.71 -28.90 1.91
C PHE B 252 41.61 -28.95 3.16
N ARG B 253 42.66 -29.78 3.14
CA ARG B 253 43.57 -29.86 4.26
C ARG B 253 44.50 -28.67 4.41
N THR B 254 45.00 -28.09 3.32
CA THR B 254 45.80 -26.86 3.44
C THR B 254 44.91 -25.66 3.76
N ALA B 255 43.76 -25.58 3.11
CA ALA B 255 42.84 -24.46 3.30
C ALA B 255 42.28 -24.38 4.71
N ALA B 256 42.21 -25.51 5.42
CA ALA B 256 41.75 -25.51 6.82
C ALA B 256 42.65 -24.65 7.73
N ARG B 257 43.91 -24.49 7.32
CA ARG B 257 44.89 -23.73 8.09
C ARG B 257 44.51 -22.22 8.08
N ARG B 258 43.66 -21.84 7.14
CA ARG B 258 43.21 -20.46 7.05
C ARG B 258 42.04 -20.18 8.04
N LEU B 259 41.41 -21.22 8.56
CA LEU B 259 40.21 -21.04 9.41
C LEU B 259 40.50 -20.33 10.74
N PRO B 260 41.61 -20.67 11.42
CA PRO B 260 41.80 -20.01 12.73
C PRO B 260 41.80 -18.50 12.62
N ALA B 261 42.44 -17.96 11.59
CA ALA B 261 42.49 -16.52 11.41
C ALA B 261 41.12 -15.91 11.05
N ILE B 262 40.32 -16.65 10.29
CA ILE B 262 38.97 -16.22 9.97
C ILE B 262 38.12 -16.13 11.26
N ALA B 263 38.16 -17.16 12.10
CA ALA B 263 37.51 -17.14 13.42
C ALA B 263 38.06 -16.04 14.31
N ALA B 264 39.36 -15.80 14.25
CA ALA B 264 39.99 -14.76 15.09
C ALA B 264 39.51 -13.38 14.64
N MET B 265 39.07 -13.26 13.40
CA MET B 265 38.50 -12.00 12.97
C MET B 265 37.01 -11.86 13.36
N GLY B 266 36.44 -12.87 14.01
CA GLY B 266 35.08 -12.80 14.52
C GLY B 266 34.00 -13.17 13.53
N PHE B 267 34.35 -13.93 12.50
CA PHE B 267 33.34 -14.38 11.55
C PHE B 267 32.62 -15.61 12.06
N ASP B 268 31.41 -15.82 11.57
CA ASP B 268 30.59 -16.95 11.97
C ASP B 268 30.34 -17.92 10.84
N VAL B 269 30.43 -17.43 9.60
CA VAL B 269 30.11 -18.23 8.39
C VAL B 269 31.21 -18.11 7.33
N VAL B 270 31.60 -19.25 6.74
CA VAL B 270 32.57 -19.27 5.66
C VAL B 270 31.85 -19.66 4.38
N TYR B 271 31.86 -18.76 3.39
CA TYR B 271 31.21 -19.01 2.10
C TYR B 271 32.29 -19.44 1.09
N LEU B 272 32.08 -20.62 0.50
CA LEU B 272 33.00 -21.22 -0.44
C LEU B 272 32.38 -21.17 -1.81
N PRO B 273 33.12 -20.66 -2.80
CA PRO B 273 32.63 -20.81 -4.16
C PRO B 273 32.55 -22.28 -4.52
N PRO B 274 31.95 -22.61 -5.66
CA PRO B 274 31.74 -24.03 -5.95
C PRO B 274 33.02 -24.92 -5.82
N ILE B 275 32.82 -26.07 -5.19
CA ILE B 275 33.91 -26.96 -4.83
C ILE B 275 33.92 -28.23 -5.69
N HIS B 276 33.26 -28.17 -6.83
CA HIS B 276 33.11 -29.33 -7.70
C HIS B 276 34.15 -29.36 -8.81
N PRO B 277 34.18 -30.46 -9.59
CA PRO B 277 35.08 -30.46 -10.73
C PRO B 277 34.69 -29.33 -11.72
N ILE B 278 35.66 -28.92 -12.52
CA ILE B 278 35.50 -27.78 -13.40
C ILE B 278 35.76 -28.22 -14.82
N GLY B 279 34.86 -27.86 -15.73
CA GLY B 279 34.94 -28.32 -17.10
C GLY B 279 36.18 -27.83 -17.84
N THR B 280 36.46 -28.50 -18.96
CA THR B 280 37.60 -28.20 -19.86
C THR B 280 37.16 -27.53 -21.17
N THR B 281 36.04 -27.93 -21.74
CA THR B 281 35.54 -27.33 -22.99
C THR B 281 35.11 -25.88 -22.73
N HIS B 282 35.69 -24.95 -23.50
CA HIS B 282 35.47 -23.51 -23.36
C HIS B 282 35.88 -22.95 -22.00
N ARG B 283 36.80 -23.62 -21.31
CA ARG B 283 37.36 -23.12 -20.07
C ARG B 283 37.90 -21.72 -20.31
N LYS B 284 37.62 -20.79 -19.40
CA LYS B 284 38.15 -19.43 -19.51
C LYS B 284 39.56 -19.38 -18.96
N GLY B 285 40.36 -18.46 -19.54
CA GLY B 285 41.72 -18.16 -19.06
C GLY B 285 41.69 -17.00 -18.08
N ARG B 286 42.89 -16.56 -17.71
CA ARG B 286 43.10 -15.44 -16.80
C ARG B 286 42.45 -14.12 -17.29
N ASN B 287 42.01 -13.30 -16.35
CA ASN B 287 41.32 -12.02 -16.65
C ASN B 287 40.13 -12.19 -17.62
N ASN B 288 39.42 -13.30 -17.48
CA ASN B 288 38.21 -13.52 -18.27
C ASN B 288 38.50 -13.56 -19.78
N THR B 289 39.59 -14.23 -20.15
CA THR B 289 39.89 -14.47 -21.57
C THR B 289 39.19 -15.76 -22.03
N LEU B 290 38.94 -15.88 -23.32
CA LEU B 290 38.15 -17.00 -23.85
C LEU B 290 38.88 -18.35 -23.87
N SER B 291 40.20 -18.32 -24.07
CA SER B 291 40.98 -19.56 -24.20
C SER B 291 41.94 -19.83 -23.05
N ALA B 292 41.74 -20.93 -22.33
CA ALA B 292 42.65 -21.35 -21.26
C ALA B 292 43.92 -21.95 -21.84
N THR B 293 45.05 -21.71 -21.17
CA THR B 293 46.30 -22.43 -21.48
C THR B 293 46.29 -23.75 -20.71
N GLY B 294 47.38 -24.50 -20.83
CA GLY B 294 47.50 -25.80 -20.18
C GLY B 294 47.44 -25.78 -18.68
N ASP B 295 47.99 -24.76 -18.02
CA ASP B 295 48.00 -24.69 -16.55
C ASP B 295 46.74 -23.99 -15.91
N ASP B 296 46.07 -23.13 -16.67
CA ASP B 296 44.93 -22.35 -16.16
C ASP B 296 43.86 -23.20 -15.45
N VAL B 297 43.40 -22.76 -14.30
CA VAL B 297 42.56 -23.59 -13.41
C VAL B 297 41.07 -23.54 -13.73
N GLY B 298 40.67 -22.50 -14.48
CA GLY B 298 39.28 -22.28 -14.82
C GLY B 298 38.47 -21.59 -13.74
N VAL B 299 37.17 -21.42 -14.03
CA VAL B 299 36.21 -20.75 -13.14
C VAL B 299 35.41 -21.81 -12.39
N PRO B 300 35.36 -21.73 -11.05
CA PRO B 300 34.63 -22.75 -10.29
C PRO B 300 33.13 -22.89 -10.62
N TRP B 301 32.53 -21.81 -11.14
CA TRP B 301 31.11 -21.83 -11.50
C TRP B 301 30.85 -22.62 -12.79
N ALA B 302 31.90 -23.01 -13.49
CA ALA B 302 31.73 -23.83 -14.68
C ALA B 302 31.79 -25.27 -14.23
N ILE B 303 30.68 -25.74 -13.69
CA ILE B 303 30.67 -26.99 -12.93
C ILE B 303 30.52 -28.23 -13.78
N GLY B 304 31.41 -29.20 -13.56
CA GLY B 304 31.19 -30.56 -14.03
C GLY B 304 32.16 -31.06 -15.08
N SER B 305 32.58 -32.32 -14.92
CA SER B 305 33.43 -33.01 -15.88
C SER B 305 33.12 -34.52 -15.77
N PRO B 306 33.82 -35.35 -16.58
CA PRO B 306 33.70 -36.80 -16.34
C PRO B 306 34.05 -37.23 -14.90
N GLU B 307 34.88 -36.45 -14.18
CA GLU B 307 35.24 -36.73 -12.77
C GLU B 307 34.06 -36.53 -11.81
N GLY B 308 33.03 -35.81 -12.25
CA GLY B 308 31.81 -35.64 -11.46
C GLY B 308 31.07 -34.33 -11.65
N GLY B 309 29.92 -34.25 -11.00
CA GLY B 309 29.03 -33.08 -11.08
C GLY B 309 28.83 -32.43 -9.72
N HIS B 310 27.59 -32.00 -9.44
CA HIS B 310 27.31 -31.14 -8.29
C HIS B 310 27.40 -31.84 -6.96
N ASP B 311 27.43 -33.16 -6.99
CA ASP B 311 27.62 -33.96 -5.78
C ASP B 311 29.06 -34.49 -5.59
N SER B 312 30.02 -33.99 -6.37
CA SER B 312 31.42 -34.44 -6.26
C SER B 312 32.34 -33.35 -5.79
N ILE B 313 33.54 -33.76 -5.37
CA ILE B 313 34.60 -32.83 -5.00
C ILE B 313 35.64 -32.76 -6.12
N HIS B 314 36.06 -31.55 -6.49
CA HIS B 314 37.17 -31.34 -7.42
C HIS B 314 38.42 -32.12 -6.97
N PRO B 315 38.97 -32.99 -7.84
CA PRO B 315 40.08 -33.86 -7.40
C PRO B 315 41.29 -33.14 -6.79
N ALA B 316 41.58 -31.93 -7.23
CA ALA B 316 42.69 -31.20 -6.62
C ALA B 316 42.38 -30.63 -5.21
N LEU B 317 41.09 -30.61 -4.82
CA LEU B 317 40.72 -30.18 -3.46
C LEU B 317 40.81 -31.33 -2.45
N GLY B 318 40.73 -32.56 -2.96
CA GLY B 318 40.86 -33.78 -2.14
C GLY B 318 39.62 -34.65 -2.28
N THR B 319 39.26 -35.34 -1.20
CA THR B 319 38.12 -36.24 -1.18
C THR B 319 37.03 -35.73 -0.25
N LEU B 320 35.89 -36.43 -0.29
CA LEU B 320 34.78 -36.16 0.61
C LEU B 320 35.20 -36.20 2.10
N ASP B 321 36.16 -37.08 2.45
CA ASP B 321 36.68 -37.17 3.82
C ASP B 321 37.50 -35.94 4.22
N ASP B 322 38.28 -35.40 3.28
CA ASP B 322 39.01 -34.16 3.50
C ASP B 322 38.00 -33.01 3.72
N PHE B 323 36.89 -33.05 3.00
CA PHE B 323 35.82 -32.07 3.22
C PHE B 323 35.24 -32.22 4.62
N ASP B 324 35.01 -33.45 5.09
CA ASP B 324 34.44 -33.68 6.44
C ASP B 324 35.36 -33.14 7.52
N HIS B 325 36.66 -33.28 7.26
CA HIS B 325 37.70 -32.76 8.14
C HIS B 325 37.63 -31.25 8.17
N PHE B 326 37.52 -30.63 7.00
CA PHE B 326 37.38 -29.18 6.90
C PHE B 326 36.14 -28.71 7.65
N VAL B 327 35.04 -29.42 7.47
CA VAL B 327 33.80 -29.02 8.12
C VAL B 327 33.92 -29.14 9.62
N THR B 328 34.53 -30.24 10.07
CA THR B 328 34.73 -30.50 11.50
C THR B 328 35.61 -29.43 12.13
N GLU B 329 36.74 -29.10 11.49
CA GLU B 329 37.65 -28.07 12.02
C GLU B 329 37.01 -26.69 12.00
N ALA B 330 36.19 -26.40 10.99
CA ALA B 330 35.41 -25.17 11.01
C ALA B 330 34.49 -25.14 12.24
N GLY B 331 33.74 -26.22 12.45
CA GLY B 331 32.81 -26.35 13.60
C GLY B 331 33.44 -26.12 14.96
N LYS B 332 34.66 -26.63 15.16
CA LYS B 332 35.37 -26.42 16.41
C LYS B 332 35.74 -24.96 16.68
N LEU B 333 35.81 -24.17 15.62
CA LEU B 333 36.13 -22.76 15.73
C LEU B 333 34.87 -21.85 15.73
N GLY B 334 33.69 -22.45 15.69
CA GLY B 334 32.44 -21.68 15.65
C GLY B 334 32.11 -21.15 14.28
N LEU B 335 32.54 -21.88 13.25
CA LEU B 335 32.28 -21.51 11.87
C LEU B 335 31.38 -22.55 11.19
N GLU B 336 30.31 -22.05 10.56
CA GLU B 336 29.43 -22.85 9.72
C GLU B 336 29.84 -22.67 8.27
N ILE B 337 29.63 -23.69 7.46
CA ILE B 337 29.98 -23.61 6.06
C ILE B 337 28.75 -23.29 5.24
N ALA B 338 28.91 -22.36 4.29
CA ALA B 338 27.92 -22.08 3.27
C ALA B 338 28.52 -22.44 1.93
N LEU B 339 27.89 -23.36 1.22
CA LEU B 339 28.35 -23.72 -0.12
C LEU B 339 27.55 -22.97 -1.14
N ASP B 340 28.18 -22.72 -2.27
CA ASP B 340 27.53 -22.15 -3.38
C ASP B 340 26.75 -23.24 -4.11
N PHE B 341 25.47 -23.03 -4.38
CA PHE B 341 24.68 -23.90 -5.26
C PHE B 341 24.34 -23.15 -6.55
N ALA B 342 24.99 -23.53 -7.64
CA ALA B 342 24.82 -22.90 -8.94
C ALA B 342 24.24 -23.88 -9.94
N LEU B 343 22.97 -23.72 -10.27
CA LEU B 343 22.27 -24.66 -11.13
C LEU B 343 22.48 -24.29 -12.61
N GLN B 344 23.60 -24.83 -13.13
CA GLN B 344 24.12 -24.61 -14.47
C GLN B 344 25.27 -25.64 -14.68
N CYS B 345 25.82 -25.75 -15.89
CA CYS B 345 26.72 -26.87 -16.26
C CYS B 345 27.78 -26.40 -17.23
N SER B 346 29.00 -26.91 -17.06
CA SER B 346 29.96 -26.85 -18.12
C SER B 346 29.45 -27.82 -19.20
N PRO B 347 29.93 -27.63 -20.45
CA PRO B 347 29.60 -28.58 -21.53
C PRO B 347 30.09 -30.01 -21.29
N ASP B 348 30.98 -30.19 -20.32
CA ASP B 348 31.51 -31.55 -20.01
C ASP B 348 30.76 -32.21 -18.85
N HIS B 349 29.81 -31.49 -18.24
CA HIS B 349 29.00 -32.04 -17.17
C HIS B 349 28.21 -33.25 -17.70
N PRO B 350 28.16 -34.33 -16.92
CA PRO B 350 27.44 -35.57 -17.30
C PRO B 350 25.95 -35.38 -17.68
N TRP B 351 25.26 -34.42 -17.04
CA TRP B 351 23.86 -34.06 -17.39
C TRP B 351 23.68 -33.73 -18.87
N VAL B 352 24.71 -33.19 -19.48
CA VAL B 352 24.61 -32.73 -20.86
C VAL B 352 24.18 -33.89 -21.77
N HIS B 353 24.67 -35.11 -21.50
CA HIS B 353 24.23 -36.29 -22.27
C HIS B 353 23.20 -37.17 -21.53
N LYS B 354 23.24 -37.25 -20.20
CA LYS B 354 22.26 -38.06 -19.47
C LYS B 354 20.86 -37.43 -19.46
N HIS B 355 20.77 -36.11 -19.49
CA HIS B 355 19.47 -35.42 -19.42
C HIS B 355 19.43 -34.27 -20.44
N PRO B 356 19.42 -34.60 -21.73
CA PRO B 356 19.41 -33.53 -22.71
C PRO B 356 18.24 -32.56 -22.57
N GLU B 357 17.11 -33.05 -22.07
CA GLU B 357 15.89 -32.25 -21.94
C GLU B 357 15.97 -31.17 -20.86
N TRP B 358 17.06 -31.16 -20.08
CA TRP B 358 17.32 -30.12 -19.11
C TRP B 358 18.02 -28.91 -19.72
N PHE B 359 18.08 -28.86 -21.05
CA PHE B 359 18.74 -27.76 -21.77
C PHE B 359 17.93 -27.41 -22.96
N HIS B 360 18.01 -26.16 -23.36
CA HIS B 360 17.37 -25.66 -24.57
C HIS B 360 18.34 -25.77 -25.73
N HIS B 361 17.91 -26.52 -26.74
CA HIS B 361 18.71 -26.73 -27.93
C HIS B 361 18.17 -25.93 -29.10
N ARG B 362 19.09 -25.46 -29.93
CA ARG B 362 18.75 -24.69 -31.11
C ARG B 362 18.56 -25.66 -32.27
N PRO B 363 18.06 -25.15 -33.41
CA PRO B 363 17.70 -26.10 -34.47
C PRO B 363 18.80 -27.04 -34.94
N ASP B 364 20.08 -26.68 -34.76
CA ASP B 364 21.16 -27.56 -35.18
C ASP B 364 21.64 -28.47 -34.05
N GLY B 365 20.90 -28.48 -32.94
CA GLY B 365 21.27 -29.31 -31.81
C GLY B 365 22.25 -28.70 -30.80
N THR B 366 22.79 -27.52 -31.09
CA THR B 366 23.69 -26.87 -30.11
C THR B 366 22.93 -26.15 -28.98
N ILE B 367 23.65 -25.94 -27.88
CA ILE B 367 23.14 -25.22 -26.73
C ILE B 367 23.92 -23.92 -26.60
N ALA B 368 23.17 -22.82 -26.53
CA ALA B 368 23.73 -21.50 -26.38
C ALA B 368 24.29 -21.34 -24.99
N HIS B 369 25.49 -20.80 -24.89
CA HIS B 369 26.04 -20.48 -23.59
C HIS B 369 25.19 -19.46 -22.83
N ALA B 370 25.29 -19.48 -21.52
CA ALA B 370 24.57 -18.58 -20.65
C ALA B 370 25.10 -17.14 -20.75
N GLU B 371 24.21 -16.20 -20.48
CA GLU B 371 24.48 -14.76 -20.54
C GLU B 371 23.75 -14.04 -19.39
N ASN B 372 24.21 -12.84 -19.08
CA ASN B 372 23.56 -11.94 -18.11
C ASN B 372 23.89 -10.52 -18.56
N PRO B 373 23.27 -10.06 -19.68
CA PRO B 373 23.72 -8.87 -20.41
C PRO B 373 24.17 -7.67 -19.54
N PRO B 374 25.34 -7.07 -19.86
CA PRO B 374 26.23 -7.38 -21.00
C PRO B 374 27.24 -8.52 -20.76
N LYS B 375 27.16 -9.20 -19.60
CA LYS B 375 28.12 -10.26 -19.27
C LYS B 375 27.81 -11.56 -20.05
N LYS B 376 28.86 -12.21 -20.53
CA LYS B 376 28.74 -13.48 -21.22
C LYS B 376 29.46 -14.61 -20.46
N TYR B 377 28.83 -15.78 -20.43
CA TYR B 377 29.40 -16.93 -19.77
C TYR B 377 29.68 -18.09 -20.75
N GLN B 378 30.64 -17.88 -21.66
CA GLN B 378 30.96 -18.86 -22.71
C GLN B 378 31.31 -20.26 -22.19
N ASP B 379 31.71 -20.34 -20.92
CA ASP B 379 32.10 -21.61 -20.31
C ASP B 379 30.96 -22.41 -19.69
N ILE B 380 29.74 -21.91 -19.73
CA ILE B 380 28.61 -22.68 -19.19
C ILE B 380 27.34 -22.71 -20.04
N TYR B 381 26.51 -23.72 -19.79
CA TYR B 381 25.17 -23.80 -20.36
C TYR B 381 24.12 -23.51 -19.27
N PRO B 382 23.04 -22.79 -19.61
CA PRO B 382 21.93 -22.65 -18.66
C PRO B 382 21.01 -23.83 -18.71
N ILE B 383 20.27 -24.03 -17.61
CA ILE B 383 19.29 -25.09 -17.50
C ILE B 383 17.94 -24.62 -18.02
N ALA B 384 17.25 -25.48 -18.78
CA ALA B 384 15.86 -25.22 -19.21
C ALA B 384 14.95 -26.00 -18.27
N PHE B 385 13.78 -25.44 -17.94
CA PHE B 385 12.94 -26.00 -16.87
C PHE B 385 11.59 -26.55 -17.31
N ASP B 386 11.22 -26.40 -18.57
CA ASP B 386 9.83 -26.71 -18.99
C ASP B 386 9.61 -28.06 -19.70
N ALA B 387 10.67 -28.86 -19.82
CA ALA B 387 10.51 -30.20 -20.35
C ALA B 387 10.39 -31.22 -19.22
N ASP B 388 11.17 -31.07 -18.16
CA ASP B 388 11.19 -32.04 -17.03
C ASP B 388 11.38 -31.33 -15.67
N PRO B 389 10.40 -30.50 -15.28
CA PRO B 389 10.53 -29.74 -14.03
C PRO B 389 10.59 -30.67 -12.81
N ASP B 390 9.88 -31.80 -12.87
CA ASP B 390 9.87 -32.75 -11.76
C ASP B 390 11.24 -33.38 -11.54
N GLY B 391 11.92 -33.76 -12.63
CA GLY B 391 13.23 -34.41 -12.51
C GLY B 391 14.27 -33.46 -11.94
N LEU B 392 14.24 -32.20 -12.38
CA LEU B 392 15.16 -31.18 -11.91
C LEU B 392 14.94 -30.86 -10.45
N ALA B 393 13.68 -30.87 -10.02
CA ALA B 393 13.38 -30.57 -8.62
C ALA B 393 13.91 -31.70 -7.75
N THR B 394 13.56 -32.92 -8.12
CA THR B 394 13.98 -34.14 -7.41
C THR B 394 15.51 -34.25 -7.29
N GLU B 395 16.23 -33.87 -8.35
CA GLU B 395 17.68 -33.99 -8.37
C GLU B 395 18.31 -32.87 -7.56
N THR B 396 17.71 -31.68 -7.62
CA THR B 396 18.21 -30.54 -6.89
C THR B 396 18.14 -30.81 -5.39
N VAL B 397 17.01 -31.28 -4.88
CA VAL B 397 16.91 -31.60 -3.44
C VAL B 397 17.81 -32.77 -3.06
N ARG B 398 18.00 -33.74 -3.95
CA ARG B 398 18.94 -34.85 -3.68
C ARG B 398 20.34 -34.30 -3.41
N ILE B 399 20.75 -33.33 -4.22
CA ILE B 399 22.08 -32.75 -4.13
C ILE B 399 22.24 -31.91 -2.86
N LEU B 400 21.24 -31.10 -2.55
CA LEU B 400 21.26 -30.33 -1.32
C LEU B 400 21.23 -31.27 -0.10
N ARG B 401 20.43 -32.32 -0.12
CA ARG B 401 20.43 -33.29 1.01
C ARG B 401 21.78 -34.01 1.18
N HIS B 402 22.51 -34.18 0.08
CA HIS B 402 23.83 -34.77 0.16
C HIS B 402 24.76 -33.87 1.00
N TRP B 403 24.81 -32.59 0.65
CA TRP B 403 25.70 -31.68 1.33
C TRP B 403 25.25 -31.45 2.77
N MET B 404 23.94 -31.42 2.98
CA MET B 404 23.36 -31.38 4.34
C MET B 404 23.79 -32.57 5.21
N ASP B 405 23.92 -33.75 4.62
CA ASP B 405 24.40 -34.94 5.37
C ASP B 405 25.86 -34.77 5.78
N HIS B 406 26.56 -33.89 5.08
CA HIS B 406 27.92 -33.60 5.44
C HIS B 406 28.08 -32.28 6.19
N GLY B 407 27.02 -31.83 6.86
CA GLY B 407 27.10 -30.70 7.80
C GLY B 407 27.03 -29.30 7.20
N VAL B 408 26.61 -29.19 5.94
CA VAL B 408 26.33 -27.88 5.35
C VAL B 408 24.86 -27.52 5.56
N ARG B 409 24.59 -26.47 6.34
CA ARG B 409 23.22 -26.07 6.64
C ARG B 409 22.87 -24.71 6.04
N ILE B 410 23.71 -24.21 5.12
CA ILE B 410 23.55 -22.91 4.50
C ILE B 410 23.97 -22.98 3.04
N PHE B 411 23.17 -22.44 2.14
CA PHE B 411 23.48 -22.42 0.70
C PHE B 411 23.31 -21.04 0.14
N ARG B 412 24.34 -20.58 -0.58
CA ARG B 412 24.22 -19.39 -1.38
C ARG B 412 23.77 -19.88 -2.73
N VAL B 413 22.60 -19.43 -3.17
CA VAL B 413 22.06 -19.85 -4.43
C VAL B 413 22.45 -18.82 -5.47
N ASP B 414 23.24 -19.26 -6.46
CA ASP B 414 23.83 -18.36 -7.46
C ASP B 414 22.79 -18.01 -8.53
N ASN B 415 22.70 -16.71 -8.85
CA ASN B 415 21.74 -16.16 -9.83
C ASN B 415 20.37 -16.82 -9.83
N PRO B 416 19.67 -16.74 -8.71
CA PRO B 416 18.40 -17.43 -8.66
C PRO B 416 17.36 -16.87 -9.67
N HIS B 417 17.55 -15.61 -10.04
CA HIS B 417 16.65 -14.91 -10.92
C HIS B 417 16.69 -15.33 -12.39
N THR B 418 17.59 -16.25 -12.74
CA THR B 418 17.59 -16.87 -14.07
C THR B 418 16.97 -18.27 -14.08
N LYS B 419 16.45 -18.71 -12.94
CA LYS B 419 15.70 -19.97 -12.84
C LYS B 419 14.30 -19.59 -12.34
N PRO B 420 13.29 -20.41 -12.63
CA PRO B 420 11.93 -19.98 -12.29
C PRO B 420 11.67 -19.75 -10.80
N VAL B 421 10.90 -18.69 -10.52
CA VAL B 421 10.58 -18.30 -9.14
C VAL B 421 9.91 -19.47 -8.41
N ALA B 422 8.98 -20.12 -9.10
CA ALA B 422 8.21 -21.20 -8.51
C ALA B 422 9.07 -22.45 -8.26
N PHE B 423 10.12 -22.61 -9.04
CA PHE B 423 11.04 -23.72 -8.81
C PHE B 423 11.71 -23.50 -7.46
N TRP B 424 12.19 -22.29 -7.21
CA TRP B 424 12.79 -22.07 -5.88
C TRP B 424 11.76 -22.21 -4.75
N GLU B 425 10.54 -21.74 -4.99
CA GLU B 425 9.50 -21.85 -3.97
C GLU B 425 9.29 -23.32 -3.56
N ARG B 426 9.23 -24.18 -4.55
CA ARG B 426 9.05 -25.62 -4.36
C ARG B 426 10.27 -26.25 -3.66
N VAL B 427 11.46 -25.96 -4.17
CA VAL B 427 12.67 -26.54 -3.62
C VAL B 427 12.86 -26.16 -2.17
N ILE B 428 12.73 -24.88 -1.85
CA ILE B 428 12.91 -24.41 -0.47
C ILE B 428 11.87 -25.00 0.49
N ALA B 429 10.62 -25.14 0.04
CA ALA B 429 9.57 -25.77 0.87
C ALA B 429 9.83 -27.28 1.10
N ASP B 430 10.36 -27.98 0.10
CA ASP B 430 10.74 -29.37 0.26
C ASP B 430 11.88 -29.52 1.30
N ILE B 431 12.95 -28.75 1.13
CA ILE B 431 14.08 -28.83 2.07
C ILE B 431 13.69 -28.36 3.48
N ASN B 432 13.03 -27.21 3.58
CA ASN B 432 12.70 -26.70 4.90
C ASN B 432 11.62 -27.53 5.63
N GLY B 433 10.88 -28.37 4.91
CA GLY B 433 9.86 -29.22 5.53
C GLY B 433 10.44 -30.36 6.37
N THR B 434 11.57 -30.94 5.95
CA THR B 434 12.31 -31.88 6.77
C THR B 434 13.40 -31.20 7.63
N ASP B 435 13.99 -30.11 7.13
CA ASP B 435 15.16 -29.47 7.75
C ASP B 435 15.01 -27.95 7.79
N PRO B 436 14.24 -27.47 8.76
CA PRO B 436 13.85 -26.06 8.76
C PRO B 436 14.98 -25.10 9.19
N ASP B 437 16.09 -25.67 9.69
CA ASP B 437 17.28 -24.89 10.04
C ASP B 437 18.13 -24.49 8.82
N VAL B 438 17.87 -25.10 7.66
CA VAL B 438 18.63 -24.78 6.45
C VAL B 438 18.27 -23.38 6.00
N ILE B 439 19.32 -22.60 5.72
CA ILE B 439 19.23 -21.22 5.29
C ILE B 439 19.67 -21.06 3.82
N PHE B 440 18.86 -20.38 3.02
CA PHE B 440 19.19 -20.10 1.65
C PHE B 440 19.36 -18.61 1.48
N LEU B 441 20.37 -18.22 0.70
CA LEU B 441 20.71 -16.82 0.42
C LEU B 441 20.63 -16.53 -1.07
N ALA B 442 19.79 -15.58 -1.46
CA ALA B 442 19.54 -15.30 -2.86
C ALA B 442 20.58 -14.32 -3.39
N ALA B 443 21.44 -14.79 -4.30
CA ALA B 443 22.48 -13.96 -4.92
C ALA B 443 21.96 -13.31 -6.19
N ALA B 444 20.96 -12.45 -6.04
CA ALA B 444 20.29 -11.83 -7.16
C ALA B 444 20.47 -10.34 -7.09
N PHE B 445 21.20 -9.78 -8.05
CA PHE B 445 21.35 -8.35 -8.18
C PHE B 445 20.57 -8.03 -9.42
N THR B 446 19.31 -7.62 -9.25
CA THR B 446 18.40 -7.43 -10.37
C THR B 446 17.36 -6.38 -10.04
N ARG B 447 16.21 -6.40 -10.74
CA ARG B 447 15.19 -5.39 -10.49
C ARG B 447 14.44 -5.68 -9.16
N PRO B 448 13.90 -4.64 -8.53
CA PRO B 448 13.24 -4.76 -7.20
C PRO B 448 12.13 -5.82 -7.08
N ALA B 449 11.29 -5.96 -8.09
CA ALA B 449 10.17 -6.89 -8.01
C ALA B 449 10.63 -8.33 -7.84
N MET B 450 11.61 -8.74 -8.64
CA MET B 450 12.18 -10.09 -8.54
C MET B 450 12.92 -10.27 -7.22
N MET B 451 13.70 -9.28 -6.79
CA MET B 451 14.39 -9.39 -5.49
C MET B 451 13.43 -9.56 -4.30
N ALA B 452 12.35 -8.80 -4.30
CA ALA B 452 11.35 -8.93 -3.24
C ALA B 452 10.61 -10.25 -3.37
N THR B 453 10.27 -10.66 -4.59
CA THR B 453 9.53 -11.90 -4.76
C THR B 453 10.32 -13.12 -4.27
N LEU B 454 11.61 -13.16 -4.54
CA LEU B 454 12.44 -14.28 -4.09
C LEU B 454 12.42 -14.42 -2.59
N ALA B 455 12.55 -13.31 -1.90
CA ALA B 455 12.51 -13.32 -0.44
C ALA B 455 11.13 -13.77 0.04
N GLN B 456 10.09 -13.24 -0.53
CA GLN B 456 8.72 -13.63 -0.14
C GLN B 456 8.40 -15.11 -0.33
N ILE B 457 9.01 -15.76 -1.33
CA ILE B 457 8.70 -17.16 -1.58
C ILE B 457 9.53 -18.10 -0.79
N GLY B 458 10.43 -17.59 0.07
CA GLY B 458 11.13 -18.44 1.02
C GLY B 458 12.60 -18.19 1.29
N PHE B 459 13.28 -17.47 0.43
CA PHE B 459 14.70 -17.18 0.67
C PHE B 459 14.92 -16.47 1.99
N GLN B 460 15.61 -17.14 2.91
CA GLN B 460 15.89 -16.59 4.22
C GLN B 460 16.64 -15.29 4.18
N GLN B 461 17.52 -15.14 3.20
CA GLN B 461 18.43 -14.01 3.11
C GLN B 461 18.52 -13.54 1.68
N SER B 462 18.86 -12.26 1.49
CA SER B 462 18.99 -11.67 0.14
C SER B 462 20.23 -10.78 0.08
N TYR B 463 20.96 -10.85 -1.03
CA TYR B 463 21.92 -9.83 -1.37
C TYR B 463 21.13 -8.56 -1.76
N THR B 464 21.82 -7.43 -1.67
CA THR B 464 21.18 -6.11 -1.75
C THR B 464 21.91 -5.18 -2.73
N TYR B 465 21.39 -3.97 -2.84
CA TYR B 465 22.10 -2.93 -3.56
C TYR B 465 23.17 -2.20 -2.69
N PHE B 466 23.54 -2.73 -1.53
CA PHE B 466 24.52 -2.04 -0.61
C PHE B 466 25.73 -1.41 -1.35
N THR B 467 26.44 -2.18 -2.19
CA THR B 467 27.70 -1.67 -2.80
C THR B 467 27.53 -0.42 -3.67
N TRP B 468 26.32 -0.18 -4.14
CA TRP B 468 26.00 1.01 -4.97
C TRP B 468 25.24 2.08 -4.18
N ARG B 469 25.28 1.98 -2.86
CA ARG B 469 24.76 3.05 -2.00
C ARG B 469 25.91 3.56 -1.16
N ASN B 470 26.49 4.70 -1.58
CA ASN B 470 27.71 5.26 -0.96
C ASN B 470 27.62 6.67 -0.42
N THR B 471 26.79 7.52 -1.03
CA THR B 471 26.56 8.86 -0.47
C THR B 471 25.60 8.73 0.70
N LYS B 472 25.50 9.79 1.50
CA LYS B 472 24.65 9.83 2.68
C LYS B 472 23.17 9.72 2.30
N GLN B 473 22.76 10.43 1.26
CA GLN B 473 21.39 10.33 0.80
C GLN B 473 21.06 8.90 0.33
N GLU B 474 21.98 8.27 -0.40
CA GLU B 474 21.76 6.91 -0.89
C GLU B 474 21.64 5.93 0.27
N LEU B 475 22.49 6.07 1.28
CA LEU B 475 22.47 5.12 2.40
C LEU B 475 21.21 5.30 3.24
N THR B 476 20.88 6.54 3.51
CA THR B 476 19.70 6.90 4.32
C THR B 476 18.43 6.37 3.64
N GLU B 477 18.25 6.71 2.37
CA GLU B 477 17.08 6.21 1.62
C GLU B 477 17.00 4.68 1.59
N TYR B 478 18.11 4.02 1.28
CA TYR B 478 18.09 2.58 1.11
C TYR B 478 17.82 1.84 2.41
N LEU B 479 18.49 2.25 3.48
CA LEU B 479 18.34 1.57 4.77
C LEU B 479 16.99 1.85 5.40
N THR B 480 16.43 3.02 5.13
CA THR B 480 15.07 3.30 5.56
C THR B 480 14.11 2.27 4.91
N GLU B 481 14.34 1.93 3.66
CA GLU B 481 13.53 0.91 2.97
C GLU B 481 13.74 -0.48 3.61
N LEU B 482 15.00 -0.90 3.75
CA LEU B 482 15.24 -2.25 4.26
C LEU B 482 14.79 -2.47 5.70
N SER B 483 14.96 -1.46 6.56
CA SER B 483 14.56 -1.54 7.96
C SER B 483 13.08 -1.25 8.20
N GLY B 484 12.36 -0.81 7.17
CA GLY B 484 10.91 -0.59 7.22
C GLY B 484 10.09 -1.84 6.89
N GLU B 485 9.13 -1.70 5.98
CA GLU B 485 8.17 -2.79 5.69
C GLU B 485 8.82 -4.01 5.05
N ALA B 486 9.85 -3.80 4.23
CA ALA B 486 10.54 -4.92 3.61
C ALA B 486 11.12 -5.93 4.62
N ALA B 487 11.30 -5.53 5.86
CA ALA B 487 11.89 -6.37 6.86
C ALA B 487 10.96 -7.47 7.35
N SER B 488 9.67 -7.39 7.00
CA SER B 488 8.76 -8.51 7.29
C SER B 488 8.94 -9.72 6.38
N TYR B 489 9.72 -9.58 5.30
CA TYR B 489 9.95 -10.69 4.35
C TYR B 489 11.39 -10.85 3.83
N MET B 490 12.30 -9.92 4.16
CA MET B 490 13.64 -9.90 3.62
C MET B 490 14.64 -9.63 4.71
N ARG B 491 15.71 -10.43 4.71
CA ARG B 491 16.82 -10.24 5.61
C ARG B 491 18.05 -9.96 4.74
N PRO B 492 18.68 -8.80 4.92
CA PRO B 492 19.74 -8.41 4.01
C PRO B 492 21.11 -8.89 4.44
N ASN B 493 21.92 -9.27 3.46
CA ASN B 493 23.32 -9.62 3.69
C ASN B 493 24.22 -8.59 2.97
N PHE B 494 24.84 -7.71 3.78
CA PHE B 494 25.71 -6.63 3.30
C PHE B 494 27.18 -7.07 3.10
N PHE B 495 27.48 -7.56 1.92
CA PHE B 495 28.85 -7.83 1.48
C PHE B 495 29.37 -6.51 0.99
N ALA B 496 30.46 -6.04 1.60
CA ALA B 496 31.08 -4.77 1.20
C ALA B 496 31.84 -4.89 -0.13
N ASN B 497 32.25 -6.11 -0.44
CA ASN B 497 32.75 -6.42 -1.78
C ASN B 497 32.39 -7.85 -2.11
N THR B 498 32.50 -8.21 -3.40
CA THR B 498 32.40 -9.61 -3.83
C THR B 498 33.40 -9.83 -4.98
N PRO B 499 33.65 -11.09 -5.36
CA PRO B 499 34.58 -11.32 -6.49
C PRO B 499 34.15 -10.60 -7.77
N ASP B 500 32.89 -10.17 -7.85
CA ASP B 500 32.37 -9.45 -9.01
C ASP B 500 32.18 -7.94 -8.82
N ILE B 501 32.42 -7.43 -7.61
CA ILE B 501 32.14 -6.03 -7.29
C ILE B 501 33.22 -5.37 -6.45
N LEU B 502 34.05 -4.59 -7.14
CA LEU B 502 35.00 -3.68 -6.56
C LEU B 502 34.53 -2.29 -6.96
N HIS B 503 33.74 -1.64 -6.10
CA HIS B 503 33.15 -0.35 -6.42
C HIS B 503 34.20 0.77 -6.55
N ALA B 504 33.90 1.72 -7.43
CA ALA B 504 34.78 2.88 -7.67
C ALA B 504 35.12 3.66 -6.38
N TYR B 505 34.24 3.58 -5.37
CA TYR B 505 34.47 4.21 -4.06
C TYR B 505 35.72 3.63 -3.41
N LEU B 506 35.91 2.32 -3.54
CA LEU B 506 37.07 1.64 -2.98
C LEU B 506 38.30 1.88 -3.87
N GLN B 507 38.08 1.84 -5.18
CA GLN B 507 39.15 2.15 -6.15
C GLN B 507 39.80 3.52 -5.93
N HIS B 508 38.98 4.57 -5.80
CA HIS B 508 39.50 5.93 -5.64
C HIS B 508 39.85 6.26 -4.19
N GLY B 509 39.24 5.59 -3.23
CA GLY B 509 39.35 5.99 -1.82
C GLY B 509 40.51 5.37 -1.04
N GLY B 510 41.00 4.24 -1.53
CA GLY B 510 42.08 3.53 -0.85
C GLY B 510 41.63 2.95 0.47
N ARG B 511 42.60 2.69 1.35
CA ARG B 511 42.32 2.04 2.63
C ARG B 511 41.23 2.76 3.47
N PRO B 512 41.33 4.09 3.61
CA PRO B 512 40.28 4.84 4.32
C PRO B 512 38.85 4.53 3.84
N ALA B 513 38.67 4.28 2.55
CA ALA B 513 37.36 3.85 2.01
C ALA B 513 37.00 2.45 2.48
N PHE B 514 37.96 1.55 2.53
CA PHE B 514 37.71 0.19 3.02
C PHE B 514 37.24 0.19 4.45
N GLU B 515 37.82 1.08 5.24
CA GLU B 515 37.46 1.24 6.65
C GLU B 515 36.01 1.74 6.81
N VAL B 516 35.65 2.75 6.03
CA VAL B 516 34.31 3.31 6.05
C VAL B 516 33.26 2.28 5.68
N ARG B 517 33.47 1.56 4.58
CA ARG B 517 32.49 0.56 4.15
C ARG B 517 32.36 -0.60 5.14
N ALA B 518 33.43 -0.94 5.83
CA ALA B 518 33.36 -2.01 6.82
C ALA B 518 32.51 -1.57 8.02
N VAL B 519 32.73 -0.33 8.48
CA VAL B 519 31.98 0.20 9.59
C VAL B 519 30.49 0.27 9.26
N LEU B 520 30.18 0.92 8.14
CA LEU B 520 28.81 0.98 7.60
C LEU B 520 28.14 -0.40 7.50
N ALA B 521 28.81 -1.36 6.89
CA ALA B 521 28.18 -2.66 6.63
C ALA B 521 27.91 -3.41 7.94
N ALA B 522 28.86 -3.30 8.85
CA ALA B 522 28.82 -4.03 10.11
C ALA B 522 27.80 -3.45 11.09
N THR B 523 27.51 -2.15 10.94
CA THR B 523 26.62 -1.47 11.89
C THR B 523 25.20 -1.27 11.38
N LEU B 524 25.03 -1.28 10.06
CA LEU B 524 23.73 -1.09 9.43
C LEU B 524 22.96 -2.38 9.16
N SER B 525 23.62 -3.51 9.01
CA SER B 525 22.88 -4.78 8.91
C SER B 525 23.39 -5.77 9.93
N PRO B 526 22.49 -6.58 10.49
CA PRO B 526 22.95 -7.64 11.39
C PRO B 526 23.63 -8.81 10.68
N THR B 527 23.53 -8.89 9.36
CA THR B 527 24.36 -9.82 8.59
C THR B 527 25.22 -9.02 7.60
N TRP B 528 26.52 -9.26 7.63
CA TRP B 528 27.43 -8.59 6.69
C TRP B 528 28.54 -9.55 6.36
N GLY B 529 29.30 -9.19 5.33
CA GLY B 529 30.42 -10.02 4.95
C GLY B 529 31.41 -9.36 4.03
N ILE B 530 32.51 -10.06 3.82
CA ILE B 530 33.56 -9.61 2.92
C ILE B 530 34.11 -10.79 2.16
N TYR B 531 34.73 -10.49 1.01
CA TYR B 531 35.45 -11.45 0.18
C TYR B 531 36.95 -11.23 0.40
N SER B 532 37.65 -12.31 0.77
CA SER B 532 39.10 -12.33 1.04
C SER B 532 39.85 -11.43 0.12
N GLY B 533 40.76 -10.64 0.70
CA GLY B 533 41.47 -9.59 -0.01
C GLY B 533 40.97 -8.21 0.36
N TYR B 534 39.72 -8.14 0.81
CA TYR B 534 39.14 -6.89 1.28
C TYR B 534 40.01 -6.30 2.41
N GLU B 535 40.43 -7.15 3.35
CA GLU B 535 41.33 -6.77 4.46
C GLU B 535 42.58 -6.06 3.98
N LEU B 536 43.08 -6.44 2.79
CA LEU B 536 44.37 -5.93 2.31
C LEU B 536 44.17 -4.72 1.41
N CYS B 537 42.93 -4.29 1.30
CA CYS B 537 42.60 -3.14 0.49
C CYS B 537 43.00 -3.36 -0.96
N GLU B 538 42.83 -4.59 -1.45
CA GLU B 538 42.96 -4.88 -2.89
C GLU B 538 41.94 -4.05 -3.66
N ASN B 539 42.40 -3.18 -4.54
CA ASN B 539 41.50 -2.25 -5.21
C ASN B 539 41.96 -1.83 -6.57
N THR B 540 42.73 -2.69 -7.24
CA THR B 540 43.13 -2.46 -8.59
C THR B 540 42.05 -3.07 -9.50
N PRO B 541 41.39 -2.22 -10.31
CA PRO B 541 40.37 -2.70 -11.24
C PRO B 541 40.96 -3.25 -12.54
N LEU B 542 40.16 -4.01 -13.26
CA LEU B 542 40.54 -4.54 -14.56
C LEU B 542 40.83 -3.40 -15.54
N ARG B 543 40.02 -2.35 -15.48
CA ARG B 543 40.27 -1.12 -16.25
C ARG B 543 39.44 0.01 -15.61
N GLU B 544 39.63 1.24 -16.08
CA GLU B 544 38.82 2.36 -15.60
C GLU B 544 37.34 2.14 -15.97
N GLY B 545 36.45 2.30 -15.00
CA GLY B 545 35.01 2.18 -15.24
C GLY B 545 34.49 0.76 -15.16
N SER B 546 35.30 -0.14 -14.60
CA SER B 546 34.90 -1.53 -14.41
C SER B 546 34.80 -1.79 -12.92
N GLU B 547 33.96 -2.76 -12.53
CA GLU B 547 33.90 -3.22 -11.16
C GLU B 547 34.54 -4.61 -10.99
N GLU B 548 35.20 -5.11 -12.03
CA GLU B 548 36.01 -6.33 -11.92
C GLU B 548 37.38 -6.03 -11.29
N TYR B 549 37.89 -6.96 -10.50
CA TYR B 549 39.28 -6.93 -10.06
C TYR B 549 40.23 -7.28 -11.21
N LEU B 550 41.40 -6.66 -11.26
CA LEU B 550 42.47 -7.10 -12.15
C LEU B 550 43.02 -8.44 -11.65
N ASP B 551 43.31 -9.35 -12.58
CA ASP B 551 43.82 -10.68 -12.25
C ASP B 551 42.88 -11.37 -11.28
N SER B 552 41.61 -11.36 -11.62
CA SER B 552 40.58 -11.85 -10.70
C SER B 552 40.83 -13.29 -10.25
N GLU B 553 40.58 -13.55 -8.98
CA GLU B 553 40.71 -14.90 -8.39
C GLU B 553 39.77 -15.96 -9.03
N LYS B 554 38.72 -15.50 -9.70
CA LYS B 554 37.81 -16.41 -10.37
C LYS B 554 38.50 -17.23 -11.48
N TYR B 555 39.55 -16.67 -12.08
CA TYR B 555 40.25 -17.25 -13.24
C TYR B 555 41.68 -17.71 -12.93
N GLN B 556 42.16 -17.49 -11.71
CA GLN B 556 43.53 -17.87 -11.35
C GLN B 556 43.71 -18.08 -9.85
N LEU B 557 44.75 -18.86 -9.52
CA LEU B 557 45.16 -19.03 -8.13
C LEU B 557 45.67 -17.69 -7.67
N LYS B 558 45.32 -17.31 -6.44
CA LYS B 558 45.73 -16.03 -5.96
C LYS B 558 46.34 -16.16 -4.58
N PRO B 559 47.56 -16.69 -4.51
CA PRO B 559 48.16 -16.85 -3.18
C PRO B 559 48.36 -15.48 -2.53
N ARG B 560 48.14 -15.39 -1.22
CA ARG B 560 48.34 -14.13 -0.49
C ARG B 560 49.27 -14.36 0.71
N ASP B 561 50.22 -13.46 0.91
CA ASP B 561 51.13 -13.54 2.04
C ASP B 561 50.47 -12.87 3.27
N TRP B 562 49.57 -13.62 3.92
CA TRP B 562 48.86 -13.15 5.12
C TRP B 562 49.81 -12.76 6.27
N THR B 563 50.83 -13.57 6.50
CA THR B 563 51.77 -13.33 7.61
C THR B 563 52.53 -12.02 7.43
N ARG B 564 52.92 -11.73 6.19
CA ARG B 564 53.60 -10.50 5.86
C ARG B 564 52.66 -9.31 6.08
N ALA B 565 51.44 -9.37 5.56
CA ALA B 565 50.50 -8.25 5.71
C ALA B 565 50.23 -7.92 7.18
N ALA B 566 50.12 -8.96 8.01
CA ALA B 566 49.92 -8.79 9.43
C ALA B 566 51.13 -8.11 10.08
N ARG B 567 52.32 -8.62 9.80
CA ARG B 567 53.57 -8.08 10.34
C ARG B 567 53.77 -6.63 9.90
N GLU B 568 53.38 -6.28 8.68
CA GLU B 568 53.65 -4.93 8.13
C GLU B 568 52.50 -3.92 8.36
N GLY B 569 51.40 -4.38 8.99
CA GLY B 569 50.29 -3.51 9.33
C GLY B 569 49.44 -3.07 8.15
N THR B 570 49.61 -3.74 7.02
CA THR B 570 48.95 -3.34 5.78
C THR B 570 47.58 -4.02 5.60
N THR B 571 47.02 -4.55 6.68
CA THR B 571 45.69 -5.18 6.67
C THR B 571 44.76 -4.45 7.64
N ILE B 572 43.47 -4.34 7.30
CA ILE B 572 42.47 -3.84 8.26
C ILE B 572 41.80 -4.93 9.06
N ALA B 573 42.41 -6.11 9.09
CA ALA B 573 41.95 -7.17 9.97
C ALA B 573 41.65 -6.73 11.41
N PRO B 574 42.49 -5.86 12.02
CA PRO B 574 42.17 -5.42 13.38
C PRO B 574 40.84 -4.71 13.51
N LEU B 575 40.55 -3.81 12.57
CA LEU B 575 39.29 -3.10 12.56
C LEU B 575 38.12 -4.07 12.42
N VAL B 576 38.23 -4.99 11.46
CA VAL B 576 37.21 -5.98 11.22
C VAL B 576 36.96 -6.77 12.49
N THR B 577 38.05 -7.20 13.11
CA THR B 577 37.98 -7.99 14.33
C THR B 577 37.26 -7.23 15.44
N ARG B 578 37.54 -5.94 15.53
CA ARG B 578 36.94 -5.09 16.54
C ARG B 578 35.43 -4.89 16.24
N LEU B 579 35.09 -4.62 14.98
CA LEU B 579 33.70 -4.47 14.58
C LEU B 579 32.86 -5.69 14.95
N ASN B 580 33.38 -6.88 14.71
CA ASN B 580 32.62 -8.09 15.07
C ASN B 580 32.51 -8.29 16.56
N THR B 581 33.56 -7.91 17.31
CA THR B 581 33.50 -7.96 18.77
C THR B 581 32.38 -7.04 19.26
N ILE B 582 32.29 -5.84 18.71
CA ILE B 582 31.28 -4.90 19.14
C ILE B 582 29.87 -5.45 18.85
N ARG B 583 29.68 -6.05 17.69
CA ARG B 583 28.44 -6.71 17.36
C ARG B 583 28.08 -7.80 18.39
N ARG B 584 29.06 -8.59 18.80
CA ARG B 584 28.80 -9.65 19.77
C ARG B 584 28.51 -9.13 21.18
N GLU B 585 28.92 -7.90 21.47
CA GLU B 585 28.71 -7.33 22.79
C GLU B 585 27.52 -6.35 22.82
N ASN B 586 26.84 -6.15 21.70
CA ASN B 586 25.78 -5.15 21.63
C ASN B 586 24.54 -5.68 20.90
N PRO B 587 23.56 -6.16 21.66
CA PRO B 587 22.35 -6.69 21.05
C PRO B 587 21.68 -5.75 20.03
N ALA B 588 21.86 -4.43 20.17
CA ALA B 588 21.28 -3.51 19.18
C ALA B 588 21.82 -3.70 17.76
N LEU B 589 23.05 -4.24 17.63
CA LEU B 589 23.63 -4.46 16.30
C LEU B 589 23.32 -5.84 15.74
N ARG B 590 22.61 -6.65 16.53
CA ARG B 590 22.16 -7.96 16.08
C ARG B 590 20.68 -7.96 15.65
N GLN B 591 20.16 -6.80 15.28
CA GLN B 591 18.84 -6.67 14.72
C GLN B 591 18.83 -5.59 13.65
N LEU B 592 17.73 -5.53 12.92
CA LEU B 592 17.62 -4.74 11.70
C LEU B 592 16.61 -3.60 11.79
N ARG B 593 15.46 -3.84 12.40
CA ARG B 593 14.30 -2.92 12.32
C ARG B 593 14.38 -1.58 13.09
N ASP B 594 15.02 -1.60 14.27
CA ASP B 594 15.22 -0.37 15.05
C ASP B 594 16.45 0.38 14.56
N LEU B 595 16.21 1.47 13.82
CA LEU B 595 17.26 2.24 13.20
C LEU B 595 16.75 3.65 12.96
N HIS B 596 17.49 4.65 13.44
CA HIS B 596 17.10 6.02 13.21
C HIS B 596 18.28 6.85 12.76
N PHE B 597 18.07 7.68 11.73
CA PHE B 597 19.08 8.62 11.28
C PHE B 597 18.92 10.00 11.93
N HIS B 598 20.05 10.54 12.40
CA HIS B 598 20.10 11.82 13.12
C HIS B 598 20.78 12.88 12.26
N PRO B 599 20.20 14.08 12.17
CA PRO B 599 20.74 15.10 11.24
C PRO B 599 22.12 15.65 11.61
N THR B 600 22.94 15.94 10.59
CA THR B 600 24.22 16.63 10.76
C THR B 600 24.25 17.79 9.77
N ASP B 601 25.21 18.69 9.93
CA ASP B 601 25.28 19.87 9.08
C ASP B 601 26.34 19.75 7.98
N LYS B 602 26.79 18.52 7.70
CA LYS B 602 27.75 18.27 6.61
C LYS B 602 27.28 17.10 5.77
N GLU B 603 27.29 17.29 4.45
CA GLU B 603 26.81 16.28 3.51
C GLU B 603 27.63 14.97 3.58
N GLU B 604 28.90 15.06 3.98
CA GLU B 604 29.79 13.90 4.01
C GLU B 604 29.74 13.15 5.34
N VAL B 605 29.05 13.72 6.33
CA VAL B 605 28.97 13.05 7.63
C VAL B 605 27.54 12.61 7.94
N ILE B 606 27.44 11.32 8.29
CA ILE B 606 26.16 10.64 8.53
C ILE B 606 26.13 10.03 9.93
N ALA B 607 24.96 10.05 10.54
CA ALA B 607 24.77 9.61 11.91
C ALA B 607 23.50 8.79 12.07
N TYR B 608 23.57 7.78 12.90
CA TYR B 608 22.41 6.95 13.18
C TYR B 608 22.56 6.18 14.46
N SER B 609 21.42 5.73 15.00
CA SER B 609 21.40 4.93 16.23
C SER B 609 20.54 3.69 16.07
N LYS B 610 20.80 2.68 16.89
CA LYS B 610 20.05 1.43 16.89
C LYS B 610 19.90 1.01 18.34
N ARG B 611 18.76 0.42 18.67
CA ARG B 611 18.43 0.05 20.04
C ARG B 611 17.81 -1.33 20.16
N GLN B 612 18.01 -1.93 21.32
CA GLN B 612 17.45 -3.25 21.66
C GLN B 612 17.47 -3.37 23.19
N GLY B 613 16.30 -3.14 23.80
CA GLY B 613 16.18 -3.02 25.25
C GLY B 613 17.02 -1.86 25.74
N SER B 614 17.85 -2.11 26.75
CA SER B 614 18.68 -1.07 27.32
C SER B 614 20.00 -0.87 26.59
N ASN B 615 20.18 -1.55 25.45
CA ASN B 615 21.37 -1.33 24.63
C ASN B 615 21.07 -0.31 23.54
N THR B 616 21.85 0.77 23.55
CA THR B 616 21.79 1.80 22.51
C THR B 616 23.18 2.00 21.92
N VAL B 617 23.28 1.95 20.59
CA VAL B 617 24.52 2.21 19.90
C VAL B 617 24.34 3.41 18.97
N LEU B 618 25.26 4.37 19.04
CA LEU B 618 25.22 5.57 18.21
C LEU B 618 26.49 5.60 17.32
N VAL B 619 26.32 5.73 16.00
CA VAL B 619 27.42 5.68 15.04
C VAL B 619 27.48 6.99 14.23
N VAL B 620 28.68 7.51 14.01
CA VAL B 620 28.88 8.70 13.19
C VAL B 620 29.97 8.35 12.21
N VAL B 621 29.72 8.48 10.91
CA VAL B 621 30.71 8.09 9.92
C VAL B 621 31.05 9.25 8.99
N ASN B 622 32.33 9.39 8.67
CA ASN B 622 32.79 10.33 7.66
C ASN B 622 32.92 9.59 6.34
N LEU B 623 32.06 9.90 5.37
CA LEU B 623 32.06 9.19 4.09
C LEU B 623 33.08 9.77 3.08
N ASP B 624 33.81 10.81 3.49
CA ASP B 624 34.93 11.35 2.72
C ASP B 624 36.19 10.58 3.13
N PRO B 625 36.75 9.81 2.21
CA PRO B 625 37.94 9.03 2.51
C PRO B 625 39.23 9.81 2.28
N ARG B 626 39.13 11.04 1.75
CA ARG B 626 40.30 11.84 1.34
C ARG B 626 40.52 13.06 2.23
N HIS B 627 39.44 13.68 2.71
CA HIS B 627 39.55 14.89 3.51
C HIS B 627 38.91 14.72 4.87
N THR B 628 39.56 15.32 5.86
CA THR B 628 39.04 15.48 7.21
C THR B 628 37.73 16.29 7.21
N GLN B 629 36.76 15.83 7.99
CA GLN B 629 35.46 16.48 8.08
C GLN B 629 35.10 16.79 9.52
N GLU B 630 34.72 18.03 9.78
CA GLU B 630 34.17 18.41 11.08
C GLU B 630 32.73 18.87 10.92
N ALA B 631 31.90 18.48 11.87
CA ALA B 631 30.47 18.75 11.79
C ALA B 631 29.82 18.72 13.16
N THR B 632 28.61 19.28 13.22
CA THR B 632 27.77 19.18 14.39
C THR B 632 26.69 18.14 14.13
N VAL B 633 26.60 17.19 15.06
CA VAL B 633 25.59 16.13 15.02
C VAL B 633 24.47 16.52 15.96
N SER B 634 23.27 16.72 15.43
CA SER B 634 22.12 17.12 16.25
C SER B 634 21.21 15.94 16.54
N LEU B 635 21.39 15.33 17.70
CA LEU B 635 20.62 14.12 18.05
C LEU B 635 19.16 14.42 18.37
N ASP B 636 18.28 13.67 17.69
CA ASP B 636 16.89 13.51 18.07
C ASP B 636 16.83 12.77 19.42
N MET B 637 16.86 13.53 20.51
CA MET B 637 16.94 12.97 21.88
C MET B 637 15.75 12.08 22.29
N PRO B 638 14.50 12.48 21.96
CA PRO B 638 13.37 11.59 22.24
C PRO B 638 13.49 10.19 21.64
N GLN B 639 14.10 10.09 20.47
CA GLN B 639 14.29 8.80 19.82
C GLN B 639 15.27 7.89 20.58
N LEU B 640 16.03 8.46 21.50
CA LEU B 640 16.95 7.70 22.36
C LEU B 640 16.35 7.38 23.72
N GLY B 641 15.14 7.88 23.98
CA GLY B 641 14.49 7.74 25.28
C GLY B 641 14.97 8.79 26.29
N LEU B 642 15.32 9.98 25.81
CA LEU B 642 15.87 11.04 26.67
C LEU B 642 15.24 12.40 26.37
N ASP B 643 15.23 13.30 27.36
CA ASP B 643 14.72 14.66 27.16
C ASP B 643 15.76 15.54 26.45
N TRP B 644 15.32 16.62 25.82
CA TRP B 644 16.19 17.49 24.98
C TRP B 644 17.38 18.09 25.71
N HIS B 645 17.16 18.44 26.98
CA HIS B 645 18.18 19.08 27.81
C HIS B 645 19.23 18.09 28.37
N GLU B 646 18.99 16.79 28.22
CA GLU B 646 19.85 15.80 28.87
C GLU B 646 21.21 15.66 28.18
N SER B 647 22.15 15.08 28.93
CA SER B 647 23.51 14.83 28.49
C SER B 647 23.82 13.37 28.82
N VAL B 648 24.34 12.60 27.85
CA VAL B 648 24.54 11.16 28.02
C VAL B 648 26.01 10.73 27.85
N PRO B 649 26.50 9.85 28.75
CA PRO B 649 27.86 9.35 28.63
C PRO B 649 27.97 8.18 27.65
N VAL B 650 28.89 8.32 26.70
CA VAL B 650 29.11 7.32 25.68
C VAL B 650 30.59 6.90 25.67
N ARG B 651 30.86 5.71 25.16
CA ARG B 651 32.23 5.26 24.92
C ARG B 651 32.39 4.85 23.45
N ASP B 652 33.37 5.45 22.77
CA ASP B 652 33.74 5.04 21.41
C ASP B 652 34.44 3.69 21.52
N GLU B 653 33.79 2.65 21.02
CA GLU B 653 34.30 1.29 21.19
C GLU B 653 35.44 0.96 20.24
N LEU B 654 35.69 1.84 19.26
CA LEU B 654 36.88 1.71 18.43
C LEU B 654 38.14 2.16 19.15
N THR B 655 38.03 3.07 20.14
CA THR B 655 39.21 3.65 20.80
C THR B 655 39.30 3.42 22.31
N GLY B 656 38.17 3.19 22.98
CA GLY B 656 38.10 3.15 24.45
C GLY B 656 37.91 4.53 25.07
N GLU B 657 37.85 5.56 24.22
CA GLU B 657 37.70 6.96 24.61
C GLU B 657 36.24 7.24 24.98
N THR B 658 36.03 8.09 25.98
CA THR B 658 34.72 8.41 26.54
C THR B 658 34.40 9.88 26.24
N TYR B 659 33.14 10.15 25.91
CA TYR B 659 32.65 11.52 25.71
C TYR B 659 31.33 11.72 26.44
N HIS B 660 30.95 12.98 26.60
CA HIS B 660 29.61 13.35 27.06
C HIS B 660 28.87 14.11 25.96
N TRP B 661 27.76 13.52 25.52
CA TRP B 661 27.03 13.96 24.33
C TRP B 661 25.56 14.28 24.64
N GLY B 662 25.07 15.40 24.09
CA GLY B 662 23.65 15.77 24.20
C GLY B 662 23.08 16.22 22.87
N ARG B 663 22.09 17.12 22.92
CA ARG B 663 21.37 17.59 21.71
C ARG B 663 22.28 18.00 20.54
N ALA B 664 23.46 18.54 20.80
CA ALA B 664 24.35 19.03 19.74
C ALA B 664 25.84 18.78 20.03
N ASN B 665 26.51 18.00 19.16
CA ASN B 665 27.86 17.51 19.39
C ASN B 665 28.81 17.72 18.22
N TYR B 666 29.93 18.38 18.52
CA TYR B 666 31.04 18.57 17.58
C TYR B 666 31.82 17.26 17.39
N VAL B 667 32.06 16.86 16.14
CA VAL B 667 32.91 15.72 15.81
C VAL B 667 33.95 16.14 14.78
N ARG B 668 35.11 15.49 14.81
CA ARG B 668 36.20 15.77 13.87
C ARG B 668 36.74 14.45 13.41
N LEU B 669 36.66 14.20 12.10
CA LEU B 669 36.95 12.86 11.59
C LEU B 669 37.99 12.91 10.46
N GLU B 670 39.16 12.35 10.78
CA GLU B 670 40.34 12.46 9.90
C GLU B 670 40.56 11.08 9.26
N PRO B 671 40.57 11.01 7.92
CA PRO B 671 40.73 9.68 7.31
C PRO B 671 42.12 9.09 7.54
N GLY B 672 42.17 7.78 7.78
CA GLY B 672 43.41 7.10 8.16
C GLY B 672 43.46 6.94 9.67
N ARG B 673 43.28 8.05 10.40
CA ARG B 673 43.20 8.06 11.88
C ARG B 673 41.83 7.53 12.38
N THR B 674 40.75 8.18 11.91
CA THR B 674 39.39 7.95 12.42
C THR B 674 38.35 7.84 11.26
N PRO B 675 37.91 6.62 10.95
CA PRO B 675 36.85 6.53 9.93
C PRO B 675 35.50 7.02 10.48
N ALA B 676 35.30 6.81 11.78
CA ALA B 676 34.00 6.90 12.41
C ALA B 676 34.10 6.80 13.93
N HIS B 677 33.04 7.22 14.61
CA HIS B 677 32.82 6.88 16.02
C HIS B 677 31.78 5.79 16.08
N VAL B 678 32.03 4.71 16.81
CA VAL B 678 31.01 3.68 17.04
C VAL B 678 30.77 3.59 18.55
N CYS B 679 29.80 4.33 19.05
CA CYS B 679 29.66 4.53 20.51
C CYS B 679 28.55 3.71 21.15
N THR B 680 28.77 3.25 22.38
CA THR B 680 27.71 2.67 23.20
C THR B 680 27.29 3.67 24.27
N VAL B 681 26.01 3.67 24.62
CA VAL B 681 25.50 4.49 25.71
C VAL B 681 25.74 3.77 27.04
N LEU B 682 26.36 4.45 28.02
CA LEU B 682 26.71 3.82 29.30
C LEU B 682 25.58 3.96 30.34
N ARG B 683 25.48 2.99 31.25
CA ARG B 683 24.54 3.06 32.39
C ARG B 683 24.99 4.11 33.41
C2 BGC C . -27.55 16.25 9.59
C3 BGC C . -27.83 17.38 10.61
C4 BGC C . -28.63 16.73 11.83
C5 BGC C . -27.85 15.49 12.39
C6 BGC C . -28.71 14.63 13.35
C1 BGC C . -26.65 15.22 10.32
O1 BGC C . -26.13 14.21 9.42
O2 BGC C . -26.91 16.70 8.38
O3 BGC C . -28.57 18.46 10.00
O4 BGC C . -28.76 17.67 12.94
O5 BGC C . -27.49 14.59 11.34
O6 BGC C . -29.70 13.91 12.61
C1 GLC C . -29.98 18.37 12.86
C2 GLC C . -29.81 19.72 13.55
C3 GLC C . -29.67 19.50 15.04
C4 GLC C . -30.88 18.68 15.57
C5 GLC C . -30.93 17.34 14.84
C6 GLC C . -32.01 16.42 15.31
O2 GLC C . -28.64 20.57 12.97
O3 GLC C . -29.61 20.75 15.73
O4 GLC C . -30.73 18.51 16.97
O5 GLC C . -31.11 17.59 13.42
O6 GLC C . -33.26 17.12 15.24
C2 BGC D . 28.45 -14.90 -9.93
C3 BGC D . 29.58 -14.71 -10.99
C4 BGC D . 29.44 -15.84 -12.03
C5 BGC D . 27.97 -15.92 -12.58
C6 BGC D . 27.69 -17.24 -13.35
C1 BGC D . 27.15 -14.64 -10.70
O1 BGC D . 26.02 -14.39 -9.87
O2 BGC D . 28.59 -14.00 -8.81
O3 BGC D . 30.90 -14.71 -10.40
O4 BGC D . 30.31 -15.52 -13.12
O5 BGC D . 26.96 -15.84 -11.50
O6 BGC D . 27.79 -18.35 -12.45
C1 GLC D . 31.58 -16.20 -13.06
C2 GLC D . 32.60 -15.42 -13.92
C3 GLC D . 32.21 -15.53 -15.41
C4 GLC D . 32.12 -17.03 -15.77
C5 GLC D . 31.01 -17.70 -14.86
C6 GLC D . 30.76 -19.15 -15.18
O2 GLC D . 32.76 -13.98 -13.47
O3 GLC D . 33.20 -14.88 -16.29
O4 GLC D . 31.81 -17.18 -17.15
O5 GLC D . 31.42 -17.62 -13.46
O6 GLC D . 32.01 -19.84 -14.99
#